data_1FAZ
# 
_entry.id   1FAZ 
# 
_audit_conform.dict_name       mmcif_pdbx.dic 
_audit_conform.dict_version    5.399 
_audit_conform.dict_location   http://mmcif.pdb.org/dictionaries/ascii/mmcif_pdbx.dic 
# 
loop_
_database_2.database_id 
_database_2.database_code 
_database_2.pdbx_database_accession 
_database_2.pdbx_DOI 
PDB   1FAZ         pdb_00001faz 10.2210/pdb1faz/pdb 
RCSB  RCSB011445   ?            ?                   
WWPDB D_1000011445 ?            ?                   
# 
loop_
_pdbx_audit_revision_history.ordinal 
_pdbx_audit_revision_history.data_content_type 
_pdbx_audit_revision_history.major_revision 
_pdbx_audit_revision_history.minor_revision 
_pdbx_audit_revision_history.revision_date 
1 'Structure model' 1 0 2001-07-18 
2 'Structure model' 1 1 2008-04-27 
3 'Structure model' 1 2 2011-07-13 
4 'Structure model' 1 3 2017-10-04 
5 'Structure model' 1 4 2024-11-20 
# 
_pdbx_audit_revision_details.ordinal             1 
_pdbx_audit_revision_details.revision_ordinal    1 
_pdbx_audit_revision_details.data_content_type   'Structure model' 
_pdbx_audit_revision_details.provider            repository 
_pdbx_audit_revision_details.type                'Initial release' 
_pdbx_audit_revision_details.description         ? 
_pdbx_audit_revision_details.details             ? 
# 
loop_
_pdbx_audit_revision_group.ordinal 
_pdbx_audit_revision_group.revision_ordinal 
_pdbx_audit_revision_group.data_content_type 
_pdbx_audit_revision_group.group 
1 2 'Structure model' 'Version format compliance' 
2 3 'Structure model' 'Version format compliance' 
3 4 'Structure model' 'Refinement description'    
4 5 'Structure model' 'Data collection'           
5 5 'Structure model' 'Database references'       
6 5 'Structure model' 'Structure summary'         
# 
loop_
_pdbx_audit_revision_category.ordinal 
_pdbx_audit_revision_category.revision_ordinal 
_pdbx_audit_revision_category.data_content_type 
_pdbx_audit_revision_category.category 
1 4 'Structure model' software                  
2 5 'Structure model' chem_comp_atom            
3 5 'Structure model' chem_comp_bond            
4 5 'Structure model' database_2                
5 5 'Structure model' pdbx_entry_details        
6 5 'Structure model' pdbx_modification_feature 
# 
loop_
_pdbx_audit_revision_item.ordinal 
_pdbx_audit_revision_item.revision_ordinal 
_pdbx_audit_revision_item.data_content_type 
_pdbx_audit_revision_item.item 
1 5 'Structure model' '_database_2.pdbx_DOI'                
2 5 'Structure model' '_database_2.pdbx_database_accession' 
# 
_pdbx_database_status.status_code                     REL 
_pdbx_database_status.entry_id                        1FAZ 
_pdbx_database_status.recvd_initial_deposition_date   2000-07-14 
_pdbx_database_status.deposit_site                    RCSB 
_pdbx_database_status.process_site                    RCSB 
_pdbx_database_status.SG_entry                        . 
_pdbx_database_status.pdb_format_compatible           Y 
_pdbx_database_status.status_code_mr                  ? 
_pdbx_database_status.status_code_sf                  ? 
_pdbx_database_status.status_code_cs                  ? 
_pdbx_database_status.methods_development_category    ? 
_pdbx_database_status.status_code_nmr_data            ? 
# 
loop_
_audit_author.name 
_audit_author.pdbx_ordinal 
'Matoba, Y.'   1 
'katsube, Y.'  2 
'Sugiyama, M.' 3 
# 
_citation.id                        primary 
_citation.title                     'The crystal structure of prokaryotic phospholipase A2.' 
_citation.journal_abbrev            J.Biol.Chem. 
_citation.journal_volume            277 
_citation.page_first                20059 
_citation.page_last                 20069 
_citation.year                      2002 
_citation.journal_id_ASTM           JBCHA3 
_citation.country                   US 
_citation.journal_id_ISSN           0021-9258 
_citation.journal_id_CSD            0071 
_citation.book_publisher            ? 
_citation.pdbx_database_id_PubMed   11897785 
_citation.pdbx_database_id_DOI      10.1074/jbc.M200263200 
# 
loop_
_citation_author.citation_id 
_citation_author.name 
_citation_author.ordinal 
_citation_author.identifier_ORCID 
primary 'Matoba, Y.'   1 ? 
primary 'Katsube, Y.'  2 ? 
primary 'Sugiyama, M.' 3 ? 
# 
loop_
_entity.id 
_entity.type 
_entity.src_method 
_entity.pdbx_description 
_entity.formula_weight 
_entity.pdbx_number_of_molecules 
_entity.pdbx_ec 
_entity.pdbx_mutation 
_entity.pdbx_fragment 
_entity.details 
1 polymer man 'PHOSPHOLIPASE A2' 13570.782 1   3.1.1.4 ? ? ? 
2 water   nat water              18.015    127 ?       ? ? ? 
# 
_entity_poly.entity_id                      1 
_entity_poly.type                           'polypeptide(L)' 
_entity_poly.nstd_linkage                   no 
_entity_poly.nstd_monomer                   no 
_entity_poly.pdbx_seq_one_letter_code       
;APADKPQVLASFTQTSASSQNAWLAANRNQSAWAAYEFDWSTDLCTQAPDNPFGFPFNTACARHDFGYRNYKAAGSFDAN
KSRIDSAFYEDMKRVCTGYTGEKNTACNSTAWTYYQAVKIFG
;
_entity_poly.pdbx_seq_one_letter_code_can   
;APADKPQVLASFTQTSASSQNAWLAANRNQSAWAAYEFDWSTDLCTQAPDNPFGFPFNTACARHDFGYRNYKAAGSFDAN
KSRIDSAFYEDMKRVCTGYTGEKNTACNSTAWTYYQAVKIFG
;
_entity_poly.pdbx_strand_id                 A 
_entity_poly.pdbx_target_identifier         ? 
# 
_pdbx_entity_nonpoly.entity_id   2 
_pdbx_entity_nonpoly.name        water 
_pdbx_entity_nonpoly.comp_id     HOH 
# 
loop_
_entity_poly_seq.entity_id 
_entity_poly_seq.num 
_entity_poly_seq.mon_id 
_entity_poly_seq.hetero 
1 1   ALA n 
1 2   PRO n 
1 3   ALA n 
1 4   ASP n 
1 5   LYS n 
1 6   PRO n 
1 7   GLN n 
1 8   VAL n 
1 9   LEU n 
1 10  ALA n 
1 11  SER n 
1 12  PHE n 
1 13  THR n 
1 14  GLN n 
1 15  THR n 
1 16  SER n 
1 17  ALA n 
1 18  SER n 
1 19  SER n 
1 20  GLN n 
1 21  ASN n 
1 22  ALA n 
1 23  TRP n 
1 24  LEU n 
1 25  ALA n 
1 26  ALA n 
1 27  ASN n 
1 28  ARG n 
1 29  ASN n 
1 30  GLN n 
1 31  SER n 
1 32  ALA n 
1 33  TRP n 
1 34  ALA n 
1 35  ALA n 
1 36  TYR n 
1 37  GLU n 
1 38  PHE n 
1 39  ASP n 
1 40  TRP n 
1 41  SER n 
1 42  THR n 
1 43  ASP n 
1 44  LEU n 
1 45  CYS n 
1 46  THR n 
1 47  GLN n 
1 48  ALA n 
1 49  PRO n 
1 50  ASP n 
1 51  ASN n 
1 52  PRO n 
1 53  PHE n 
1 54  GLY n 
1 55  PHE n 
1 56  PRO n 
1 57  PHE n 
1 58  ASN n 
1 59  THR n 
1 60  ALA n 
1 61  CYS n 
1 62  ALA n 
1 63  ARG n 
1 64  HIS n 
1 65  ASP n 
1 66  PHE n 
1 67  GLY n 
1 68  TYR n 
1 69  ARG n 
1 70  ASN n 
1 71  TYR n 
1 72  LYS n 
1 73  ALA n 
1 74  ALA n 
1 75  GLY n 
1 76  SER n 
1 77  PHE n 
1 78  ASP n 
1 79  ALA n 
1 80  ASN n 
1 81  LYS n 
1 82  SER n 
1 83  ARG n 
1 84  ILE n 
1 85  ASP n 
1 86  SER n 
1 87  ALA n 
1 88  PHE n 
1 89  TYR n 
1 90  GLU n 
1 91  ASP n 
1 92  MET n 
1 93  LYS n 
1 94  ARG n 
1 95  VAL n 
1 96  CYS n 
1 97  THR n 
1 98  GLY n 
1 99  TYR n 
1 100 THR n 
1 101 GLY n 
1 102 GLU n 
1 103 LYS n 
1 104 ASN n 
1 105 THR n 
1 106 ALA n 
1 107 CYS n 
1 108 ASN n 
1 109 SER n 
1 110 THR n 
1 111 ALA n 
1 112 TRP n 
1 113 THR n 
1 114 TYR n 
1 115 TYR n 
1 116 GLN n 
1 117 ALA n 
1 118 VAL n 
1 119 LYS n 
1 120 ILE n 
1 121 PHE n 
1 122 GLY n 
# 
_entity_src_gen.entity_id                          1 
_entity_src_gen.pdbx_src_id                        1 
_entity_src_gen.pdbx_alt_source_flag               sample 
_entity_src_gen.pdbx_seq_type                      ? 
_entity_src_gen.pdbx_beg_seq_num                   ? 
_entity_src_gen.pdbx_end_seq_num                   ? 
_entity_src_gen.gene_src_common_name               ? 
_entity_src_gen.gene_src_genus                     Streptomyces 
_entity_src_gen.pdbx_gene_src_gene                 ? 
_entity_src_gen.gene_src_species                   ? 
_entity_src_gen.gene_src_strain                    ? 
_entity_src_gen.gene_src_tissue                    ? 
_entity_src_gen.gene_src_tissue_fraction           ? 
_entity_src_gen.gene_src_details                   ? 
_entity_src_gen.pdbx_gene_src_fragment             ? 
_entity_src_gen.pdbx_gene_src_scientific_name      'Streptomyces violaceoruber' 
_entity_src_gen.pdbx_gene_src_ncbi_taxonomy_id     1935 
_entity_src_gen.pdbx_gene_src_variant              ? 
_entity_src_gen.pdbx_gene_src_cell_line            ? 
_entity_src_gen.pdbx_gene_src_atcc                 ? 
_entity_src_gen.pdbx_gene_src_organ                ? 
_entity_src_gen.pdbx_gene_src_organelle            ? 
_entity_src_gen.pdbx_gene_src_cell                 ? 
_entity_src_gen.pdbx_gene_src_cellular_location    ? 
_entity_src_gen.host_org_common_name               ? 
_entity_src_gen.pdbx_host_org_scientific_name      'Streptomyces lividans' 
_entity_src_gen.pdbx_host_org_ncbi_taxonomy_id     1916 
_entity_src_gen.host_org_genus                     Streptomyces 
_entity_src_gen.pdbx_host_org_gene                 ? 
_entity_src_gen.pdbx_host_org_organ                ? 
_entity_src_gen.host_org_species                   ? 
_entity_src_gen.pdbx_host_org_tissue               ? 
_entity_src_gen.pdbx_host_org_tissue_fraction      ? 
_entity_src_gen.pdbx_host_org_strain               ? 
_entity_src_gen.pdbx_host_org_variant              ? 
_entity_src_gen.pdbx_host_org_cell_line            ? 
_entity_src_gen.pdbx_host_org_atcc                 ? 
_entity_src_gen.pdbx_host_org_culture_collection   ? 
_entity_src_gen.pdbx_host_org_cell                 ? 
_entity_src_gen.pdbx_host_org_organelle            ? 
_entity_src_gen.pdbx_host_org_cellular_location    ? 
_entity_src_gen.pdbx_host_org_vector_type          PLASMID 
_entity_src_gen.pdbx_host_org_vector               ? 
_entity_src_gen.host_org_details                   ? 
_entity_src_gen.expression_system_id               ? 
_entity_src_gen.plasmid_name                       PIJ680 
_entity_src_gen.plasmid_details                    ? 
_entity_src_gen.pdbx_description                   SECRETED 
# 
loop_
_chem_comp.id 
_chem_comp.type 
_chem_comp.mon_nstd_flag 
_chem_comp.name 
_chem_comp.pdbx_synonyms 
_chem_comp.formula 
_chem_comp.formula_weight 
ALA 'L-peptide linking' y ALANINE         ? 'C3 H7 N O2'     89.093  
ARG 'L-peptide linking' y ARGININE        ? 'C6 H15 N4 O2 1' 175.209 
ASN 'L-peptide linking' y ASPARAGINE      ? 'C4 H8 N2 O3'    132.118 
ASP 'L-peptide linking' y 'ASPARTIC ACID' ? 'C4 H7 N O4'     133.103 
CYS 'L-peptide linking' y CYSTEINE        ? 'C3 H7 N O2 S'   121.158 
GLN 'L-peptide linking' y GLUTAMINE       ? 'C5 H10 N2 O3'   146.144 
GLU 'L-peptide linking' y 'GLUTAMIC ACID' ? 'C5 H9 N O4'     147.129 
GLY 'peptide linking'   y GLYCINE         ? 'C2 H5 N O2'     75.067  
HIS 'L-peptide linking' y HISTIDINE       ? 'C6 H10 N3 O2 1' 156.162 
HOH non-polymer         . WATER           ? 'H2 O'           18.015  
ILE 'L-peptide linking' y ISOLEUCINE      ? 'C6 H13 N O2'    131.173 
LEU 'L-peptide linking' y LEUCINE         ? 'C6 H13 N O2'    131.173 
LYS 'L-peptide linking' y LYSINE          ? 'C6 H15 N2 O2 1' 147.195 
MET 'L-peptide linking' y METHIONINE      ? 'C5 H11 N O2 S'  149.211 
PHE 'L-peptide linking' y PHENYLALANINE   ? 'C9 H11 N O2'    165.189 
PRO 'L-peptide linking' y PROLINE         ? 'C5 H9 N O2'     115.130 
SER 'L-peptide linking' y SERINE          ? 'C3 H7 N O3'     105.093 
THR 'L-peptide linking' y THREONINE       ? 'C4 H9 N O3'     119.119 
TRP 'L-peptide linking' y TRYPTOPHAN      ? 'C11 H12 N2 O2'  204.225 
TYR 'L-peptide linking' y TYROSINE        ? 'C9 H11 N O3'    181.189 
VAL 'L-peptide linking' y VALINE          ? 'C5 H11 N O2'    117.146 
# 
loop_
_pdbx_poly_seq_scheme.asym_id 
_pdbx_poly_seq_scheme.entity_id 
_pdbx_poly_seq_scheme.seq_id 
_pdbx_poly_seq_scheme.mon_id 
_pdbx_poly_seq_scheme.ndb_seq_num 
_pdbx_poly_seq_scheme.pdb_seq_num 
_pdbx_poly_seq_scheme.auth_seq_num 
_pdbx_poly_seq_scheme.pdb_mon_id 
_pdbx_poly_seq_scheme.auth_mon_id 
_pdbx_poly_seq_scheme.pdb_strand_id 
_pdbx_poly_seq_scheme.pdb_ins_code 
_pdbx_poly_seq_scheme.hetero 
A 1 1   ALA 1   1   1   ALA ALA A . n 
A 1 2   PRO 2   2   2   PRO PRO A . n 
A 1 3   ALA 3   3   3   ALA ALA A . n 
A 1 4   ASP 4   4   4   ASP ASP A . n 
A 1 5   LYS 5   5   5   LYS LYS A . n 
A 1 6   PRO 6   6   6   PRO PRO A . n 
A 1 7   GLN 7   7   7   GLN GLN A . n 
A 1 8   VAL 8   8   8   VAL VAL A . n 
A 1 9   LEU 9   9   9   LEU LEU A . n 
A 1 10  ALA 10  10  10  ALA ALA A . n 
A 1 11  SER 11  11  11  SER SER A . n 
A 1 12  PHE 12  12  12  PHE PHE A . n 
A 1 13  THR 13  13  13  THR THR A . n 
A 1 14  GLN 14  14  14  GLN GLN A . n 
A 1 15  THR 15  15  15  THR THR A . n 
A 1 16  SER 16  16  16  SER SER A . n 
A 1 17  ALA 17  17  17  ALA ALA A . n 
A 1 18  SER 18  18  18  SER SER A . n 
A 1 19  SER 19  19  19  SER SER A . n 
A 1 20  GLN 20  20  20  GLN GLN A . n 
A 1 21  ASN 21  21  21  ASN ASN A . n 
A 1 22  ALA 22  22  22  ALA ALA A . n 
A 1 23  TRP 23  23  23  TRP TRP A . n 
A 1 24  LEU 24  24  24  LEU LEU A . n 
A 1 25  ALA 25  25  25  ALA ALA A . n 
A 1 26  ALA 26  26  26  ALA ALA A . n 
A 1 27  ASN 27  27  27  ASN ASN A . n 
A 1 28  ARG 28  28  28  ARG ARG A . n 
A 1 29  ASN 29  29  29  ASN ASN A . n 
A 1 30  GLN 30  30  30  GLN GLN A . n 
A 1 31  SER 31  31  31  SER SER A . n 
A 1 32  ALA 32  32  32  ALA ALA A . n 
A 1 33  TRP 33  33  33  TRP TRP A . n 
A 1 34  ALA 34  34  34  ALA ALA A . n 
A 1 35  ALA 35  35  35  ALA ALA A . n 
A 1 36  TYR 36  36  36  TYR TYR A . n 
A 1 37  GLU 37  37  37  GLU GLU A . n 
A 1 38  PHE 38  38  38  PHE PHE A . n 
A 1 39  ASP 39  39  39  ASP ASP A . n 
A 1 40  TRP 40  40  40  TRP TRP A . n 
A 1 41  SER 41  41  41  SER SER A . n 
A 1 42  THR 42  42  42  THR THR A . n 
A 1 43  ASP 43  43  43  ASP ASP A . n 
A 1 44  LEU 44  44  44  LEU LEU A . n 
A 1 45  CYS 45  45  45  CYS CYS A . n 
A 1 46  THR 46  46  46  THR THR A . n 
A 1 47  GLN 47  47  47  GLN GLN A . n 
A 1 48  ALA 48  48  48  ALA ALA A . n 
A 1 49  PRO 49  49  49  PRO PRO A . n 
A 1 50  ASP 50  50  50  ASP ASP A . n 
A 1 51  ASN 51  51  51  ASN ASN A . n 
A 1 52  PRO 52  52  52  PRO PRO A . n 
A 1 53  PHE 53  53  53  PHE PHE A . n 
A 1 54  GLY 54  54  54  GLY GLY A . n 
A 1 55  PHE 55  55  55  PHE PHE A . n 
A 1 56  PRO 56  56  56  PRO PRO A . n 
A 1 57  PHE 57  57  57  PHE PHE A . n 
A 1 58  ASN 58  58  58  ASN ASN A . n 
A 1 59  THR 59  59  59  THR THR A . n 
A 1 60  ALA 60  60  60  ALA ALA A . n 
A 1 61  CYS 61  61  61  CYS CYS A . n 
A 1 62  ALA 62  62  62  ALA ALA A . n 
A 1 63  ARG 63  63  63  ARG ARG A . n 
A 1 64  HIS 64  64  64  HIS HIS A . n 
A 1 65  ASP 65  65  65  ASP ASP A . n 
A 1 66  PHE 66  66  66  PHE PHE A . n 
A 1 67  GLY 67  67  67  GLY GLY A . n 
A 1 68  TYR 68  68  68  TYR TYR A . n 
A 1 69  ARG 69  69  69  ARG ARG A . n 
A 1 70  ASN 70  70  70  ASN ASN A . n 
A 1 71  TYR 71  71  71  TYR TYR A . n 
A 1 72  LYS 72  72  72  LYS LYS A . n 
A 1 73  ALA 73  73  73  ALA ALA A . n 
A 1 74  ALA 74  74  74  ALA ALA A . n 
A 1 75  GLY 75  75  75  GLY GLY A . n 
A 1 76  SER 76  76  76  SER SER A . n 
A 1 77  PHE 77  77  77  PHE PHE A . n 
A 1 78  ASP 78  78  78  ASP ASP A . n 
A 1 79  ALA 79  79  79  ALA ALA A . n 
A 1 80  ASN 80  80  80  ASN ASN A . n 
A 1 81  LYS 81  81  81  LYS LYS A . n 
A 1 82  SER 82  82  82  SER SER A . n 
A 1 83  ARG 83  83  83  ARG ARG A . n 
A 1 84  ILE 84  84  84  ILE ILE A . n 
A 1 85  ASP 85  85  85  ASP ASP A . n 
A 1 86  SER 86  86  86  SER SER A . n 
A 1 87  ALA 87  87  87  ALA ALA A . n 
A 1 88  PHE 88  88  88  PHE PHE A . n 
A 1 89  TYR 89  89  89  TYR TYR A . n 
A 1 90  GLU 90  90  90  GLU GLU A . n 
A 1 91  ASP 91  91  91  ASP ASP A . n 
A 1 92  MET 92  92  92  MET MET A . n 
A 1 93  LYS 93  93  93  LYS LYS A . n 
A 1 94  ARG 94  94  94  ARG ARG A . n 
A 1 95  VAL 95  95  95  VAL VAL A . n 
A 1 96  CYS 96  96  96  CYS CYS A . n 
A 1 97  THR 97  97  97  THR THR A . n 
A 1 98  GLY 98  98  98  GLY GLY A . n 
A 1 99  TYR 99  99  99  TYR TYR A . n 
A 1 100 THR 100 100 100 THR THR A . n 
A 1 101 GLY 101 101 101 GLY GLY A . n 
A 1 102 GLU 102 102 102 GLU GLU A . n 
A 1 103 LYS 103 103 103 LYS LYS A . n 
A 1 104 ASN 104 104 104 ASN ASN A . n 
A 1 105 THR 105 105 105 THR THR A . n 
A 1 106 ALA 106 106 106 ALA ALA A . n 
A 1 107 CYS 107 107 107 CYS CYS A . n 
A 1 108 ASN 108 108 108 ASN ASN A . n 
A 1 109 SER 109 109 109 SER SER A . n 
A 1 110 THR 110 110 110 THR THR A . n 
A 1 111 ALA 111 111 111 ALA ALA A . n 
A 1 112 TRP 112 112 112 TRP TRP A . n 
A 1 113 THR 113 113 113 THR THR A . n 
A 1 114 TYR 114 114 114 TYR TYR A . n 
A 1 115 TYR 115 115 115 TYR TYR A . n 
A 1 116 GLN 116 116 116 GLN GLN A . n 
A 1 117 ALA 117 117 117 ALA ALA A . n 
A 1 118 VAL 118 118 118 VAL VAL A . n 
A 1 119 LYS 119 119 119 LYS LYS A . n 
A 1 120 ILE 120 120 120 ILE ILE A . n 
A 1 121 PHE 121 121 121 PHE PHE A . n 
A 1 122 GLY 122 122 122 GLY GLY A . n 
# 
loop_
_pdbx_nonpoly_scheme.asym_id 
_pdbx_nonpoly_scheme.entity_id 
_pdbx_nonpoly_scheme.mon_id 
_pdbx_nonpoly_scheme.ndb_seq_num 
_pdbx_nonpoly_scheme.pdb_seq_num 
_pdbx_nonpoly_scheme.auth_seq_num 
_pdbx_nonpoly_scheme.pdb_mon_id 
_pdbx_nonpoly_scheme.auth_mon_id 
_pdbx_nonpoly_scheme.pdb_strand_id 
_pdbx_nonpoly_scheme.pdb_ins_code 
B 2 HOH 1   201 201 HOH WAT A . 
B 2 HOH 2   202 202 HOH WAT A . 
B 2 HOH 3   203 203 HOH WAT A . 
B 2 HOH 4   204 204 HOH WAT A . 
B 2 HOH 5   205 205 HOH WAT A . 
B 2 HOH 6   206 206 HOH WAT A . 
B 2 HOH 7   207 207 HOH WAT A . 
B 2 HOH 8   208 208 HOH WAT A . 
B 2 HOH 9   209 209 HOH WAT A . 
B 2 HOH 10  210 210 HOH WAT A . 
B 2 HOH 11  211 211 HOH WAT A . 
B 2 HOH 12  212 212 HOH WAT A . 
B 2 HOH 13  213 213 HOH WAT A . 
B 2 HOH 14  214 214 HOH WAT A . 
B 2 HOH 15  215 215 HOH WAT A . 
B 2 HOH 16  216 216 HOH WAT A . 
B 2 HOH 17  217 217 HOH WAT A . 
B 2 HOH 18  218 218 HOH WAT A . 
B 2 HOH 19  219 219 HOH WAT A . 
B 2 HOH 20  220 220 HOH WAT A . 
B 2 HOH 21  221 221 HOH WAT A . 
B 2 HOH 22  222 222 HOH WAT A . 
B 2 HOH 23  223 223 HOH WAT A . 
B 2 HOH 24  224 224 HOH WAT A . 
B 2 HOH 25  225 225 HOH WAT A . 
B 2 HOH 26  226 226 HOH WAT A . 
B 2 HOH 27  227 227 HOH WAT A . 
B 2 HOH 28  228 228 HOH WAT A . 
B 2 HOH 29  229 229 HOH WAT A . 
B 2 HOH 30  230 230 HOH WAT A . 
B 2 HOH 31  231 231 HOH WAT A . 
B 2 HOH 32  232 232 HOH WAT A . 
B 2 HOH 33  233 233 HOH WAT A . 
B 2 HOH 34  234 234 HOH WAT A . 
B 2 HOH 35  235 235 HOH WAT A . 
B 2 HOH 36  236 236 HOH WAT A . 
B 2 HOH 37  237 237 HOH WAT A . 
B 2 HOH 38  238 238 HOH WAT A . 
B 2 HOH 39  239 239 HOH WAT A . 
B 2 HOH 40  240 240 HOH WAT A . 
B 2 HOH 41  241 241 HOH WAT A . 
B 2 HOH 42  242 242 HOH WAT A . 
B 2 HOH 43  243 243 HOH WAT A . 
B 2 HOH 44  244 244 HOH WAT A . 
B 2 HOH 45  245 245 HOH WAT A . 
B 2 HOH 46  246 246 HOH WAT A . 
B 2 HOH 47  247 247 HOH WAT A . 
B 2 HOH 48  248 248 HOH WAT A . 
B 2 HOH 49  249 249 HOH WAT A . 
B 2 HOH 50  250 250 HOH WAT A . 
B 2 HOH 51  251 251 HOH WAT A . 
B 2 HOH 52  252 252 HOH WAT A . 
B 2 HOH 53  253 253 HOH WAT A . 
B 2 HOH 54  254 254 HOH WAT A . 
B 2 HOH 55  255 255 HOH WAT A . 
B 2 HOH 56  256 256 HOH WAT A . 
B 2 HOH 57  257 257 HOH WAT A . 
B 2 HOH 58  258 258 HOH WAT A . 
B 2 HOH 59  259 259 HOH WAT A . 
B 2 HOH 60  260 260 HOH WAT A . 
B 2 HOH 61  261 261 HOH WAT A . 
B 2 HOH 62  262 262 HOH WAT A . 
B 2 HOH 63  263 263 HOH WAT A . 
B 2 HOH 64  264 264 HOH WAT A . 
B 2 HOH 65  265 265 HOH WAT A . 
B 2 HOH 66  266 266 HOH WAT A . 
B 2 HOH 67  267 267 HOH WAT A . 
B 2 HOH 68  268 268 HOH WAT A . 
B 2 HOH 69  269 269 HOH WAT A . 
B 2 HOH 70  270 270 HOH WAT A . 
B 2 HOH 71  271 271 HOH WAT A . 
B 2 HOH 72  272 272 HOH WAT A . 
B 2 HOH 73  273 273 HOH WAT A . 
B 2 HOH 74  274 274 HOH WAT A . 
B 2 HOH 75  275 275 HOH WAT A . 
B 2 HOH 76  276 276 HOH WAT A . 
B 2 HOH 77  277 277 HOH WAT A . 
B 2 HOH 78  278 278 HOH WAT A . 
B 2 HOH 79  279 279 HOH WAT A . 
B 2 HOH 80  280 280 HOH WAT A . 
B 2 HOH 81  281 281 HOH WAT A . 
B 2 HOH 82  282 282 HOH WAT A . 
B 2 HOH 83  283 283 HOH WAT A . 
B 2 HOH 84  284 284 HOH WAT A . 
B 2 HOH 85  285 285 HOH WAT A . 
B 2 HOH 86  286 286 HOH WAT A . 
B 2 HOH 87  287 287 HOH WAT A . 
B 2 HOH 88  288 288 HOH WAT A . 
B 2 HOH 89  289 289 HOH WAT A . 
B 2 HOH 90  290 290 HOH WAT A . 
B 2 HOH 91  291 291 HOH WAT A . 
B 2 HOH 92  292 292 HOH WAT A . 
B 2 HOH 93  293 293 HOH WAT A . 
B 2 HOH 94  294 294 HOH WAT A . 
B 2 HOH 95  295 295 HOH WAT A . 
B 2 HOH 96  296 296 HOH WAT A . 
B 2 HOH 97  297 297 HOH WAT A . 
B 2 HOH 98  298 298 HOH WAT A . 
B 2 HOH 99  299 299 HOH WAT A . 
B 2 HOH 100 300 300 HOH WAT A . 
B 2 HOH 101 301 301 HOH WAT A . 
B 2 HOH 102 302 302 HOH WAT A . 
B 2 HOH 103 303 303 HOH WAT A . 
B 2 HOH 104 304 304 HOH WAT A . 
B 2 HOH 105 305 305 HOH WAT A . 
B 2 HOH 106 306 306 HOH WAT A . 
B 2 HOH 107 307 307 HOH WAT A . 
B 2 HOH 108 308 308 HOH WAT A . 
B 2 HOH 109 309 309 HOH WAT A . 
B 2 HOH 110 310 310 HOH WAT A . 
B 2 HOH 111 311 311 HOH WAT A . 
B 2 HOH 112 312 312 HOH WAT A . 
B 2 HOH 113 313 313 HOH WAT A . 
B 2 HOH 114 314 314 HOH WAT A . 
B 2 HOH 115 315 315 HOH WAT A . 
B 2 HOH 116 316 316 HOH WAT A . 
B 2 HOH 117 317 317 HOH WAT A . 
B 2 HOH 118 318 318 HOH WAT A . 
B 2 HOH 119 319 319 HOH WAT A . 
B 2 HOH 120 320 320 HOH WAT A . 
B 2 HOH 121 321 321 HOH WAT A . 
B 2 HOH 122 322 322 HOH WAT A . 
B 2 HOH 123 323 323 HOH WAT A . 
B 2 HOH 124 324 324 HOH WAT A . 
B 2 HOH 125 325 325 HOH WAT A . 
B 2 HOH 126 326 326 HOH WAT A . 
B 2 HOH 127 327 327 HOH WAT A . 
# 
loop_
_software.name 
_software.classification 
_software.version 
_software.citation_id 
_software.pdbx_ordinal 
PHASES phasing    .     ? 1 
X-PLOR refinement 3.851 ? 2 
# 
_cell.entry_id           1FAZ 
_cell.length_a           29.410 
_cell.length_b           57.750 
_cell.length_c           31.710 
_cell.angle_alpha        90.00 
_cell.angle_beta         111.48 
_cell.angle_gamma        90.00 
_cell.Z_PDB              2 
_cell.pdbx_unique_axis   ? 
# 
_symmetry.entry_id                         1FAZ 
_symmetry.space_group_name_H-M             'P 1 21 1' 
_symmetry.pdbx_full_space_group_name_H-M   ? 
_symmetry.cell_setting                     ? 
_symmetry.Int_Tables_number                4 
# 
_exptl.entry_id          1FAZ 
_exptl.method            'X-RAY DIFFRACTION' 
_exptl.crystals_number   1 
# 
_exptl_crystal.id                    1 
_exptl_crystal.density_meas          ? 
_exptl_crystal.density_percent_sol   33.36 
_exptl_crystal.density_Matthews      1.85 
_exptl_crystal.description           ? 
# 
_exptl_crystal_grow.crystal_id      1 
_exptl_crystal_grow.method          'VAPOR DIFFUSION, HANGING DROP' 
_exptl_crystal_grow.pH              6 
_exptl_crystal_grow.temp            298 
_exptl_crystal_grow.temp_details    ? 
_exptl_crystal_grow.pdbx_details    
'PEG 4000, lithium sulfate, sodium cacodylate, pH 6, VAPOR DIFFUSION, HANGING DROP, temperature 298K' 
_exptl_crystal_grow.pdbx_pH_range   ? 
# 
_diffrn.id                     1 
_diffrn.ambient_temp           298 
_diffrn.ambient_temp_details   ? 
_diffrn.crystal_id             1 
# 
_diffrn_detector.diffrn_id              1 
_diffrn_detector.detector               'IMAGE PLATE' 
_diffrn_detector.type                   'RIGAKU RAXIS IIC' 
_diffrn_detector.pdbx_collection_date   ? 
_diffrn_detector.details                ? 
# 
_diffrn_radiation.diffrn_id                        1 
_diffrn_radiation.wavelength_id                    1 
_diffrn_radiation.monochromator                    ? 
_diffrn_radiation.pdbx_monochromatic_or_laue_m_l   M 
_diffrn_radiation.pdbx_diffrn_protocol             'SINGLE WAVELENGTH' 
_diffrn_radiation.pdbx_scattering_type             x-ray 
# 
_diffrn_radiation_wavelength.id           1 
_diffrn_radiation_wavelength.wavelength   1.5418 
_diffrn_radiation_wavelength.wt           1.0 
# 
_diffrn_source.diffrn_id                   1 
_diffrn_source.source                      'ROTATING ANODE' 
_diffrn_source.type                        'RIGAKU RU200' 
_diffrn_source.pdbx_wavelength             1.5418 
_diffrn_source.pdbx_synchrotron_site       ? 
_diffrn_source.pdbx_synchrotron_beamline   ? 
_diffrn_source.pdbx_wavelength_list        ? 
# 
_reflns.entry_id                     1FAZ 
_reflns.observed_criterion_sigma_I   1 
_reflns.observed_criterion_sigma_F   2 
_reflns.d_resolution_low             100 
_reflns.d_resolution_high            1.4 
_reflns.number_obs                   15558 
_reflns.number_all                   16049 
_reflns.percent_possible_obs         77.5 
_reflns.pdbx_Rmerge_I_obs            0.074 
_reflns.pdbx_Rsym_value              ? 
_reflns.pdbx_netI_over_sigmaI        34.2 
_reflns.B_iso_Wilson_estimate        11.7 
_reflns.pdbx_redundancy              1.41 
_reflns.R_free_details               ? 
_reflns.limit_h_max                  ? 
_reflns.limit_h_min                  ? 
_reflns.limit_k_max                  ? 
_reflns.limit_k_min                  ? 
_reflns.limit_l_max                  ? 
_reflns.limit_l_min                  ? 
_reflns.observed_criterion_F_max     ? 
_reflns.observed_criterion_F_min     ? 
_reflns.pdbx_diffrn_id               1 
_reflns.pdbx_ordinal                 1 
# 
_reflns_shell.d_res_high             1.40 
_reflns_shell.d_res_low              1.45 
_reflns_shell.percent_possible_obs   ? 
_reflns_shell.percent_possible_all   61.1 
_reflns_shell.Rmerge_I_obs           0.276 
_reflns_shell.meanI_over_sigI_obs    ? 
_reflns_shell.pdbx_Rsym_value        ? 
_reflns_shell.pdbx_redundancy        1.4 
_reflns_shell.number_unique_all      1174 
_reflns_shell.pdbx_diffrn_id         ? 
_reflns_shell.pdbx_ordinal           1 
# 
_refine.entry_id                                 1FAZ 
_refine.ls_number_reflns_obs                     15483 
_refine.ls_number_reflns_all                     15558 
_refine.pdbx_ls_sigma_I                          1 
_refine.pdbx_ls_sigma_F                          2.0 
_refine.pdbx_data_cutoff_high_absF               10000000.00 
_refine.pdbx_data_cutoff_low_absF                0.00 
_refine.ls_d_res_low                             10.00 
_refine.ls_d_res_high                            1.40 
_refine.ls_percent_reflns_obs                    79.8 
_refine.ls_R_factor_obs                          0.188 
_refine.ls_R_factor_all                          ? 
_refine.ls_R_factor_R_work                       0.188 
_refine.ls_R_factor_R_free                       0.231 
_refine.ls_R_factor_R_free_error                 0.006 
_refine.ls_R_factor_R_free_error_details         ? 
_refine.ls_percent_reflns_R_free                 9.8 
_refine.ls_number_reflns_R_free                  1520 
_refine.ls_number_parameters                     ? 
_refine.ls_number_restraints                     ? 
_refine.occupancy_min                            ? 
_refine.occupancy_max                            ? 
_refine.B_iso_mean                               13.1 
_refine.aniso_B[1][1]                            0.00 
_refine.aniso_B[2][2]                            0.00 
_refine.aniso_B[3][3]                            0.00 
_refine.aniso_B[1][2]                            0.00 
_refine.aniso_B[1][3]                            0.00 
_refine.aniso_B[2][3]                            0.00 
_refine.solvent_model_details                    ? 
_refine.solvent_model_param_ksol                 ? 
_refine.solvent_model_param_bsol                 ? 
_refine.pdbx_ls_cross_valid_method               THROUGHOUT 
_refine.details                                  ? 
_refine.pdbx_starting_model                      ? 
_refine.pdbx_method_to_determine_struct          ? 
_refine.pdbx_isotropic_thermal_model             RESTRAINED 
_refine.pdbx_stereochemistry_target_values       'Engh & Huber' 
_refine.pdbx_stereochem_target_val_spec_case     ? 
_refine.pdbx_R_Free_selection_details            RANDOM 
_refine.pdbx_overall_ESU_R_Free                  ? 
_refine.overall_SU_B                             ? 
_refine.ls_redundancy_reflns_obs                 ? 
_refine.B_iso_min                                ? 
_refine.B_iso_max                                ? 
_refine.overall_SU_ML                            ? 
_refine.pdbx_overall_ESU_R                       ? 
_refine.pdbx_data_cutoff_high_rms_absF           ? 
_refine.correlation_coeff_Fo_to_Fc               ? 
_refine.overall_SU_R_Cruickshank_DPI             ? 
_refine.overall_SU_R_free                        ? 
_refine.correlation_coeff_Fo_to_Fc_free          ? 
_refine.pdbx_solvent_vdw_probe_radii             ? 
_refine.pdbx_solvent_ion_probe_radii             ? 
_refine.pdbx_solvent_shrinkage_radii             ? 
_refine.pdbx_refine_id                           'X-RAY DIFFRACTION' 
_refine.pdbx_diffrn_id                           1 
_refine.pdbx_TLS_residual_ADP_flag               ? 
_refine.pdbx_overall_phase_error                 ? 
_refine.pdbx_overall_SU_R_free_Cruickshank_DPI   ? 
_refine.pdbx_overall_SU_R_Blow_DPI               ? 
_refine.pdbx_overall_SU_R_free_Blow_DPI          ? 
# 
_refine_analyze.entry_id                        1FAZ 
_refine_analyze.Luzzati_coordinate_error_obs    0.15 
_refine_analyze.Luzzati_sigma_a_obs             0.13 
_refine_analyze.Luzzati_d_res_low_obs           5.00 
_refine_analyze.Luzzati_coordinate_error_free   0.18 
_refine_analyze.Luzzati_sigma_a_free            0.10 
_refine_analyze.Luzzati_d_res_low_free          ? 
_refine_analyze.number_disordered_residues      ? 
_refine_analyze.occupancy_sum_hydrogen          ? 
_refine_analyze.occupancy_sum_non_hydrogen      ? 
_refine_analyze.pdbx_Luzzati_d_res_high_obs     ? 
_refine_analyze.pdbx_refine_id                  'X-RAY DIFFRACTION' 
# 
_refine_hist.pdbx_refine_id                   'X-RAY DIFFRACTION' 
_refine_hist.cycle_id                         LAST 
_refine_hist.pdbx_number_atoms_protein        958 
_refine_hist.pdbx_number_atoms_nucleic_acid   0 
_refine_hist.pdbx_number_atoms_ligand         0 
_refine_hist.number_atoms_solvent             127 
_refine_hist.number_atoms_total               1085 
_refine_hist.d_res_high                       1.40 
_refine_hist.d_res_low                        10.00 
# 
loop_
_refine_ls_restr.type 
_refine_ls_restr.dev_ideal 
_refine_ls_restr.dev_ideal_target 
_refine_ls_restr.weight 
_refine_ls_restr.number 
_refine_ls_restr.pdbx_refine_id 
_refine_ls_restr.pdbx_restraint_function 
x_bond_d           0.008 ?    ? ? 'X-RAY DIFFRACTION' ? 
x_angle_deg        1.2   ?    ? ? 'X-RAY DIFFRACTION' ? 
x_dihedral_angle_d 21.6  ?    ? ? 'X-RAY DIFFRACTION' ? 
x_improper_angle_d 0.71  ?    ? ? 'X-RAY DIFFRACTION' ? 
x_mcbond_it        0.94  1.50 ? ? 'X-RAY DIFFRACTION' ? 
x_mcangle_it       1.31  2.00 ? ? 'X-RAY DIFFRACTION' ? 
x_scbond_it        2.04  2.00 ? ? 'X-RAY DIFFRACTION' ? 
x_scangle_it       3.13  2.50 ? ? 'X-RAY DIFFRACTION' ? 
# 
_refine_ls_shell.pdbx_total_number_of_bins_used   6 
_refine_ls_shell.d_res_high                       1.40 
_refine_ls_shell.d_res_low                        1.49 
_refine_ls_shell.number_reflns_R_work             1711 
_refine_ls_shell.R_factor_R_work                  0.239 
_refine_ls_shell.percent_reflns_obs               59.1 
_refine_ls_shell.R_factor_R_free                  0.244 
_refine_ls_shell.R_factor_R_free_error            0.018 
_refine_ls_shell.percent_reflns_R_free            9.8 
_refine_ls_shell.number_reflns_R_free             186 
_refine_ls_shell.redundancy_reflns_obs            ? 
_refine_ls_shell.number_reflns_all                ? 
_refine_ls_shell.number_reflns_obs                ? 
_refine_ls_shell.pdbx_refine_id                   'X-RAY DIFFRACTION' 
_refine_ls_shell.R_factor_all                     ? 
# 
loop_
_pdbx_xplor_file.serial_no 
_pdbx_xplor_file.param_file 
_pdbx_xplor_file.topol_file 
_pdbx_xplor_file.pdbx_refine_id 
1 PROTEIN_REP.PARAM TOPHCSDX.PRO 'X-RAY DIFFRACTION' 
2 ?                 TOPH19.SOL   'X-RAY DIFFRACTION' 
# 
_struct.entry_id                  1FAZ 
_struct.title                     'THE CRYSTAL STRUCTURE OF PROKARYOTIC PHOSPHOLIPASE A2' 
_struct.pdbx_model_details        ? 
_struct.pdbx_CASP_flag            ? 
_struct.pdbx_model_type_details   ? 
# 
_struct_keywords.entry_id        1FAZ 
_struct_keywords.pdbx_keywords   HYDROLASE 
_struct_keywords.text            'phospholipase A2, prokaryote, Streptomyces violaceoruber, HYDROLASE' 
# 
loop_
_struct_asym.id 
_struct_asym.pdbx_blank_PDB_chainid_flag 
_struct_asym.pdbx_modified 
_struct_asym.entity_id 
_struct_asym.details 
A N N 1 ? 
B N N 2 ? 
# 
_struct_ref.id                         1 
_struct_ref.db_name                    UNP 
_struct_ref.db_code                    Q9Z4W2_STRCO 
_struct_ref.pdbx_db_accession          Q9Z4W2 
_struct_ref.entity_id                  1 
_struct_ref.pdbx_align_begin           30 
_struct_ref.pdbx_db_isoform            ? 
_struct_ref.pdbx_seq_one_letter_code   ? 
# 
_struct_ref_seq.align_id                      1 
_struct_ref_seq.ref_id                        1 
_struct_ref_seq.pdbx_PDB_id_code              1FAZ 
_struct_ref_seq.pdbx_strand_id                A 
_struct_ref_seq.seq_align_beg                 1 
_struct_ref_seq.pdbx_seq_align_beg_ins_code   ? 
_struct_ref_seq.seq_align_end                 122 
_struct_ref_seq.pdbx_seq_align_end_ins_code   ? 
_struct_ref_seq.pdbx_db_accession             Q9Z4W2 
_struct_ref_seq.db_align_beg                  30 
_struct_ref_seq.pdbx_db_align_beg_ins_code    ? 
_struct_ref_seq.db_align_end                  151 
_struct_ref_seq.pdbx_db_align_end_ins_code    ? 
_struct_ref_seq.pdbx_auth_seq_align_beg       1 
_struct_ref_seq.pdbx_auth_seq_align_end       122 
# 
_pdbx_struct_assembly.id                   1 
_pdbx_struct_assembly.details              author_defined_assembly 
_pdbx_struct_assembly.method_details       ? 
_pdbx_struct_assembly.oligomeric_details   monomeric 
_pdbx_struct_assembly.oligomeric_count     1 
# 
_pdbx_struct_assembly_gen.assembly_id       1 
_pdbx_struct_assembly_gen.oper_expression   1 
_pdbx_struct_assembly_gen.asym_id_list      A,B 
# 
_pdbx_struct_oper_list.id                   1 
_pdbx_struct_oper_list.type                 'identity operation' 
_pdbx_struct_oper_list.name                 1_555 
_pdbx_struct_oper_list.symmetry_operation   x,y,z 
_pdbx_struct_oper_list.matrix[1][1]         1.0000000000 
_pdbx_struct_oper_list.matrix[1][2]         0.0000000000 
_pdbx_struct_oper_list.matrix[1][3]         0.0000000000 
_pdbx_struct_oper_list.vector[1]            0.0000000000 
_pdbx_struct_oper_list.matrix[2][1]         0.0000000000 
_pdbx_struct_oper_list.matrix[2][2]         1.0000000000 
_pdbx_struct_oper_list.matrix[2][3]         0.0000000000 
_pdbx_struct_oper_list.vector[2]            0.0000000000 
_pdbx_struct_oper_list.matrix[3][1]         0.0000000000 
_pdbx_struct_oper_list.matrix[3][2]         0.0000000000 
_pdbx_struct_oper_list.matrix[3][3]         1.0000000000 
_pdbx_struct_oper_list.vector[3]            0.0000000000 
# 
loop_
_struct_conf.conf_type_id 
_struct_conf.id 
_struct_conf.pdbx_PDB_helix_id 
_struct_conf.beg_label_comp_id 
_struct_conf.beg_label_asym_id 
_struct_conf.beg_label_seq_id 
_struct_conf.pdbx_beg_PDB_ins_code 
_struct_conf.end_label_comp_id 
_struct_conf.end_label_asym_id 
_struct_conf.end_label_seq_id 
_struct_conf.pdbx_end_PDB_ins_code 
_struct_conf.beg_auth_comp_id 
_struct_conf.beg_auth_asym_id 
_struct_conf.beg_auth_seq_id 
_struct_conf.end_auth_comp_id 
_struct_conf.end_auth_asym_id 
_struct_conf.end_auth_seq_id 
_struct_conf.pdbx_PDB_helix_class 
_struct_conf.details 
_struct_conf.pdbx_PDB_helix_length 
HELX_P HELX_P1 1 LYS A 5   ? SER A 11  ? LYS A 5   SER A 11  1 ? 7  
HELX_P HELX_P2 2 ALA A 17  ? ARG A 28  ? ALA A 17  ARG A 28  1 ? 12 
HELX_P HELX_P3 3 ASN A 58  ? ALA A 73  ? ASN A 58  ALA A 73  1 ? 16 
HELX_P HELX_P4 4 LYS A 81  ? CYS A 96  ? LYS A 81  CYS A 96  1 ? 16 
HELX_P HELX_P5 5 GLY A 101 ? LYS A 119 ? GLY A 101 LYS A 119 1 ? 19 
# 
_struct_conf_type.id          HELX_P 
_struct_conf_type.criteria    ? 
_struct_conf_type.reference   ? 
# 
loop_
_struct_conn.id 
_struct_conn.conn_type_id 
_struct_conn.pdbx_leaving_atom_flag 
_struct_conn.pdbx_PDB_id 
_struct_conn.ptnr1_label_asym_id 
_struct_conn.ptnr1_label_comp_id 
_struct_conn.ptnr1_label_seq_id 
_struct_conn.ptnr1_label_atom_id 
_struct_conn.pdbx_ptnr1_label_alt_id 
_struct_conn.pdbx_ptnr1_PDB_ins_code 
_struct_conn.pdbx_ptnr1_standard_comp_id 
_struct_conn.ptnr1_symmetry 
_struct_conn.ptnr2_label_asym_id 
_struct_conn.ptnr2_label_comp_id 
_struct_conn.ptnr2_label_seq_id 
_struct_conn.ptnr2_label_atom_id 
_struct_conn.pdbx_ptnr2_label_alt_id 
_struct_conn.pdbx_ptnr2_PDB_ins_code 
_struct_conn.ptnr1_auth_asym_id 
_struct_conn.ptnr1_auth_comp_id 
_struct_conn.ptnr1_auth_seq_id 
_struct_conn.ptnr2_auth_asym_id 
_struct_conn.ptnr2_auth_comp_id 
_struct_conn.ptnr2_auth_seq_id 
_struct_conn.ptnr2_symmetry 
_struct_conn.pdbx_ptnr3_label_atom_id 
_struct_conn.pdbx_ptnr3_label_seq_id 
_struct_conn.pdbx_ptnr3_label_comp_id 
_struct_conn.pdbx_ptnr3_label_asym_id 
_struct_conn.pdbx_ptnr3_label_alt_id 
_struct_conn.pdbx_ptnr3_PDB_ins_code 
_struct_conn.details 
_struct_conn.pdbx_dist_value 
_struct_conn.pdbx_value_order 
_struct_conn.pdbx_role 
disulf1 disulf ? ? A CYS 45 SG ? ? ? 1_555 A CYS 61  SG ? ? A CYS 45 A CYS 61  1_555 ? ? ? ? ? ? ? 2.030 ? ? 
disulf2 disulf ? ? A CYS 96 SG ? ? ? 1_555 A CYS 107 SG ? ? A CYS 96 A CYS 107 1_555 ? ? ? ? ? ? ? 2.034 ? ? 
# 
_struct_conn_type.id          disulf 
_struct_conn_type.criteria    ? 
_struct_conn_type.reference   ? 
# 
loop_
_pdbx_modification_feature.ordinal 
_pdbx_modification_feature.label_comp_id 
_pdbx_modification_feature.label_asym_id 
_pdbx_modification_feature.label_seq_id 
_pdbx_modification_feature.label_alt_id 
_pdbx_modification_feature.modified_residue_label_comp_id 
_pdbx_modification_feature.modified_residue_label_asym_id 
_pdbx_modification_feature.modified_residue_label_seq_id 
_pdbx_modification_feature.modified_residue_label_alt_id 
_pdbx_modification_feature.auth_comp_id 
_pdbx_modification_feature.auth_asym_id 
_pdbx_modification_feature.auth_seq_id 
_pdbx_modification_feature.PDB_ins_code 
_pdbx_modification_feature.symmetry 
_pdbx_modification_feature.modified_residue_auth_comp_id 
_pdbx_modification_feature.modified_residue_auth_asym_id 
_pdbx_modification_feature.modified_residue_auth_seq_id 
_pdbx_modification_feature.modified_residue_PDB_ins_code 
_pdbx_modification_feature.modified_residue_symmetry 
_pdbx_modification_feature.comp_id_linking_atom 
_pdbx_modification_feature.modified_residue_id_linking_atom 
_pdbx_modification_feature.modified_residue_id 
_pdbx_modification_feature.ref_pcm_id 
_pdbx_modification_feature.ref_comp_id 
_pdbx_modification_feature.type 
_pdbx_modification_feature.category 
1 CYS A 45 ? CYS A 61  ? CYS A 45 ? 1_555 CYS A 61  ? 1_555 SG SG . . . None 'Disulfide bridge' 
2 CYS A 96 ? CYS A 107 ? CYS A 96 ? 1_555 CYS A 107 ? 1_555 SG SG . . . None 'Disulfide bridge' 
# 
_pdbx_entry_details.entry_id                   1FAZ 
_pdbx_entry_details.compound_details           ? 
_pdbx_entry_details.source_details             ? 
_pdbx_entry_details.nonpolymer_details         ? 
_pdbx_entry_details.sequence_details           ? 
_pdbx_entry_details.has_ligand_of_interest     ? 
_pdbx_entry_details.has_protein_modification   Y 
# 
_pdbx_validate_torsion.id              1 
_pdbx_validate_torsion.PDB_model_num   1 
_pdbx_validate_torsion.auth_comp_id    LEU 
_pdbx_validate_torsion.auth_asym_id    A 
_pdbx_validate_torsion.auth_seq_id     44 
_pdbx_validate_torsion.PDB_ins_code    ? 
_pdbx_validate_torsion.label_alt_id    ? 
_pdbx_validate_torsion.phi             56.76 
_pdbx_validate_torsion.psi             -136.33 
# 
loop_
_chem_comp_atom.comp_id 
_chem_comp_atom.atom_id 
_chem_comp_atom.type_symbol 
_chem_comp_atom.pdbx_aromatic_flag 
_chem_comp_atom.pdbx_stereo_config 
_chem_comp_atom.pdbx_ordinal 
ALA N    N N N 1   
ALA CA   C N S 2   
ALA C    C N N 3   
ALA O    O N N 4   
ALA CB   C N N 5   
ALA OXT  O N N 6   
ALA H    H N N 7   
ALA H2   H N N 8   
ALA HA   H N N 9   
ALA HB1  H N N 10  
ALA HB2  H N N 11  
ALA HB3  H N N 12  
ALA HXT  H N N 13  
ARG N    N N N 14  
ARG CA   C N S 15  
ARG C    C N N 16  
ARG O    O N N 17  
ARG CB   C N N 18  
ARG CG   C N N 19  
ARG CD   C N N 20  
ARG NE   N N N 21  
ARG CZ   C N N 22  
ARG NH1  N N N 23  
ARG NH2  N N N 24  
ARG OXT  O N N 25  
ARG H    H N N 26  
ARG H2   H N N 27  
ARG HA   H N N 28  
ARG HB2  H N N 29  
ARG HB3  H N N 30  
ARG HG2  H N N 31  
ARG HG3  H N N 32  
ARG HD2  H N N 33  
ARG HD3  H N N 34  
ARG HE   H N N 35  
ARG HH11 H N N 36  
ARG HH12 H N N 37  
ARG HH21 H N N 38  
ARG HH22 H N N 39  
ARG HXT  H N N 40  
ASN N    N N N 41  
ASN CA   C N S 42  
ASN C    C N N 43  
ASN O    O N N 44  
ASN CB   C N N 45  
ASN CG   C N N 46  
ASN OD1  O N N 47  
ASN ND2  N N N 48  
ASN OXT  O N N 49  
ASN H    H N N 50  
ASN H2   H N N 51  
ASN HA   H N N 52  
ASN HB2  H N N 53  
ASN HB3  H N N 54  
ASN HD21 H N N 55  
ASN HD22 H N N 56  
ASN HXT  H N N 57  
ASP N    N N N 58  
ASP CA   C N S 59  
ASP C    C N N 60  
ASP O    O N N 61  
ASP CB   C N N 62  
ASP CG   C N N 63  
ASP OD1  O N N 64  
ASP OD2  O N N 65  
ASP OXT  O N N 66  
ASP H    H N N 67  
ASP H2   H N N 68  
ASP HA   H N N 69  
ASP HB2  H N N 70  
ASP HB3  H N N 71  
ASP HD2  H N N 72  
ASP HXT  H N N 73  
CYS N    N N N 74  
CYS CA   C N R 75  
CYS C    C N N 76  
CYS O    O N N 77  
CYS CB   C N N 78  
CYS SG   S N N 79  
CYS OXT  O N N 80  
CYS H    H N N 81  
CYS H2   H N N 82  
CYS HA   H N N 83  
CYS HB2  H N N 84  
CYS HB3  H N N 85  
CYS HG   H N N 86  
CYS HXT  H N N 87  
GLN N    N N N 88  
GLN CA   C N S 89  
GLN C    C N N 90  
GLN O    O N N 91  
GLN CB   C N N 92  
GLN CG   C N N 93  
GLN CD   C N N 94  
GLN OE1  O N N 95  
GLN NE2  N N N 96  
GLN OXT  O N N 97  
GLN H    H N N 98  
GLN H2   H N N 99  
GLN HA   H N N 100 
GLN HB2  H N N 101 
GLN HB3  H N N 102 
GLN HG2  H N N 103 
GLN HG3  H N N 104 
GLN HE21 H N N 105 
GLN HE22 H N N 106 
GLN HXT  H N N 107 
GLU N    N N N 108 
GLU CA   C N S 109 
GLU C    C N N 110 
GLU O    O N N 111 
GLU CB   C N N 112 
GLU CG   C N N 113 
GLU CD   C N N 114 
GLU OE1  O N N 115 
GLU OE2  O N N 116 
GLU OXT  O N N 117 
GLU H    H N N 118 
GLU H2   H N N 119 
GLU HA   H N N 120 
GLU HB2  H N N 121 
GLU HB3  H N N 122 
GLU HG2  H N N 123 
GLU HG3  H N N 124 
GLU HE2  H N N 125 
GLU HXT  H N N 126 
GLY N    N N N 127 
GLY CA   C N N 128 
GLY C    C N N 129 
GLY O    O N N 130 
GLY OXT  O N N 131 
GLY H    H N N 132 
GLY H2   H N N 133 
GLY HA2  H N N 134 
GLY HA3  H N N 135 
GLY HXT  H N N 136 
HIS N    N N N 137 
HIS CA   C N S 138 
HIS C    C N N 139 
HIS O    O N N 140 
HIS CB   C N N 141 
HIS CG   C Y N 142 
HIS ND1  N Y N 143 
HIS CD2  C Y N 144 
HIS CE1  C Y N 145 
HIS NE2  N Y N 146 
HIS OXT  O N N 147 
HIS H    H N N 148 
HIS H2   H N N 149 
HIS HA   H N N 150 
HIS HB2  H N N 151 
HIS HB3  H N N 152 
HIS HD1  H N N 153 
HIS HD2  H N N 154 
HIS HE1  H N N 155 
HIS HE2  H N N 156 
HIS HXT  H N N 157 
HOH O    O N N 158 
HOH H1   H N N 159 
HOH H2   H N N 160 
ILE N    N N N 161 
ILE CA   C N S 162 
ILE C    C N N 163 
ILE O    O N N 164 
ILE CB   C N S 165 
ILE CG1  C N N 166 
ILE CG2  C N N 167 
ILE CD1  C N N 168 
ILE OXT  O N N 169 
ILE H    H N N 170 
ILE H2   H N N 171 
ILE HA   H N N 172 
ILE HB   H N N 173 
ILE HG12 H N N 174 
ILE HG13 H N N 175 
ILE HG21 H N N 176 
ILE HG22 H N N 177 
ILE HG23 H N N 178 
ILE HD11 H N N 179 
ILE HD12 H N N 180 
ILE HD13 H N N 181 
ILE HXT  H N N 182 
LEU N    N N N 183 
LEU CA   C N S 184 
LEU C    C N N 185 
LEU O    O N N 186 
LEU CB   C N N 187 
LEU CG   C N N 188 
LEU CD1  C N N 189 
LEU CD2  C N N 190 
LEU OXT  O N N 191 
LEU H    H N N 192 
LEU H2   H N N 193 
LEU HA   H N N 194 
LEU HB2  H N N 195 
LEU HB3  H N N 196 
LEU HG   H N N 197 
LEU HD11 H N N 198 
LEU HD12 H N N 199 
LEU HD13 H N N 200 
LEU HD21 H N N 201 
LEU HD22 H N N 202 
LEU HD23 H N N 203 
LEU HXT  H N N 204 
LYS N    N N N 205 
LYS CA   C N S 206 
LYS C    C N N 207 
LYS O    O N N 208 
LYS CB   C N N 209 
LYS CG   C N N 210 
LYS CD   C N N 211 
LYS CE   C N N 212 
LYS NZ   N N N 213 
LYS OXT  O N N 214 
LYS H    H N N 215 
LYS H2   H N N 216 
LYS HA   H N N 217 
LYS HB2  H N N 218 
LYS HB3  H N N 219 
LYS HG2  H N N 220 
LYS HG3  H N N 221 
LYS HD2  H N N 222 
LYS HD3  H N N 223 
LYS HE2  H N N 224 
LYS HE3  H N N 225 
LYS HZ1  H N N 226 
LYS HZ2  H N N 227 
LYS HZ3  H N N 228 
LYS HXT  H N N 229 
MET N    N N N 230 
MET CA   C N S 231 
MET C    C N N 232 
MET O    O N N 233 
MET CB   C N N 234 
MET CG   C N N 235 
MET SD   S N N 236 
MET CE   C N N 237 
MET OXT  O N N 238 
MET H    H N N 239 
MET H2   H N N 240 
MET HA   H N N 241 
MET HB2  H N N 242 
MET HB3  H N N 243 
MET HG2  H N N 244 
MET HG3  H N N 245 
MET HE1  H N N 246 
MET HE2  H N N 247 
MET HE3  H N N 248 
MET HXT  H N N 249 
PHE N    N N N 250 
PHE CA   C N S 251 
PHE C    C N N 252 
PHE O    O N N 253 
PHE CB   C N N 254 
PHE CG   C Y N 255 
PHE CD1  C Y N 256 
PHE CD2  C Y N 257 
PHE CE1  C Y N 258 
PHE CE2  C Y N 259 
PHE CZ   C Y N 260 
PHE OXT  O N N 261 
PHE H    H N N 262 
PHE H2   H N N 263 
PHE HA   H N N 264 
PHE HB2  H N N 265 
PHE HB3  H N N 266 
PHE HD1  H N N 267 
PHE HD2  H N N 268 
PHE HE1  H N N 269 
PHE HE2  H N N 270 
PHE HZ   H N N 271 
PHE HXT  H N N 272 
PRO N    N N N 273 
PRO CA   C N S 274 
PRO C    C N N 275 
PRO O    O N N 276 
PRO CB   C N N 277 
PRO CG   C N N 278 
PRO CD   C N N 279 
PRO OXT  O N N 280 
PRO H    H N N 281 
PRO HA   H N N 282 
PRO HB2  H N N 283 
PRO HB3  H N N 284 
PRO HG2  H N N 285 
PRO HG3  H N N 286 
PRO HD2  H N N 287 
PRO HD3  H N N 288 
PRO HXT  H N N 289 
SER N    N N N 290 
SER CA   C N S 291 
SER C    C N N 292 
SER O    O N N 293 
SER CB   C N N 294 
SER OG   O N N 295 
SER OXT  O N N 296 
SER H    H N N 297 
SER H2   H N N 298 
SER HA   H N N 299 
SER HB2  H N N 300 
SER HB3  H N N 301 
SER HG   H N N 302 
SER HXT  H N N 303 
THR N    N N N 304 
THR CA   C N S 305 
THR C    C N N 306 
THR O    O N N 307 
THR CB   C N R 308 
THR OG1  O N N 309 
THR CG2  C N N 310 
THR OXT  O N N 311 
THR H    H N N 312 
THR H2   H N N 313 
THR HA   H N N 314 
THR HB   H N N 315 
THR HG1  H N N 316 
THR HG21 H N N 317 
THR HG22 H N N 318 
THR HG23 H N N 319 
THR HXT  H N N 320 
TRP N    N N N 321 
TRP CA   C N S 322 
TRP C    C N N 323 
TRP O    O N N 324 
TRP CB   C N N 325 
TRP CG   C Y N 326 
TRP CD1  C Y N 327 
TRP CD2  C Y N 328 
TRP NE1  N Y N 329 
TRP CE2  C Y N 330 
TRP CE3  C Y N 331 
TRP CZ2  C Y N 332 
TRP CZ3  C Y N 333 
TRP CH2  C Y N 334 
TRP OXT  O N N 335 
TRP H    H N N 336 
TRP H2   H N N 337 
TRP HA   H N N 338 
TRP HB2  H N N 339 
TRP HB3  H N N 340 
TRP HD1  H N N 341 
TRP HE1  H N N 342 
TRP HE3  H N N 343 
TRP HZ2  H N N 344 
TRP HZ3  H N N 345 
TRP HH2  H N N 346 
TRP HXT  H N N 347 
TYR N    N N N 348 
TYR CA   C N S 349 
TYR C    C N N 350 
TYR O    O N N 351 
TYR CB   C N N 352 
TYR CG   C Y N 353 
TYR CD1  C Y N 354 
TYR CD2  C Y N 355 
TYR CE1  C Y N 356 
TYR CE2  C Y N 357 
TYR CZ   C Y N 358 
TYR OH   O N N 359 
TYR OXT  O N N 360 
TYR H    H N N 361 
TYR H2   H N N 362 
TYR HA   H N N 363 
TYR HB2  H N N 364 
TYR HB3  H N N 365 
TYR HD1  H N N 366 
TYR HD2  H N N 367 
TYR HE1  H N N 368 
TYR HE2  H N N 369 
TYR HH   H N N 370 
TYR HXT  H N N 371 
VAL N    N N N 372 
VAL CA   C N S 373 
VAL C    C N N 374 
VAL O    O N N 375 
VAL CB   C N N 376 
VAL CG1  C N N 377 
VAL CG2  C N N 378 
VAL OXT  O N N 379 
VAL H    H N N 380 
VAL H2   H N N 381 
VAL HA   H N N 382 
VAL HB   H N N 383 
VAL HG11 H N N 384 
VAL HG12 H N N 385 
VAL HG13 H N N 386 
VAL HG21 H N N 387 
VAL HG22 H N N 388 
VAL HG23 H N N 389 
VAL HXT  H N N 390 
# 
loop_
_chem_comp_bond.comp_id 
_chem_comp_bond.atom_id_1 
_chem_comp_bond.atom_id_2 
_chem_comp_bond.value_order 
_chem_comp_bond.pdbx_aromatic_flag 
_chem_comp_bond.pdbx_stereo_config 
_chem_comp_bond.pdbx_ordinal 
ALA N   CA   sing N N 1   
ALA N   H    sing N N 2   
ALA N   H2   sing N N 3   
ALA CA  C    sing N N 4   
ALA CA  CB   sing N N 5   
ALA CA  HA   sing N N 6   
ALA C   O    doub N N 7   
ALA C   OXT  sing N N 8   
ALA CB  HB1  sing N N 9   
ALA CB  HB2  sing N N 10  
ALA CB  HB3  sing N N 11  
ALA OXT HXT  sing N N 12  
ARG N   CA   sing N N 13  
ARG N   H    sing N N 14  
ARG N   H2   sing N N 15  
ARG CA  C    sing N N 16  
ARG CA  CB   sing N N 17  
ARG CA  HA   sing N N 18  
ARG C   O    doub N N 19  
ARG C   OXT  sing N N 20  
ARG CB  CG   sing N N 21  
ARG CB  HB2  sing N N 22  
ARG CB  HB3  sing N N 23  
ARG CG  CD   sing N N 24  
ARG CG  HG2  sing N N 25  
ARG CG  HG3  sing N N 26  
ARG CD  NE   sing N N 27  
ARG CD  HD2  sing N N 28  
ARG CD  HD3  sing N N 29  
ARG NE  CZ   sing N N 30  
ARG NE  HE   sing N N 31  
ARG CZ  NH1  sing N N 32  
ARG CZ  NH2  doub N N 33  
ARG NH1 HH11 sing N N 34  
ARG NH1 HH12 sing N N 35  
ARG NH2 HH21 sing N N 36  
ARG NH2 HH22 sing N N 37  
ARG OXT HXT  sing N N 38  
ASN N   CA   sing N N 39  
ASN N   H    sing N N 40  
ASN N   H2   sing N N 41  
ASN CA  C    sing N N 42  
ASN CA  CB   sing N N 43  
ASN CA  HA   sing N N 44  
ASN C   O    doub N N 45  
ASN C   OXT  sing N N 46  
ASN CB  CG   sing N N 47  
ASN CB  HB2  sing N N 48  
ASN CB  HB3  sing N N 49  
ASN CG  OD1  doub N N 50  
ASN CG  ND2  sing N N 51  
ASN ND2 HD21 sing N N 52  
ASN ND2 HD22 sing N N 53  
ASN OXT HXT  sing N N 54  
ASP N   CA   sing N N 55  
ASP N   H    sing N N 56  
ASP N   H2   sing N N 57  
ASP CA  C    sing N N 58  
ASP CA  CB   sing N N 59  
ASP CA  HA   sing N N 60  
ASP C   O    doub N N 61  
ASP C   OXT  sing N N 62  
ASP CB  CG   sing N N 63  
ASP CB  HB2  sing N N 64  
ASP CB  HB3  sing N N 65  
ASP CG  OD1  doub N N 66  
ASP CG  OD2  sing N N 67  
ASP OD2 HD2  sing N N 68  
ASP OXT HXT  sing N N 69  
CYS N   CA   sing N N 70  
CYS N   H    sing N N 71  
CYS N   H2   sing N N 72  
CYS CA  C    sing N N 73  
CYS CA  CB   sing N N 74  
CYS CA  HA   sing N N 75  
CYS C   O    doub N N 76  
CYS C   OXT  sing N N 77  
CYS CB  SG   sing N N 78  
CYS CB  HB2  sing N N 79  
CYS CB  HB3  sing N N 80  
CYS SG  HG   sing N N 81  
CYS OXT HXT  sing N N 82  
GLN N   CA   sing N N 83  
GLN N   H    sing N N 84  
GLN N   H2   sing N N 85  
GLN CA  C    sing N N 86  
GLN CA  CB   sing N N 87  
GLN CA  HA   sing N N 88  
GLN C   O    doub N N 89  
GLN C   OXT  sing N N 90  
GLN CB  CG   sing N N 91  
GLN CB  HB2  sing N N 92  
GLN CB  HB3  sing N N 93  
GLN CG  CD   sing N N 94  
GLN CG  HG2  sing N N 95  
GLN CG  HG3  sing N N 96  
GLN CD  OE1  doub N N 97  
GLN CD  NE2  sing N N 98  
GLN NE2 HE21 sing N N 99  
GLN NE2 HE22 sing N N 100 
GLN OXT HXT  sing N N 101 
GLU N   CA   sing N N 102 
GLU N   H    sing N N 103 
GLU N   H2   sing N N 104 
GLU CA  C    sing N N 105 
GLU CA  CB   sing N N 106 
GLU CA  HA   sing N N 107 
GLU C   O    doub N N 108 
GLU C   OXT  sing N N 109 
GLU CB  CG   sing N N 110 
GLU CB  HB2  sing N N 111 
GLU CB  HB3  sing N N 112 
GLU CG  CD   sing N N 113 
GLU CG  HG2  sing N N 114 
GLU CG  HG3  sing N N 115 
GLU CD  OE1  doub N N 116 
GLU CD  OE2  sing N N 117 
GLU OE2 HE2  sing N N 118 
GLU OXT HXT  sing N N 119 
GLY N   CA   sing N N 120 
GLY N   H    sing N N 121 
GLY N   H2   sing N N 122 
GLY CA  C    sing N N 123 
GLY CA  HA2  sing N N 124 
GLY CA  HA3  sing N N 125 
GLY C   O    doub N N 126 
GLY C   OXT  sing N N 127 
GLY OXT HXT  sing N N 128 
HIS N   CA   sing N N 129 
HIS N   H    sing N N 130 
HIS N   H2   sing N N 131 
HIS CA  C    sing N N 132 
HIS CA  CB   sing N N 133 
HIS CA  HA   sing N N 134 
HIS C   O    doub N N 135 
HIS C   OXT  sing N N 136 
HIS CB  CG   sing N N 137 
HIS CB  HB2  sing N N 138 
HIS CB  HB3  sing N N 139 
HIS CG  ND1  sing Y N 140 
HIS CG  CD2  doub Y N 141 
HIS ND1 CE1  doub Y N 142 
HIS ND1 HD1  sing N N 143 
HIS CD2 NE2  sing Y N 144 
HIS CD2 HD2  sing N N 145 
HIS CE1 NE2  sing Y N 146 
HIS CE1 HE1  sing N N 147 
HIS NE2 HE2  sing N N 148 
HIS OXT HXT  sing N N 149 
HOH O   H1   sing N N 150 
HOH O   H2   sing N N 151 
ILE N   CA   sing N N 152 
ILE N   H    sing N N 153 
ILE N   H2   sing N N 154 
ILE CA  C    sing N N 155 
ILE CA  CB   sing N N 156 
ILE CA  HA   sing N N 157 
ILE C   O    doub N N 158 
ILE C   OXT  sing N N 159 
ILE CB  CG1  sing N N 160 
ILE CB  CG2  sing N N 161 
ILE CB  HB   sing N N 162 
ILE CG1 CD1  sing N N 163 
ILE CG1 HG12 sing N N 164 
ILE CG1 HG13 sing N N 165 
ILE CG2 HG21 sing N N 166 
ILE CG2 HG22 sing N N 167 
ILE CG2 HG23 sing N N 168 
ILE CD1 HD11 sing N N 169 
ILE CD1 HD12 sing N N 170 
ILE CD1 HD13 sing N N 171 
ILE OXT HXT  sing N N 172 
LEU N   CA   sing N N 173 
LEU N   H    sing N N 174 
LEU N   H2   sing N N 175 
LEU CA  C    sing N N 176 
LEU CA  CB   sing N N 177 
LEU CA  HA   sing N N 178 
LEU C   O    doub N N 179 
LEU C   OXT  sing N N 180 
LEU CB  CG   sing N N 181 
LEU CB  HB2  sing N N 182 
LEU CB  HB3  sing N N 183 
LEU CG  CD1  sing N N 184 
LEU CG  CD2  sing N N 185 
LEU CG  HG   sing N N 186 
LEU CD1 HD11 sing N N 187 
LEU CD1 HD12 sing N N 188 
LEU CD1 HD13 sing N N 189 
LEU CD2 HD21 sing N N 190 
LEU CD2 HD22 sing N N 191 
LEU CD2 HD23 sing N N 192 
LEU OXT HXT  sing N N 193 
LYS N   CA   sing N N 194 
LYS N   H    sing N N 195 
LYS N   H2   sing N N 196 
LYS CA  C    sing N N 197 
LYS CA  CB   sing N N 198 
LYS CA  HA   sing N N 199 
LYS C   O    doub N N 200 
LYS C   OXT  sing N N 201 
LYS CB  CG   sing N N 202 
LYS CB  HB2  sing N N 203 
LYS CB  HB3  sing N N 204 
LYS CG  CD   sing N N 205 
LYS CG  HG2  sing N N 206 
LYS CG  HG3  sing N N 207 
LYS CD  CE   sing N N 208 
LYS CD  HD2  sing N N 209 
LYS CD  HD3  sing N N 210 
LYS CE  NZ   sing N N 211 
LYS CE  HE2  sing N N 212 
LYS CE  HE3  sing N N 213 
LYS NZ  HZ1  sing N N 214 
LYS NZ  HZ2  sing N N 215 
LYS NZ  HZ3  sing N N 216 
LYS OXT HXT  sing N N 217 
MET N   CA   sing N N 218 
MET N   H    sing N N 219 
MET N   H2   sing N N 220 
MET CA  C    sing N N 221 
MET CA  CB   sing N N 222 
MET CA  HA   sing N N 223 
MET C   O    doub N N 224 
MET C   OXT  sing N N 225 
MET CB  CG   sing N N 226 
MET CB  HB2  sing N N 227 
MET CB  HB3  sing N N 228 
MET CG  SD   sing N N 229 
MET CG  HG2  sing N N 230 
MET CG  HG3  sing N N 231 
MET SD  CE   sing N N 232 
MET CE  HE1  sing N N 233 
MET CE  HE2  sing N N 234 
MET CE  HE3  sing N N 235 
MET OXT HXT  sing N N 236 
PHE N   CA   sing N N 237 
PHE N   H    sing N N 238 
PHE N   H2   sing N N 239 
PHE CA  C    sing N N 240 
PHE CA  CB   sing N N 241 
PHE CA  HA   sing N N 242 
PHE C   O    doub N N 243 
PHE C   OXT  sing N N 244 
PHE CB  CG   sing N N 245 
PHE CB  HB2  sing N N 246 
PHE CB  HB3  sing N N 247 
PHE CG  CD1  doub Y N 248 
PHE CG  CD2  sing Y N 249 
PHE CD1 CE1  sing Y N 250 
PHE CD1 HD1  sing N N 251 
PHE CD2 CE2  doub Y N 252 
PHE CD2 HD2  sing N N 253 
PHE CE1 CZ   doub Y N 254 
PHE CE1 HE1  sing N N 255 
PHE CE2 CZ   sing Y N 256 
PHE CE2 HE2  sing N N 257 
PHE CZ  HZ   sing N N 258 
PHE OXT HXT  sing N N 259 
PRO N   CA   sing N N 260 
PRO N   CD   sing N N 261 
PRO N   H    sing N N 262 
PRO CA  C    sing N N 263 
PRO CA  CB   sing N N 264 
PRO CA  HA   sing N N 265 
PRO C   O    doub N N 266 
PRO C   OXT  sing N N 267 
PRO CB  CG   sing N N 268 
PRO CB  HB2  sing N N 269 
PRO CB  HB3  sing N N 270 
PRO CG  CD   sing N N 271 
PRO CG  HG2  sing N N 272 
PRO CG  HG3  sing N N 273 
PRO CD  HD2  sing N N 274 
PRO CD  HD3  sing N N 275 
PRO OXT HXT  sing N N 276 
SER N   CA   sing N N 277 
SER N   H    sing N N 278 
SER N   H2   sing N N 279 
SER CA  C    sing N N 280 
SER CA  CB   sing N N 281 
SER CA  HA   sing N N 282 
SER C   O    doub N N 283 
SER C   OXT  sing N N 284 
SER CB  OG   sing N N 285 
SER CB  HB2  sing N N 286 
SER CB  HB3  sing N N 287 
SER OG  HG   sing N N 288 
SER OXT HXT  sing N N 289 
THR N   CA   sing N N 290 
THR N   H    sing N N 291 
THR N   H2   sing N N 292 
THR CA  C    sing N N 293 
THR CA  CB   sing N N 294 
THR CA  HA   sing N N 295 
THR C   O    doub N N 296 
THR C   OXT  sing N N 297 
THR CB  OG1  sing N N 298 
THR CB  CG2  sing N N 299 
THR CB  HB   sing N N 300 
THR OG1 HG1  sing N N 301 
THR CG2 HG21 sing N N 302 
THR CG2 HG22 sing N N 303 
THR CG2 HG23 sing N N 304 
THR OXT HXT  sing N N 305 
TRP N   CA   sing N N 306 
TRP N   H    sing N N 307 
TRP N   H2   sing N N 308 
TRP CA  C    sing N N 309 
TRP CA  CB   sing N N 310 
TRP CA  HA   sing N N 311 
TRP C   O    doub N N 312 
TRP C   OXT  sing N N 313 
TRP CB  CG   sing N N 314 
TRP CB  HB2  sing N N 315 
TRP CB  HB3  sing N N 316 
TRP CG  CD1  doub Y N 317 
TRP CG  CD2  sing Y N 318 
TRP CD1 NE1  sing Y N 319 
TRP CD1 HD1  sing N N 320 
TRP CD2 CE2  doub Y N 321 
TRP CD2 CE3  sing Y N 322 
TRP NE1 CE2  sing Y N 323 
TRP NE1 HE1  sing N N 324 
TRP CE2 CZ2  sing Y N 325 
TRP CE3 CZ3  doub Y N 326 
TRP CE3 HE3  sing N N 327 
TRP CZ2 CH2  doub Y N 328 
TRP CZ2 HZ2  sing N N 329 
TRP CZ3 CH2  sing Y N 330 
TRP CZ3 HZ3  sing N N 331 
TRP CH2 HH2  sing N N 332 
TRP OXT HXT  sing N N 333 
TYR N   CA   sing N N 334 
TYR N   H    sing N N 335 
TYR N   H2   sing N N 336 
TYR CA  C    sing N N 337 
TYR CA  CB   sing N N 338 
TYR CA  HA   sing N N 339 
TYR C   O    doub N N 340 
TYR C   OXT  sing N N 341 
TYR CB  CG   sing N N 342 
TYR CB  HB2  sing N N 343 
TYR CB  HB3  sing N N 344 
TYR CG  CD1  doub Y N 345 
TYR CG  CD2  sing Y N 346 
TYR CD1 CE1  sing Y N 347 
TYR CD1 HD1  sing N N 348 
TYR CD2 CE2  doub Y N 349 
TYR CD2 HD2  sing N N 350 
TYR CE1 CZ   doub Y N 351 
TYR CE1 HE1  sing N N 352 
TYR CE2 CZ   sing Y N 353 
TYR CE2 HE2  sing N N 354 
TYR CZ  OH   sing N N 355 
TYR OH  HH   sing N N 356 
TYR OXT HXT  sing N N 357 
VAL N   CA   sing N N 358 
VAL N   H    sing N N 359 
VAL N   H2   sing N N 360 
VAL CA  C    sing N N 361 
VAL CA  CB   sing N N 362 
VAL CA  HA   sing N N 363 
VAL C   O    doub N N 364 
VAL C   OXT  sing N N 365 
VAL CB  CG1  sing N N 366 
VAL CB  CG2  sing N N 367 
VAL CB  HB   sing N N 368 
VAL CG1 HG11 sing N N 369 
VAL CG1 HG12 sing N N 370 
VAL CG1 HG13 sing N N 371 
VAL CG2 HG21 sing N N 372 
VAL CG2 HG22 sing N N 373 
VAL CG2 HG23 sing N N 374 
VAL OXT HXT  sing N N 375 
# 
_atom_sites.entry_id                    1FAZ 
_atom_sites.fract_transf_matrix[1][1]   -0.02364337 
_atom_sites.fract_transf_matrix[1][2]   -0.01743739 
_atom_sites.fract_transf_matrix[1][3]   0.02172760 
_atom_sites.fract_transf_matrix[2][1]   -0.01225016 
_atom_sites.fract_transf_matrix[2][2]   0.00147115 
_atom_sites.fract_transf_matrix[2][3]   -0.01214962 
_atom_sites.fract_transf_matrix[3][1]   0.00093645 
_atom_sites.fract_transf_matrix[3][2]   -0.03350586 
_atom_sites.fract_transf_matrix[3][3]   -0.00500128 
_atom_sites.fract_transf_vector[1]      0.348957 
_atom_sites.fract_transf_vector[2]      0.304106 
_atom_sites.fract_transf_vector[3]      0.593084 
# 
loop_
_atom_type.symbol 
C 
N 
O 
S 
# 
loop_
_atom_site.group_PDB 
_atom_site.id 
_atom_site.type_symbol 
_atom_site.label_atom_id 
_atom_site.label_alt_id 
_atom_site.label_comp_id 
_atom_site.label_asym_id 
_atom_site.label_entity_id 
_atom_site.label_seq_id 
_atom_site.pdbx_PDB_ins_code 
_atom_site.Cartn_x 
_atom_site.Cartn_y 
_atom_site.Cartn_z 
_atom_site.occupancy 
_atom_site.B_iso_or_equiv 
_atom_site.pdbx_formal_charge 
_atom_site.auth_seq_id 
_atom_site.auth_comp_id 
_atom_site.auth_asym_id 
_atom_site.auth_atom_id 
_atom_site.pdbx_PDB_model_num 
ATOM   1    N N   . ALA A 1 1   ? 18.035  14.332  5.171   1.00 21.90 ? 1   ALA A N   1 
ATOM   2    C CA  . ALA A 1 1   ? 17.740  13.453  4.000   1.00 19.58 ? 1   ALA A CA  1 
ATOM   3    C C   . ALA A 1 1   ? 17.899  14.238  2.698   1.00 17.93 ? 1   ALA A C   1 
ATOM   4    O O   . ALA A 1 1   ? 17.968  15.473  2.701   1.00 19.02 ? 1   ALA A O   1 
ATOM   5    C CB  . ALA A 1 1   ? 16.312  12.890  4.105   1.00 20.22 ? 1   ALA A CB  1 
ATOM   6    N N   . PRO A 1 2   ? 17.977  13.530  1.565   1.00 15.57 ? 2   PRO A N   1 
ATOM   7    C CA  . PRO A 1 2   ? 18.126  14.277  0.317   1.00 13.86 ? 2   PRO A CA  1 
ATOM   8    C C   . PRO A 1 2   ? 16.937  15.232  0.051   1.00 12.94 ? 2   PRO A C   1 
ATOM   9    O O   . PRO A 1 2   ? 15.801  15.035  0.533   1.00 10.98 ? 2   PRO A O   1 
ATOM   10   C CB  . PRO A 1 2   ? 18.276  13.184  -0.746  1.00 13.72 ? 2   PRO A CB  1 
ATOM   11   C CG  . PRO A 1 2   ? 18.660  11.937  0.032   1.00 13.39 ? 2   PRO A CG  1 
ATOM   12   C CD  . PRO A 1 2   ? 17.952  12.076  1.339   1.00 14.58 ? 2   PRO A CD  1 
ATOM   13   N N   . ALA A 1 3   ? 17.232  16.277  -0.711  1.00 12.87 ? 3   ALA A N   1 
ATOM   14   C CA  . ALA A 1 3   ? 16.258  17.310  -1.053  1.00 13.75 ? 3   ALA A CA  1 
ATOM   15   C C   . ALA A 1 3   ? 14.996  16.810  -1.769  1.00 13.45 ? 3   ALA A C   1 
ATOM   16   O O   . ALA A 1 3   ? 13.918  17.404  -1.623  1.00 14.07 ? 3   ALA A O   1 
ATOM   17   C CB  . ALA A 1 3   ? 16.942  18.379  -1.897  1.00 13.26 ? 3   ALA A CB  1 
ATOM   18   N N   . ASP A 1 4   ? 15.123  15.733  -2.544  1.00 12.49 ? 4   ASP A N   1 
ATOM   19   C CA  . ASP A 1 4   ? 13.967  15.201  -3.269  1.00 12.36 ? 4   ASP A CA  1 
ATOM   20   C C   . ASP A 1 4   ? 13.161  14.130  -2.536  1.00 12.08 ? 4   ASP A C   1 
ATOM   21   O O   . ASP A 1 4   ? 12.329  13.469  -3.148  1.00 10.81 ? 4   ASP A O   1 
ATOM   22   C CB  . ASP A 1 4   ? 14.392  14.668  -4.646  1.00 14.03 ? 4   ASP A CB  1 
ATOM   23   C CG  . ASP A 1 4   ? 15.314  13.464  -4.562  1.00 15.99 ? 4   ASP A CG  1 
ATOM   24   O OD1 . ASP A 1 4   ? 15.717  13.088  -3.442  1.00 16.84 ? 4   ASP A OD1 1 
ATOM   25   O OD2 . ASP A 1 4   ? 15.631  12.895  -5.630  1.00 17.42 ? 4   ASP A OD2 1 
ATOM   26   N N   . LYS A 1 5   ? 13.384  13.971  -1.232  1.00 10.77 ? 5   LYS A N   1 
ATOM   27   C CA  . LYS A 1 5   ? 12.648  12.963  -0.472  1.00 10.53 ? 5   LYS A CA  1 
ATOM   28   C C   . LYS A 1 5   ? 11.124  13.097  -0.594  1.00 10.23 ? 5   LYS A C   1 
ATOM   29   O O   . LYS A 1 5   ? 10.428  12.097  -0.781  1.00 8.95  ? 5   LYS A O   1 
ATOM   30   C CB  . LYS A 1 5   ? 13.038  12.991  1.015   1.00 11.48 ? 5   LYS A CB  1 
ATOM   31   C CG  . LYS A 1 5   ? 12.193  12.039  1.876   1.00 11.04 ? 5   LYS A CG  1 
ATOM   32   C CD  . LYS A 1 5   ? 12.842  11.708  3.212   1.00 11.52 ? 5   LYS A CD  1 
ATOM   33   C CE  . LYS A 1 5   ? 11.878  10.913  4.080   1.00 12.42 ? 5   LYS A CE  1 
ATOM   34   N NZ  . LYS A 1 5   ? 12.499  10.420  5.339   1.00 13.88 ? 5   LYS A NZ  1 
ATOM   35   N N   . PRO A 1 6   ? 10.583  14.325  -0.481  1.00 10.28 ? 6   PRO A N   1 
ATOM   36   C CA  . PRO A 1 6   ? 9.119   14.455  -0.593  1.00 10.63 ? 6   PRO A CA  1 
ATOM   37   C C   . PRO A 1 6   ? 8.565   13.954  -1.940  1.00 10.71 ? 6   PRO A C   1 
ATOM   38   O O   . PRO A 1 6   ? 7.484   13.350  -1.990  1.00 10.46 ? 6   PRO A O   1 
ATOM   39   C CB  . PRO A 1 6   ? 8.868   15.951  -0.370  1.00 11.94 ? 6   PRO A CB  1 
ATOM   40   C CG  . PRO A 1 6   ? 10.124  16.447  0.326   1.00 11.74 ? 6   PRO A CG  1 
ATOM   41   C CD  . PRO A 1 6   ? 11.235  15.625  -0.235  1.00 9.49  ? 6   PRO A CD  1 
ATOM   42   N N   . GLN A 1 7   ? 9.322   14.202  -3.011  1.00 9.80  ? 7   GLN A N   1 
ATOM   43   C CA  . GLN A 1 7   ? 8.948   13.778  -4.362  1.00 12.44 ? 7   GLN A CA  1 
ATOM   44   C C   . GLN A 1 7   ? 9.093   12.260  -4.513  1.00 12.38 ? 7   GLN A C   1 
ATOM   45   O O   . GLN A 1 7   ? 8.274   11.613  -5.178  1.00 11.79 ? 7   GLN A O   1 
ATOM   46   C CB  . GLN A 1 7   ? 9.812   14.497  -5.410  1.00 14.11 ? 7   GLN A CB  1 
ATOM   47   C CG  . GLN A 1 7   ? 9.409   15.955  -5.637  1.00 22.08 ? 7   GLN A CG  1 
ATOM   48   C CD  . GLN A 1 7   ? 9.862   16.887  -4.514  1.00 24.10 ? 7   GLN A CD  1 
ATOM   49   O OE1 . GLN A 1 7   ? 11.040  16.943  -4.180  1.00 26.07 ? 7   GLN A OE1 1 
ATOM   50   N NE2 . GLN A 1 7   ? 8.922   17.623  -3.935  1.00 26.68 ? 7   GLN A NE2 1 
ATOM   51   N N   . VAL A 1 8   ? 10.131  11.689  -3.900  1.00 10.31 ? 8   VAL A N   1 
ATOM   52   C CA  . VAL A 1 8   ? 10.330  10.245  -3.959  1.00 9.68  ? 8   VAL A CA  1 
ATOM   53   C C   . VAL A 1 8   ? 9.188   9.559   -3.205  1.00 8.57  ? 8   VAL A C   1 
ATOM   54   O O   . VAL A 1 8   ? 8.632   8.551   -3.667  1.00 8.27  ? 8   VAL A O   1 
ATOM   55   C CB  . VAL A 1 8   ? 11.690  9.842   -3.334  1.00 8.90  ? 8   VAL A CB  1 
ATOM   56   C CG1 . VAL A 1 8   ? 11.713  8.351   -3.035  1.00 9.74  ? 8   VAL A CG1 1 
ATOM   57   C CG2 . VAL A 1 8   ? 12.815  10.201  -4.284  1.00 8.78  ? 8   VAL A CG2 1 
ATOM   58   N N   . LEU A 1 9   ? 8.809   10.113  -2.059  1.00 8.01  ? 9   LEU A N   1 
ATOM   59   C CA  . LEU A 1 9   ? 7.728   9.534   -1.259  1.00 8.13  ? 9   LEU A CA  1 
ATOM   60   C C   . LEU A 1 9   ? 6.398   9.584   -2.024  1.00 7.63  ? 9   LEU A C   1 
ATOM   61   O O   . LEU A 1 9   ? 5.595   8.647   -1.953  1.00 7.65  ? 9   LEU A O   1 
ATOM   62   C CB  . LEU A 1 9   ? 7.608   10.263  0.090   1.00 8.30  ? 9   LEU A CB  1 
ATOM   63   C CG  . LEU A 1 9   ? 6.502   9.799   1.050   1.00 8.75  ? 9   LEU A CG  1 
ATOM   64   C CD1 . LEU A 1 9   ? 6.684   8.323   1.391   1.00 11.21 ? 9   LEU A CD1 1 
ATOM   65   C CD2 . LEU A 1 9   ? 6.541   10.634  2.316   1.00 11.76 ? 9   LEU A CD2 1 
ATOM   66   N N   . ALA A 1 10  ? 6.167   10.682  -2.745  1.00 7.19  ? 10  ALA A N   1 
ATOM   67   C CA  . ALA A 1 10  ? 4.950   10.832  -3.548  1.00 9.22  ? 10  ALA A CA  1 
ATOM   68   C C   . ALA A 1 10  ? 4.960   9.780   -4.676  1.00 8.72  ? 10  ALA A C   1 
ATOM   69   O O   . ALA A 1 10  ? 3.942   9.143   -4.953  1.00 8.52  ? 10  ALA A O   1 
ATOM   70   C CB  . ALA A 1 10  ? 4.878   12.258  -4.158  1.00 8.44  ? 10  ALA A CB  1 
ATOM   71   N N   . SER A 1 11  ? 6.119   9.606   -5.310  1.00 8.31  ? 11  SER A N   1 
ATOM   72   C CA  . SER A 1 11  ? 6.273   8.652   -6.407  1.00 8.78  ? 11  SER A CA  1 
ATOM   73   C C   . SER A 1 11  ? 6.020   7.204   -5.997  1.00 9.22  ? 11  SER A C   1 
ATOM   74   O O   . SER A 1 11  ? 5.596   6.392   -6.820  1.00 9.20  ? 11  SER A O   1 
ATOM   75   C CB  . SER A 1 11  ? 7.675   8.755   -7.017  1.00 9.33  ? 11  SER A CB  1 
ATOM   76   O OG  . SER A 1 11  ? 7.845   9.981   -7.709  1.00 11.66 ? 11  SER A OG  1 
ATOM   77   N N   . PHE A 1 12  ? 6.276   6.885   -4.729  1.00 8.74  ? 12  PHE A N   1 
ATOM   78   C CA  . PHE A 1 12  ? 6.083   5.519   -4.221  1.00 8.69  ? 12  PHE A CA  1 
ATOM   79   C C   . PHE A 1 12  ? 4.657   5.293   -3.739  1.00 7.63  ? 12  PHE A C   1 
ATOM   80   O O   . PHE A 1 12  ? 4.287   4.164   -3.406  1.00 8.20  ? 12  PHE A O   1 
ATOM   81   C CB  . PHE A 1 12  ? 6.993   5.249   -3.002  1.00 9.43  ? 12  PHE A CB  1 
ATOM   82   C CG  . PHE A 1 12  ? 8.422   4.932   -3.335  1.00 9.29  ? 12  PHE A CG  1 
ATOM   83   C CD1 . PHE A 1 12  ? 9.433   5.255   -2.427  1.00 11.30 ? 12  PHE A CD1 1 
ATOM   84   C CD2 . PHE A 1 12  ? 8.769   4.316   -4.528  1.00 10.10 ? 12  PHE A CD2 1 
ATOM   85   C CE1 . PHE A 1 12  ? 10.773  4.965   -2.710  1.00 11.06 ? 12  PHE A CE1 1 
ATOM   86   C CE2 . PHE A 1 12  ? 10.105  4.021   -4.819  1.00 11.39 ? 12  PHE A CE2 1 
ATOM   87   C CZ  . PHE A 1 12  ? 11.106  4.349   -3.903  1.00 10.66 ? 12  PHE A CZ  1 
ATOM   88   N N   . THR A 1 13  ? 3.853   6.355   -3.694  1.00 6.21  ? 13  THR A N   1 
ATOM   89   C CA  . THR A 1 13  ? 2.506   6.249   -3.148  1.00 7.10  ? 13  THR A CA  1 
ATOM   90   C C   . THR A 1 13  ? 1.336   6.679   -4.038  1.00 6.73  ? 13  THR A C   1 
ATOM   91   O O   . THR A 1 13  ? 0.333   7.181   -3.547  1.00 7.77  ? 13  THR A O   1 
ATOM   92   C CB  . THR A 1 13  ? 2.427   7.011   -1.793  1.00 8.35  ? 13  THR A CB  1 
ATOM   93   O OG1 . THR A 1 13  ? 2.731   8.397   -2.002  1.00 9.03  ? 13  THR A OG1 1 
ATOM   94   C CG2 . THR A 1 13  ? 3.440   6.419   -0.787  1.00 8.83  ? 13  THR A CG2 1 
ATOM   95   N N   . GLN A 1 14  ? 1.477   6.451   -5.340  1.00 6.78  ? 14  GLN A N   1 
ATOM   96   C CA  . GLN A 1 14  ? 0.433   6.758   -6.318  1.00 7.56  ? 14  GLN A CA  1 
ATOM   97   C C   . GLN A 1 14  ? -0.371  5.465   -6.550  1.00 8.14  ? 14  GLN A C   1 
ATOM   98   O O   . GLN A 1 14  ? 0.088   4.365   -6.206  1.00 6.99  ? 14  GLN A O   1 
ATOM   99   C CB  . GLN A 1 14  ? 1.066   7.227   -7.629  1.00 6.97  ? 14  GLN A CB  1 
ATOM   100  C CG  . GLN A 1 14  ? 1.861   8.523   -7.497  1.00 8.06  ? 14  GLN A CG  1 
ATOM   101  C CD  . GLN A 1 14  ? 1.019   9.673   -6.928  1.00 10.92 ? 14  GLN A CD  1 
ATOM   102  O OE1 . GLN A 1 14  ? -0.058  9.984   -7.435  1.00 10.61 ? 14  GLN A OE1 1 
ATOM   103  N NE2 . GLN A 1 14  ? 1.516   10.307  -5.873  1.00 9.47  ? 14  GLN A NE2 1 
ATOM   104  N N   . THR A 1 15  ? -1.561  5.588   -7.127  1.00 8.21  ? 15  THR A N   1 
ATOM   105  C CA  . THR A 1 15  ? -2.403  4.412   -7.384  1.00 8.75  ? 15  THR A CA  1 
ATOM   106  C C   . THR A 1 15  ? -1.977  3.588   -8.605  1.00 7.83  ? 15  THR A C   1 
ATOM   107  O O   . THR A 1 15  ? -2.416  2.452   -8.774  1.00 8.21  ? 15  THR A O   1 
ATOM   108  C CB  . THR A 1 15  ? -3.871  4.812   -7.606  1.00 9.59  ? 15  THR A CB  1 
ATOM   109  O OG1 . THR A 1 15  ? -3.944  5.701   -8.733  1.00 10.48 ? 15  THR A OG1 1 
ATOM   110  C CG2 . THR A 1 15  ? -4.437  5.492   -6.363  1.00 9.55  ? 15  THR A CG2 1 
ATOM   111  N N   . SER A 1 16  ? -1.121  4.157   -9.446  1.00 8.71  ? 16  SER A N   1 
ATOM   112  C CA  . SER A 1 16  ? -0.682  3.499   -10.665 1.00 7.94  ? 16  SER A CA  1 
ATOM   113  C C   . SER A 1 16  ? 0.173   2.263   -10.458 1.00 8.56  ? 16  SER A C   1 
ATOM   114  O O   . SER A 1 16  ? 0.833   2.102   -9.425  1.00 8.54  ? 16  SER A O   1 
ATOM   115  C CB  . SER A 1 16  ? 0.078   4.485   -11.538 1.00 9.20  ? 16  SER A CB  1 
ATOM   116  O OG  . SER A 1 16  ? 1.254   4.919   -10.878 1.00 12.37 ? 16  SER A OG  1 
ATOM   117  N N   . ALA A 1 17  ? 0.155   1.390   -11.461 1.00 7.67  ? 17  ALA A N   1 
ATOM   118  C CA  . ALA A 1 17  ? 0.941   0.170   -11.425 1.00 8.32  ? 17  ALA A CA  1 
ATOM   119  C C   . ALA A 1 17  ? 2.428   0.535   -11.411 1.00 8.53  ? 17  ALA A C   1 
ATOM   120  O O   . ALA A 1 17  ? 3.225   -0.154  -10.777 1.00 8.42  ? 17  ALA A O   1 
ATOM   121  C CB  . ALA A 1 17  ? 0.624   -0.704  -12.644 1.00 7.75  ? 17  ALA A CB  1 
ATOM   122  N N   . SER A 1 18  ? 2.799   1.609   -12.107 1.00 7.29  ? 18  SER A N   1 
ATOM   123  C CA  . SER A 1 18  ? 4.195   2.034   -12.158 1.00 8.23  ? 18  SER A CA  1 
ATOM   124  C C   . SER A 1 18  ? 4.716   2.491   -10.778 1.00 7.75  ? 18  SER A C   1 
ATOM   125  O O   . SER A 1 18  ? 5.889   2.277   -10.461 1.00 8.07  ? 18  SER A O   1 
ATOM   126  C CB  . SER A 1 18  ? 4.376   3.154   -13.194 1.00 9.13  ? 18  SER A CB  1 
ATOM   127  O OG  . SER A 1 18  ? 3.592   4.282   -12.865 1.00 10.99 ? 18  SER A OG  1 
ATOM   128  N N   . SER A 1 19  ? 3.855   3.115   -9.973  1.00 6.70  ? 19  SER A N   1 
ATOM   129  C CA  . SER A 1 19  ? 4.235   3.551   -8.629  1.00 7.33  ? 19  SER A CA  1 
ATOM   130  C C   . SER A 1 19  ? 4.427   2.300   -7.751  1.00 7.89  ? 19  SER A C   1 
ATOM   131  O O   . SER A 1 19  ? 5.380   2.197   -6.971  1.00 7.69  ? 19  SER A O   1 
ATOM   132  C CB  . SER A 1 19  ? 3.146   4.436   -8.033  1.00 6.53  ? 19  SER A CB  1 
ATOM   133  O OG  . SER A 1 19  ? 3.456   4.792   -6.697  1.00 6.50  ? 19  SER A OG  1 
ATOM   134  N N   . GLN A 1 20  ? 3.524   1.336   -7.883  1.00 6.47  ? 20  GLN A N   1 
ATOM   135  C CA  . GLN A 1 20  ? 3.668   0.124   -7.106  1.00 7.20  ? 20  GLN A CA  1 
ATOM   136  C C   . GLN A 1 20  ? 4.944   -0.624  -7.504  1.00 6.85  ? 20  GLN A C   1 
ATOM   137  O O   . GLN A 1 20  ? 5.649   -1.141  -6.641  1.00 7.79  ? 20  GLN A O   1 
ATOM   138  C CB  . GLN A 1 20  ? 2.464   -0.805  -7.293  1.00 6.32  ? 20  GLN A CB  1 
ATOM   139  C CG  . GLN A 1 20  ? 2.608   -2.066  -6.459  1.00 7.69  ? 20  GLN A CG  1 
ATOM   140  C CD  . GLN A 1 20  ? 1.546   -3.090  -6.744  1.00 9.91  ? 20  GLN A CD  1 
ATOM   141  O OE1 . GLN A 1 20  ? 1.025   -3.173  -7.863  1.00 9.74  ? 20  GLN A OE1 1 
ATOM   142  N NE2 . GLN A 1 20  ? 1.212   -3.890  -5.732  1.00 9.66  ? 20  GLN A NE2 1 
ATOM   143  N N   . ASN A 1 21  ? 5.233   -0.685  -8.801  1.00 5.92  ? 21  ASN A N   1 
ATOM   144  C CA  . ASN A 1 21  ? 6.414   -1.381  -9.317  1.00 7.45  ? 21  ASN A CA  1 
ATOM   145  C C   . ASN A 1 21  ? 7.708   -0.726  -8.841  1.00 7.30  ? 21  ASN A C   1 
ATOM   146  O O   . ASN A 1 21  ? 8.698   -1.407  -8.551  1.00 7.58  ? 21  ASN A O   1 
ATOM   147  C CB  . ASN A 1 21  ? 6.402   -1.409  -10.856 1.00 8.94  ? 21  ASN A CB  1 
ATOM   148  C CG  . ASN A 1 21  ? 5.346   -2.349  -11.420 1.00 11.19 ? 21  ASN A CG  1 
ATOM   149  O OD1 . ASN A 1 21  ? 4.867   -3.255  -10.731 1.00 12.68 ? 21  ASN A OD1 1 
ATOM   150  N ND2 . ASN A 1 21  ? 4.976   -2.131  -12.677 1.00 11.33 ? 21  ASN A ND2 1 
ATOM   151  N N   . ALA A 1 22  ? 7.693   0.598   -8.779  1.00 7.79  ? 22  ALA A N   1 
ATOM   152  C CA  . ALA A 1 22  ? 8.849   1.347   -8.322  1.00 8.85  ? 22  ALA A CA  1 
ATOM   153  C C   . ALA A 1 22  ? 9.048   1.038   -6.840  1.00 8.78  ? 22  ALA A C   1 
ATOM   154  O O   . ALA A 1 22  ? 10.175  0.803   -6.392  1.00 9.03  ? 22  ALA A O   1 
ATOM   155  C CB  . ALA A 1 22  ? 8.620   2.837   -8.527  1.00 8.77  ? 22  ALA A CB  1 
ATOM   156  N N   . TRP A 1 23  ? 7.955   1.018   -6.086  1.00 7.37  ? 23  TRP A N   1 
ATOM   157  C CA  . TRP A 1 23  ? 8.055   0.747   -4.659  1.00 8.48  ? 23  TRP A CA  1 
ATOM   158  C C   . TRP A 1 23  ? 8.514   -0.675  -4.376  1.00 8.86  ? 23  TRP A C   1 
ATOM   159  O O   . TRP A 1 23  ? 9.310   -0.915  -3.464  1.00 9.72  ? 23  TRP A O   1 
ATOM   160  C CB  . TRP A 1 23  ? 6.723   1.000   -3.959  1.00 7.70  ? 23  TRP A CB  1 
ATOM   161  C CG  . TRP A 1 23  ? 6.829   0.808   -2.487  1.00 7.67  ? 23  TRP A CG  1 
ATOM   162  C CD1 . TRP A 1 23  ? 7.286   1.715   -1.574  1.00 8.94  ? 23  TRP A CD1 1 
ATOM   163  C CD2 . TRP A 1 23  ? 6.522   -0.382  -1.754  1.00 9.03  ? 23  TRP A CD2 1 
ATOM   164  N NE1 . TRP A 1 23  ? 7.284   1.161   -0.314  1.00 9.47  ? 23  TRP A NE1 1 
ATOM   165  C CE2 . TRP A 1 23  ? 6.821   -0.124  -0.394  1.00 9.01  ? 23  TRP A CE2 1 
ATOM   166  C CE3 . TRP A 1 23  ? 6.023   -1.647  -2.116  1.00 8.12  ? 23  TRP A CE3 1 
ATOM   167  C CZ2 . TRP A 1 23  ? 6.639   -1.085  0.608   1.00 9.51  ? 23  TRP A CZ2 1 
ATOM   168  C CZ3 . TRP A 1 23  ? 5.841   -2.603  -1.113  1.00 11.14 ? 23  TRP A CZ3 1 
ATOM   169  C CH2 . TRP A 1 23  ? 6.149   -2.313  0.234   1.00 9.98  ? 23  TRP A CH2 1 
ATOM   170  N N   . LEU A 1 24  ? 8.012   -1.625  -5.158  1.00 8.37  ? 24  LEU A N   1 
ATOM   171  C CA  . LEU A 1 24  ? 8.385   -3.022  -4.969  1.00 10.33 ? 24  LEU A CA  1 
ATOM   172  C C   . LEU A 1 24  ? 9.886   -3.222  -5.166  1.00 9.96  ? 24  LEU A C   1 
ATOM   173  O O   . LEU A 1 24  ? 10.510  -3.988  -4.431  1.00 10.44 ? 24  LEU A O   1 
ATOM   174  C CB  . LEU A 1 24  ? 7.607   -3.918  -5.935  1.00 10.86 ? 24  LEU A CB  1 
ATOM   175  C CG  . LEU A 1 24  ? 6.107   -4.031  -5.618  1.00 13.11 ? 24  LEU A CG  1 
ATOM   176  C CD1 . LEU A 1 24  ? 5.392   -4.672  -6.804  1.00 14.14 ? 24  LEU A CD1 1 
ATOM   177  C CD2 . LEU A 1 24  ? 5.884   -4.854  -4.344  1.00 14.97 ? 24  LEU A CD2 1 
ATOM   178  N N   . ALA A 1 25  ? 10.462  -2.543  -6.154  1.00 8.72  ? 25  ALA A N   1 
ATOM   179  C CA  . ALA A 1 25  ? 11.889  -2.651  -6.412  1.00 8.14  ? 25  ALA A CA  1 
ATOM   180  C C   . ALA A 1 25  ? 12.667  -2.035  -5.234  1.00 8.63  ? 25  ALA A C   1 
ATOM   181  O O   . ALA A 1 25  ? 13.687  -2.577  -4.798  1.00 9.36  ? 25  ALA A O   1 
ATOM   182  C CB  . ALA A 1 25  ? 12.237  -1.945  -7.722  1.00 8.74  ? 25  ALA A CB  1 
ATOM   183  N N   . ALA A 1 26  ? 12.182  -0.918  -4.703  1.00 7.78  ? 26  ALA A N   1 
ATOM   184  C CA  . ALA A 1 26  ? 12.847  -0.273  -3.565  1.00 7.51  ? 26  ALA A CA  1 
ATOM   185  C C   . ALA A 1 26  ? 12.749  -1.169  -2.332  1.00 8.27  ? 26  ALA A C   1 
ATOM   186  O O   . ALA A 1 26  ? 13.696  -1.294  -1.557  1.00 8.39  ? 26  ALA A O   1 
ATOM   187  C CB  . ALA A 1 26  ? 12.199  1.082   -3.274  1.00 8.09  ? 26  ALA A CB  1 
ATOM   188  N N   . ASN A 1 27  ? 11.588  -1.777  -2.147  1.00 8.13  ? 27  ASN A N   1 
ATOM   189  C CA  . ASN A 1 27  ? 11.361  -2.660  -1.016  1.00 9.43  ? 27  ASN A CA  1 
ATOM   190  C C   . ASN A 1 27  ? 12.354  -3.833  -1.005  1.00 9.83  ? 27  ASN A C   1 
ATOM   191  O O   . ASN A 1 27  ? 12.777  -4.290  0.061   1.00 9.98  ? 27  ASN A O   1 
ATOM   192  C CB  . ASN A 1 27  ? 9.933   -3.193  -1.065  1.00 7.56  ? 27  ASN A CB  1 
ATOM   193  C CG  . ASN A 1 27  ? 9.568   -3.963  0.169   1.00 9.00  ? 27  ASN A CG  1 
ATOM   194  O OD1 . ASN A 1 27  ? 9.735   -3.475  1.293   1.00 10.01 ? 27  ASN A OD1 1 
ATOM   195  N ND2 . ASN A 1 27  ? 9.062   -5.182  -0.023  1.00 10.93 ? 27  ASN A ND2 1 
ATOM   196  N N   . ARG A 1 28  ? 12.714  -4.309  -2.195  1.00 10.28 ? 28  ARG A N   1 
ATOM   197  C CA  . ARG A 1 28  ? 13.657  -5.421  -2.345  1.00 11.92 ? 28  ARG A CA  1 
ATOM   198  C C   . ARG A 1 28  ? 15.103  -4.928  -2.218  1.00 12.64 ? 28  ARG A C   1 
ATOM   199  O O   . ARG A 1 28  ? 16.028  -5.731  -2.048  1.00 13.47 ? 28  ARG A O   1 
ATOM   200  C CB  . ARG A 1 28  ? 13.494  -6.081  -3.721  1.00 13.59 ? 28  ARG A CB  1 
ATOM   201  C CG  . ARG A 1 28  ? 12.327  -7.050  -3.846  1.00 17.36 ? 28  ARG A CG  1 
ATOM   202  C CD  . ARG A 1 28  ? 12.444  -7.869  -5.131  1.00 22.40 ? 28  ARG A CD  1 
ATOM   203  N NE  . ARG A 1 28  ? 13.326  -7.224  -6.104  1.00 28.41 ? 28  ARG A NE  1 
ATOM   204  C CZ  . ARG A 1 28  ? 12.907  -6.459  -7.115  1.00 32.18 ? 28  ARG A CZ  1 
ATOM   205  N NH1 . ARG A 1 28  ? 11.604  -6.237  -7.293  1.00 33.61 ? 28  ARG A NH1 1 
ATOM   206  N NH2 . ARG A 1 28  ? 13.792  -5.893  -7.937  1.00 32.54 ? 28  ARG A NH2 1 
ATOM   207  N N   . ASN A 1 29  ? 15.287  -3.613  -2.315  1.00 10.26 ? 29  ASN A N   1 
ATOM   208  C CA  . ASN A 1 29  ? 16.607  -2.996  -2.232  1.00 10.09 ? 29  ASN A CA  1 
ATOM   209  C C   . ASN A 1 29  ? 16.563  -1.832  -1.253  1.00 8.75  ? 29  ASN A C   1 
ATOM   210  O O   . ASN A 1 29  ? 17.051  -0.751  -1.570  1.00 9.11  ? 29  ASN A O   1 
ATOM   211  C CB  . ASN A 1 29  ? 17.029  -2.460  -3.607  1.00 11.72 ? 29  ASN A CB  1 
ATOM   212  C CG  . ASN A 1 29  ? 17.209  -3.553  -4.631  1.00 13.56 ? 29  ASN A CG  1 
ATOM   213  O OD1 . ASN A 1 29  ? 18.261  -4.190  -4.703  1.00 16.31 ? 29  ASN A OD1 1 
ATOM   214  N ND2 . ASN A 1 29  ? 16.180  -3.783  -5.433  1.00 14.73 ? 29  ASN A ND2 1 
ATOM   215  N N   . GLN A 1 30  ? 15.996  -2.049  -0.068  1.00 7.97  ? 30  GLN A N   1 
ATOM   216  C CA  . GLN A 1 30  ? 15.873  -0.977  0.920   1.00 9.36  ? 30  GLN A CA  1 
ATOM   217  C C   . GLN A 1 30  ? 17.179  -0.258  1.243   1.00 10.04 ? 30  GLN A C   1 
ATOM   218  O O   . GLN A 1 30  ? 17.197  0.960   1.395   1.00 10.93 ? 30  GLN A O   1 
ATOM   219  C CB  . GLN A 1 30  ? 15.250  -1.510  2.203   1.00 9.79  ? 30  GLN A CB  1 
ATOM   220  C CG  . GLN A 1 30  ? 13.809  -1.928  2.034   1.00 9.21  ? 30  GLN A CG  1 
ATOM   221  C CD  . GLN A 1 30  ? 13.248  -2.606  3.266   1.00 11.01 ? 30  GLN A CD  1 
ATOM   222  O OE1 . GLN A 1 30  ? 13.854  -2.580  4.343   1.00 13.26 ? 30  GLN A OE1 1 
ATOM   223  N NE2 . GLN A 1 30  ? 12.083  -3.214  3.119   1.00 9.67  ? 30  GLN A NE2 1 
ATOM   224  N N   . SER A 1 31  ? 18.269  -1.014  1.333   1.00 11.40 ? 31  SER A N   1 
ATOM   225  C CA  . SER A 1 31  ? 19.581  -0.446  1.647   1.00 11.56 ? 31  SER A CA  1 
ATOM   226  C C   . SER A 1 31  ? 20.036  0.597   0.629   1.00 11.76 ? 31  SER A C   1 
ATOM   227  O O   . SER A 1 31  ? 20.776  1.523   0.973   1.00 12.14 ? 31  SER A O   1 
ATOM   228  C CB  . SER A 1 31  ? 20.629  -1.564  1.758   1.00 11.99 ? 31  SER A CB  1 
ATOM   229  O OG  . SER A 1 31  ? 20.751  -2.275  0.541   1.00 13.84 ? 31  SER A OG  1 
ATOM   230  N N   . ALA A 1 32  ? 19.610  0.443   -0.623  1.00 11.43 ? 32  ALA A N   1 
ATOM   231  C CA  . ALA A 1 32  ? 19.966  1.381   -1.678  1.00 11.47 ? 32  ALA A CA  1 
ATOM   232  C C   . ALA A 1 32  ? 19.281  2.735   -1.433  1.00 11.74 ? 32  ALA A C   1 
ATOM   233  O O   . ALA A 1 32  ? 19.669  3.752   -2.016  1.00 13.79 ? 32  ALA A O   1 
ATOM   234  C CB  . ALA A 1 32  ? 19.552  0.817   -3.045  1.00 11.00 ? 32  ALA A CB  1 
ATOM   235  N N   . TRP A 1 33  ? 18.272  2.735   -0.563  1.00 10.41 ? 33  TRP A N   1 
ATOM   236  C CA  . TRP A 1 33  ? 17.512  3.943   -0.238  1.00 11.23 ? 33  TRP A CA  1 
ATOM   237  C C   . TRP A 1 33  ? 17.806  4.455   1.162   1.00 10.67 ? 33  TRP A C   1 
ATOM   238  O O   . TRP A 1 33  ? 17.075  5.295   1.682   1.00 10.41 ? 33  TRP A O   1 
ATOM   239  C CB  . TRP A 1 33  ? 16.007  3.656   -0.381  1.00 12.03 ? 33  TRP A CB  1 
ATOM   240  C CG  . TRP A 1 33  ? 15.634  3.398   -1.819  1.00 12.76 ? 33  TRP A CG  1 
ATOM   241  C CD1 . TRP A 1 33  ? 15.672  2.195   -2.476  1.00 13.32 ? 33  TRP A CD1 1 
ATOM   242  C CD2 . TRP A 1 33  ? 15.310  4.386   -2.809  1.00 13.12 ? 33  TRP A CD2 1 
ATOM   243  N NE1 . TRP A 1 33  ? 15.403  2.377   -3.818  1.00 13.04 ? 33  TRP A NE1 1 
ATOM   244  C CE2 . TRP A 1 33  ? 15.178  3.708   -4.050  1.00 13.55 ? 33  TRP A CE2 1 
ATOM   245  C CE3 . TRP A 1 33  ? 15.125  5.779   -2.771  1.00 14.12 ? 33  TRP A CE3 1 
ATOM   246  C CZ2 . TRP A 1 33  ? 14.867  4.381   -5.247  1.00 14.14 ? 33  TRP A CZ2 1 
ATOM   247  C CZ3 . TRP A 1 33  ? 14.819  6.448   -3.963  1.00 15.02 ? 33  TRP A CZ3 1 
ATOM   248  C CH2 . TRP A 1 33  ? 14.694  5.745   -5.183  1.00 14.11 ? 33  TRP A CH2 1 
ATOM   249  N N   . ALA A 1 34  ? 18.877  3.942   1.765   1.00 11.37 ? 34  ALA A N   1 
ATOM   250  C CA  . ALA A 1 34  ? 19.271  4.321   3.122   1.00 10.59 ? 34  ALA A CA  1 
ATOM   251  C C   . ALA A 1 34  ? 19.393  5.830   3.339   1.00 9.60  ? 34  ALA A C   1 
ATOM   252  O O   . ALA A 1 34  ? 19.071  6.330   4.417   1.00 10.60 ? 34  ALA A O   1 
ATOM   253  C CB  . ALA A 1 34  ? 20.595  3.634   3.489   1.00 10.85 ? 34  ALA A CB  1 
ATOM   254  N N   . ALA A 1 35  ? 19.859  6.554   2.322   1.00 9.33  ? 35  ALA A N   1 
ATOM   255  C CA  . ALA A 1 35  ? 20.021  8.005   2.438   1.00 10.32 ? 35  ALA A CA  1 
ATOM   256  C C   . ALA A 1 35  ? 18.718  8.706   2.827   1.00 10.57 ? 35  ALA A C   1 
ATOM   257  O O   . ALA A 1 35  ? 18.739  9.723   3.519   1.00 10.76 ? 35  ALA A O   1 
ATOM   258  C CB  . ALA A 1 35  ? 20.554  8.585   1.122   1.00 11.12 ? 35  ALA A CB  1 
ATOM   259  N N   . TYR A 1 36  ? 17.586  8.140   2.400   1.00 10.68 ? 36  TYR A N   1 
ATOM   260  C CA  . TYR A 1 36  ? 16.269  8.723   2.667   1.00 9.25  ? 36  TYR A CA  1 
ATOM   261  C C   . TYR A 1 36  ? 15.677  8.473   4.045   1.00 9.64  ? 36  TYR A C   1 
ATOM   262  O O   . TYR A 1 36  ? 14.715  9.131   4.442   1.00 10.07 ? 36  TYR A O   1 
ATOM   263  C CB  . TYR A 1 36  ? 15.283  8.266   1.581   1.00 9.22  ? 36  TYR A CB  1 
ATOM   264  C CG  . TYR A 1 36  ? 15.593  8.875   0.239   1.00 9.17  ? 36  TYR A CG  1 
ATOM   265  C CD1 . TYR A 1 36  ? 16.568  8.314   -0.595  1.00 9.48  ? 36  TYR A CD1 1 
ATOM   266  C CD2 . TYR A 1 36  ? 14.970  10.054  -0.173  1.00 9.60  ? 36  TYR A CD2 1 
ATOM   267  C CE1 . TYR A 1 36  ? 16.922  8.917   -1.803  1.00 9.88  ? 36  TYR A CE1 1 
ATOM   268  C CE2 . TYR A 1 36  ? 15.318  10.664  -1.376  1.00 9.96  ? 36  TYR A CE2 1 
ATOM   269  C CZ  . TYR A 1 36  ? 16.295  10.093  -2.184  1.00 9.59  ? 36  TYR A CZ  1 
ATOM   270  O OH  . TYR A 1 36  ? 16.653  10.700  -3.359  1.00 12.32 ? 36  TYR A OH  1 
ATOM   271  N N   . GLU A 1 37  ? 16.243  7.512   4.771   1.00 9.31  ? 37  GLU A N   1 
ATOM   272  C CA  . GLU A 1 37  ? 15.770  7.198   6.116   1.00 10.49 ? 37  GLU A CA  1 
ATOM   273  C C   . GLU A 1 37  ? 14.252  7.010   6.187   1.00 9.63  ? 37  GLU A C   1 
ATOM   274  O O   . GLU A 1 37  ? 13.575  7.580   7.034   1.00 9.91  ? 37  GLU A O   1 
ATOM   275  C CB  . GLU A 1 37  ? 16.203  8.300   7.095   1.00 13.54 ? 37  GLU A CB  1 
ATOM   276  C CG  . GLU A 1 37  ? 17.709  8.548   7.082   1.00 17.71 ? 37  GLU A CG  1 
ATOM   277  C CD  . GLU A 1 37  ? 18.142  9.650   8.037   1.00 20.89 ? 37  GLU A CD  1 
ATOM   278  O OE1 . GLU A 1 37  ? 17.488  9.823   9.097   1.00 22.89 ? 37  GLU A OE1 1 
ATOM   279  O OE2 . GLU A 1 37  ? 19.143  10.333  7.717   1.00 22.52 ? 37  GLU A OE2 1 
ATOM   280  N N   . PHE A 1 38  ? 13.729  6.198   5.283   1.00 9.59  ? 38  PHE A N   1 
ATOM   281  C CA  . PHE A 1 38  ? 12.305  5.913   5.258   1.00 9.87  ? 38  PHE A CA  1 
ATOM   282  C C   . PHE A 1 38  ? 12.009  4.908   6.374   1.00 8.84  ? 38  PHE A C   1 
ATOM   283  O O   . PHE A 1 38  ? 12.897  4.161   6.794   1.00 9.06  ? 38  PHE A O   1 
ATOM   284  C CB  . PHE A 1 38  ? 11.921  5.274   3.906   1.00 8.80  ? 38  PHE A CB  1 
ATOM   285  C CG  . PHE A 1 38  ? 11.765  6.261   2.762   1.00 8.52  ? 38  PHE A CG  1 
ATOM   286  C CD1 . PHE A 1 38  ? 10.919  7.368   2.877   1.00 10.02 ? 38  PHE A CD1 1 
ATOM   287  C CD2 . PHE A 1 38  ? 12.457  6.070   1.569   1.00 9.71  ? 38  PHE A CD2 1 
ATOM   288  C CE1 . PHE A 1 38  ? 10.766  8.274   1.804   1.00 10.67 ? 38  PHE A CE1 1 
ATOM   289  C CE2 . PHE A 1 38  ? 12.314  6.967   0.497   1.00 10.28 ? 38  PHE A CE2 1 
ATOM   290  C CZ  . PHE A 1 38  ? 11.468  8.069   0.619   1.00 9.51  ? 38  PHE A CZ  1 
ATOM   291  N N   . ASP A 1 39  ? 10.768  4.899   6.850   1.00 8.94  ? 39  ASP A N   1 
ATOM   292  C CA  . ASP A 1 39  ? 10.336  3.930   7.847   1.00 9.42  ? 39  ASP A CA  1 
ATOM   293  C C   . ASP A 1 39  ? 9.866   2.724   6.995   1.00 10.59 ? 39  ASP A C   1 
ATOM   294  O O   . ASP A 1 39  ? 8.845   2.806   6.291   1.00 10.34 ? 39  ASP A O   1 
ATOM   295  C CB  . ASP A 1 39  ? 9.174   4.493   8.677   1.00 10.28 ? 39  ASP A CB  1 
ATOM   296  C CG  . ASP A 1 39  ? 8.629   3.490   9.680   1.00 9.26  ? 39  ASP A CG  1 
ATOM   297  O OD1 . ASP A 1 39  ? 8.962   2.293   9.578   1.00 10.15 ? 39  ASP A OD1 1 
ATOM   298  O OD2 . ASP A 1 39  ? 7.863   3.904   10.571  1.00 12.58 ? 39  ASP A OD2 1 
ATOM   299  N N   . TRP A 1 40  ? 10.620  1.624   7.049   1.00 9.20  ? 40  TRP A N   1 
ATOM   300  C CA  . TRP A 1 40  ? 10.306  0.421   6.272   1.00 8.91  ? 40  TRP A CA  1 
ATOM   301  C C   . TRP A 1 40  ? 9.595   -0.640  7.089   1.00 9.52  ? 40  TRP A C   1 
ATOM   302  O O   . TRP A 1 40  ? 9.473   -1.784  6.654   1.00 10.57 ? 40  TRP A O   1 
ATOM   303  C CB  . TRP A 1 40  ? 11.592  -0.167  5.676   1.00 9.53  ? 40  TRP A CB  1 
ATOM   304  C CG  . TRP A 1 40  ? 12.166  0.637   4.528   1.00 9.74  ? 40  TRP A CG  1 
ATOM   305  C CD1 . TRP A 1 40  ? 13.243  1.486   4.570   1.00 9.70  ? 40  TRP A CD1 1 
ATOM   306  C CD2 . TRP A 1 40  ? 11.703  0.649   3.174   1.00 8.88  ? 40  TRP A CD2 1 
ATOM   307  N NE1 . TRP A 1 40  ? 13.478  2.020   3.324   1.00 11.44 ? 40  TRP A NE1 1 
ATOM   308  C CE2 . TRP A 1 40  ? 12.548  1.526   2.449   1.00 10.93 ? 40  TRP A CE2 1 
ATOM   309  C CE3 . TRP A 1 40  ? 10.657  0.003   2.503   1.00 9.25  ? 40  TRP A CE3 1 
ATOM   310  C CZ2 . TRP A 1 40  ? 12.375  1.774   1.076   1.00 10.84 ? 40  TRP A CZ2 1 
ATOM   311  C CZ3 . TRP A 1 40  ? 10.487  0.252   1.136   1.00 10.38 ? 40  TRP A CZ3 1 
ATOM   312  C CH2 . TRP A 1 40  ? 11.345  1.129   0.442   1.00 9.45  ? 40  TRP A CH2 1 
ATOM   313  N N   . SER A 1 41  ? 9.117   -0.263  8.270   1.00 8.16  ? 41  SER A N   1 
ATOM   314  C CA  . SER A 1 41  ? 8.421   -1.208  9.133   1.00 9.83  ? 41  SER A CA  1 
ATOM   315  C C   . SER A 1 41  ? 6.988   -1.448  8.654   1.00 9.64  ? 41  SER A C   1 
ATOM   316  O O   . SER A 1 41  ? 6.314   -0.529  8.164   1.00 9.65  ? 41  SER A O   1 
ATOM   317  C CB  . SER A 1 41  ? 8.425   -0.713  10.587  1.00 10.12 ? 41  SER A CB  1 
ATOM   318  O OG  . SER A 1 41  ? 7.512   0.352   10.794  1.00 11.75 ? 41  SER A OG  1 
ATOM   319  N N   . THR A 1 42  ? 6.535   -2.691  8.799   1.00 9.47  ? 42  THR A N   1 
ATOM   320  C CA  . THR A 1 42  ? 5.191   -3.102  8.382   1.00 10.60 ? 42  THR A CA  1 
ATOM   321  C C   . THR A 1 42  ? 4.685   -4.323  9.167   1.00 11.13 ? 42  THR A C   1 
ATOM   322  O O   . THR A 1 42  ? 5.471   -5.189  9.581   1.00 12.62 ? 42  THR A O   1 
ATOM   323  C CB  . THR A 1 42  ? 5.173   -3.450  6.859   1.00 9.39  ? 42  THR A CB  1 
ATOM   324  O OG1 . THR A 1 42  ? 3.879   -3.942  6.488   1.00 9.01  ? 42  THR A OG1 1 
ATOM   325  C CG2 . THR A 1 42  ? 6.214   -4.512  6.535   1.00 8.80  ? 42  THR A CG2 1 
ATOM   326  N N   . ASP A 1 43  ? 3.374   -4.375  9.383   1.00 12.00 ? 43  ASP A N   1 
ATOM   327  C CA  . ASP A 1 43  ? 2.740   -5.496  10.071  1.00 13.04 ? 43  ASP A CA  1 
ATOM   328  C C   . ASP A 1 43  ? 2.109   -6.394  8.993   1.00 11.94 ? 43  ASP A C   1 
ATOM   329  O O   . ASP A 1 43  ? 1.428   -7.370  9.301   1.00 12.40 ? 43  ASP A O   1 
ATOM   330  C CB  . ASP A 1 43  ? 1.626   -4.996  11.004  1.00 17.80 ? 43  ASP A CB  1 
ATOM   331  C CG  . ASP A 1 43  ? 2.129   -4.022  12.069  1.00 22.32 ? 43  ASP A CG  1 
ATOM   332  O OD1 . ASP A 1 43  ? 1.373   -3.088  12.430  1.00 25.37 ? 43  ASP A OD1 1 
ATOM   333  O OD2 . ASP A 1 43  ? 3.270   -4.192  12.545  1.00 25.41 ? 43  ASP A OD2 1 
ATOM   334  N N   . LEU A 1 44  ? 2.367   -6.060  7.730   1.00 11.52 ? 44  LEU A N   1 
ATOM   335  C CA  . LEU A 1 44  ? 1.768   -6.762  6.600   1.00 12.65 ? 44  LEU A CA  1 
ATOM   336  C C   . LEU A 1 44  ? 0.248   -6.650  6.821   1.00 12.15 ? 44  LEU A C   1 
ATOM   337  O O   . LEU A 1 44  ? -0.241  -5.575  7.187   1.00 12.36 ? 44  LEU A O   1 
ATOM   338  C CB  . LEU A 1 44  ? 2.246   -8.214  6.542   1.00 12.33 ? 44  LEU A CB  1 
ATOM   339  C CG  . LEU A 1 44  ? 3.774   -8.329  6.421   1.00 13.04 ? 44  LEU A CG  1 
ATOM   340  C CD1 . LEU A 1 44  ? 4.169   -9.782  6.346   1.00 13.80 ? 44  LEU A CD1 1 
ATOM   341  C CD2 . LEU A 1 44  ? 4.275   -7.579  5.204   1.00 12.72 ? 44  LEU A CD2 1 
ATOM   342  N N   . CYS A 1 45  ? -0.506  -7.726  6.624   1.00 11.88 ? 45  CYS A N   1 
ATOM   343  C CA  . CYS A 1 45  ? -1.959  -7.630  6.815   1.00 10.89 ? 45  CYS A CA  1 
ATOM   344  C C   . CYS A 1 45  ? -2.463  -8.157  8.160   1.00 12.35 ? 45  CYS A C   1 
ATOM   345  O O   . CYS A 1 45  ? -3.642  -8.476  8.295   1.00 11.77 ? 45  CYS A O   1 
ATOM   346  C CB  . CYS A 1 45  ? -2.691  -8.371  5.689   1.00 9.28  ? 45  CYS A CB  1 
ATOM   347  S SG  . CYS A 1 45  ? -2.285  -7.833  3.991   1.00 9.41  ? 45  CYS A SG  1 
ATOM   348  N N   . THR A 1 46  ? -1.589  -8.225  9.164   1.00 13.33 ? 46  THR A N   1 
ATOM   349  C CA  . THR A 1 46  ? -1.993  -8.747  10.473  1.00 14.26 ? 46  THR A CA  1 
ATOM   350  C C   . THR A 1 46  ? -3.045  -7.913  11.202  1.00 13.96 ? 46  THR A C   1 
ATOM   351  O O   . THR A 1 46  ? -3.761  -8.424  12.061  1.00 16.37 ? 46  THR A O   1 
ATOM   352  C CB  . THR A 1 46  ? -0.760  -8.952  11.415  1.00 14.61 ? 46  THR A CB  1 
ATOM   353  O OG1 . THR A 1 46  ? -0.216  -7.684  11.802  1.00 18.02 ? 46  THR A OG1 1 
ATOM   354  C CG2 . THR A 1 46  ? 0.310   -9.758  10.714  1.00 15.63 ? 46  THR A CG2 1 
ATOM   355  N N   . GLN A 1 47  ? -3.151  -6.635  10.862  1.00 14.21 ? 47  GLN A N   1 
ATOM   356  C CA  . GLN A 1 47  ? -4.134  -5.783  11.515  1.00 16.42 ? 47  GLN A CA  1 
ATOM   357  C C   . GLN A 1 47  ? -5.328  -5.505  10.605  1.00 15.64 ? 47  GLN A C   1 
ATOM   358  O O   . GLN A 1 47  ? -6.122  -4.595  10.854  1.00 15.65 ? 47  GLN A O   1 
ATOM   359  C CB  . GLN A 1 47  ? -3.465  -4.481  11.949  1.00 21.03 ? 47  GLN A CB  1 
ATOM   360  C CG  . GLN A 1 47  ? -2.005  -4.685  12.363  1.00 28.22 ? 47  GLN A CG  1 
ATOM   361  C CD  . GLN A 1 47  ? -1.741  -4.311  13.814  1.00 31.70 ? 47  GLN A CD  1 
ATOM   362  O OE1 . GLN A 1 47  ? -1.906  -3.151  14.211  1.00 34.20 ? 47  GLN A OE1 1 
ATOM   363  N NE2 . GLN A 1 47  ? -1.324  -5.294  14.613  1.00 33.60 ? 47  GLN A NE2 1 
ATOM   364  N N   . ALA A 1 48  ? -5.447  -6.310  9.554   1.00 14.38 ? 48  ALA A N   1 
ATOM   365  C CA  . ALA A 1 48  ? -6.537  -6.183  8.592   1.00 13.64 ? 48  ALA A CA  1 
ATOM   366  C C   . ALA A 1 48  ? -7.648  -7.193  8.923   1.00 13.13 ? 48  ALA A C   1 
ATOM   367  O O   . ALA A 1 48  ? -7.469  -8.062  9.780   1.00 12.99 ? 48  ALA A O   1 
ATOM   368  C CB  . ALA A 1 48  ? -6.009  -6.416  7.184   1.00 12.86 ? 48  ALA A CB  1 
ATOM   369  N N   . PRO A 1 49  ? -8.826  -7.064  8.269   1.00 13.32 ? 49  PRO A N   1 
ATOM   370  C CA  . PRO A 1 49  ? -9.942  -7.986  8.513   1.00 13.24 ? 49  PRO A CA  1 
ATOM   371  C C   . PRO A 1 49  ? -9.617  -9.397  8.014   1.00 13.30 ? 49  PRO A C   1 
ATOM   372  O O   . PRO A 1 49  ? -8.567  -9.631  7.408   1.00 12.72 ? 49  PRO A O   1 
ATOM   373  C CB  . PRO A 1 49  ? -11.114 -7.363  7.737   1.00 13.16 ? 49  PRO A CB  1 
ATOM   374  C CG  . PRO A 1 49  ? -10.675 -5.951  7.416   1.00 13.32 ? 49  PRO A CG  1 
ATOM   375  C CD  . PRO A 1 49  ? -9.189  -6.024  7.285   1.00 13.13 ? 49  PRO A CD  1 
ATOM   376  N N   . ASP A 1 50  ? -10.526 -10.330 8.259   1.00 13.08 ? 50  ASP A N   1 
ATOM   377  C CA  . ASP A 1 50  ? -10.318 -11.706 7.832   1.00 15.86 ? 50  ASP A CA  1 
ATOM   378  C C   . ASP A 1 50  ? -10.147 -11.814 6.312   1.00 13.96 ? 50  ASP A C   1 
ATOM   379  O O   . ASP A 1 50  ? -10.622 -10.976 5.555   1.00 14.69 ? 50  ASP A O   1 
ATOM   380  C CB  . ASP A 1 50  ? -11.482 -12.583 8.308   1.00 20.06 ? 50  ASP A CB  1 
ATOM   381  C CG  . ASP A 1 50  ? -11.791 -12.389 9.790   1.00 24.83 ? 50  ASP A CG  1 
ATOM   382  O OD1 . ASP A 1 50  ? -12.876 -11.858 10.113  1.00 27.57 ? 50  ASP A OD1 1 
ATOM   383  O OD2 . ASP A 1 50  ? -10.943 -12.761 10.631  1.00 26.20 ? 50  ASP A OD2 1 
ATOM   384  N N   . ASN A 1 51  ? -9.452  -12.860 5.891   1.00 13.32 ? 51  ASN A N   1 
ATOM   385  C CA  . ASN A 1 51  ? -9.156  -13.138 4.487   1.00 12.85 ? 51  ASN A CA  1 
ATOM   386  C C   . ASN A 1 51  ? -9.400  -14.651 4.382   1.00 12.97 ? 51  ASN A C   1 
ATOM   387  O O   . ASN A 1 51  ? -8.463  -15.445 4.270   1.00 12.46 ? 51  ASN A O   1 
ATOM   388  C CB  . ASN A 1 51  ? -7.682  -12.790 4.239   1.00 13.43 ? 51  ASN A CB  1 
ATOM   389  C CG  . ASN A 1 51  ? -7.261  -12.971 2.806   1.00 11.26 ? 51  ASN A CG  1 
ATOM   390  O OD1 . ASN A 1 51  ? -8.046  -13.383 1.959   1.00 12.34 ? 51  ASN A OD1 1 
ATOM   391  N ND2 . ASN A 1 51  ? -6.000  -12.662 2.526   1.00 12.15 ? 51  ASN A ND2 1 
ATOM   392  N N   . PRO A 1 52  ? -10.678 -15.065 4.387   1.00 12.53 ? 52  PRO A N   1 
ATOM   393  C CA  . PRO A 1 52  ? -11.020 -16.495 4.315   1.00 12.55 ? 52  PRO A CA  1 
ATOM   394  C C   . PRO A 1 52  ? -10.501 -17.304 3.140   1.00 11.53 ? 52  PRO A C   1 
ATOM   395  O O   . PRO A 1 52  ? -10.261 -18.497 3.279   1.00 12.23 ? 52  PRO A O   1 
ATOM   396  C CB  . PRO A 1 52  ? -12.553 -16.514 4.394   1.00 12.82 ? 52  PRO A CB  1 
ATOM   397  C CG  . PRO A 1 52  ? -12.973 -15.130 3.957   1.00 14.10 ? 52  PRO A CG  1 
ATOM   398  C CD  . PRO A 1 52  ? -11.874 -14.202 4.402   1.00 13.04 ? 52  PRO A CD  1 
ATOM   399  N N   . PHE A 1 53  ? -10.319 -16.675 1.987   1.00 10.85 ? 53  PHE A N   1 
ATOM   400  C CA  . PHE A 1 53  ? -9.852  -17.409 0.829   1.00 11.53 ? 53  PHE A CA  1 
ATOM   401  C C   . PHE A 1 53  ? -8.347  -17.327 0.629   1.00 12.09 ? 53  PHE A C   1 
ATOM   402  O O   . PHE A 1 53  ? -7.803  -17.947 -0.275  1.00 12.26 ? 53  PHE A O   1 
ATOM   403  C CB  . PHE A 1 53  ? -10.639 -16.949 -0.401  1.00 14.94 ? 53  PHE A CB  1 
ATOM   404  C CG  . PHE A 1 53  ? -12.124 -16.985 -0.177  1.00 18.33 ? 53  PHE A CG  1 
ATOM   405  C CD1 . PHE A 1 53  ? -12.891 -15.829 -0.256  1.00 18.28 ? 53  PHE A CD1 1 
ATOM   406  C CD2 . PHE A 1 53  ? -12.737 -18.170 0.254   1.00 20.43 ? 53  PHE A CD2 1 
ATOM   407  C CE1 . PHE A 1 53  ? -14.246 -15.844 0.100   1.00 20.45 ? 53  PHE A CE1 1 
ATOM   408  C CE2 . PHE A 1 53  ? -14.091 -18.197 0.613   1.00 20.56 ? 53  PHE A CE2 1 
ATOM   409  C CZ  . PHE A 1 53  ? -14.845 -17.028 0.538   1.00 21.17 ? 53  PHE A CZ  1 
ATOM   410  N N   . GLY A 1 54  ? -7.683  -16.575 1.506   1.00 11.70 ? 54  GLY A N   1 
ATOM   411  C CA  . GLY A 1 54  ? -6.236  -16.451 1.451   1.00 10.30 ? 54  GLY A CA  1 
ATOM   412  C C   . GLY A 1 54  ? -5.602  -15.770 0.253   1.00 9.15  ? 54  GLY A C   1 
ATOM   413  O O   . GLY A 1 54  ? -4.582  -16.233 -0.253  1.00 10.16 ? 54  GLY A O   1 
ATOM   414  N N   . PHE A 1 55  ? -6.197  -14.680 -0.221  1.00 8.93  ? 55  PHE A N   1 
ATOM   415  C CA  . PHE A 1 55  ? -5.613  -13.961 -1.347  1.00 9.22  ? 55  PHE A CA  1 
ATOM   416  C C   . PHE A 1 55  ? -4.331  -13.304 -0.843  1.00 9.25  ? 55  PHE A C   1 
ATOM   417  O O   . PHE A 1 55  ? -4.280  -12.796 0.284   1.00 9.53  ? 55  PHE A O   1 
ATOM   418  C CB  . PHE A 1 55  ? -6.595  -12.911 -1.889  1.00 9.38  ? 55  PHE A CB  1 
ATOM   419  C CG  . PHE A 1 55  ? -7.879  -13.506 -2.412  1.00 8.75  ? 55  PHE A CG  1 
ATOM   420  C CD1 . PHE A 1 55  ? -7.870  -14.324 -3.539  1.00 9.81  ? 55  PHE A CD1 1 
ATOM   421  C CD2 . PHE A 1 55  ? -9.087  -13.277 -1.756  1.00 8.55  ? 55  PHE A CD2 1 
ATOM   422  C CE1 . PHE A 1 55  ? -9.055  -14.916 -4.004  1.00 9.81  ? 55  PHE A CE1 1 
ATOM   423  C CE2 . PHE A 1 55  ? -10.274 -13.863 -2.211  1.00 8.99  ? 55  PHE A CE2 1 
ATOM   424  C CZ  . PHE A 1 55  ? -10.255 -14.681 -3.334  1.00 8.63  ? 55  PHE A CZ  1 
ATOM   425  N N   . PRO A 1 56  ? -3.274  -13.326 -1.671  1.00 9.49  ? 56  PRO A N   1 
ATOM   426  C CA  . PRO A 1 56  ? -1.969  -12.738 -1.321  1.00 9.66  ? 56  PRO A CA  1 
ATOM   427  C C   . PRO A 1 56  ? -1.966  -11.210 -1.355  1.00 8.93  ? 56  PRO A C   1 
ATOM   428  O O   . PRO A 1 56  ? -1.545  -10.605 -2.350  1.00 10.90 ? 56  PRO A O   1 
ATOM   429  C CB  . PRO A 1 56  ? -1.012  -13.334 -2.361  1.00 10.27 ? 56  PRO A CB  1 
ATOM   430  C CG  . PRO A 1 56  ? -1.880  -13.653 -3.545  1.00 10.54 ? 56  PRO A CG  1 
ATOM   431  C CD  . PRO A 1 56  ? -3.269  -13.943 -3.013  1.00 10.76 ? 56  PRO A CD  1 
ATOM   432  N N   . PHE A 1 57  ? -2.418  -10.603 -0.259  1.00 8.17  ? 57  PHE A N   1 
ATOM   433  C CA  . PHE A 1 57  ? -2.505  -9.145  -0.142  1.00 8.67  ? 57  PHE A CA  1 
ATOM   434  C C   . PHE A 1 57  ? -1.373  -8.527  0.690   1.00 9.06  ? 57  PHE A C   1 
ATOM   435  O O   . PHE A 1 57  ? -1.323  -7.311  0.866   1.00 8.09  ? 57  PHE A O   1 
ATOM   436  C CB  . PHE A 1 57  ? -3.840  -8.756  0.507   1.00 8.56  ? 57  PHE A CB  1 
ATOM   437  C CG  . PHE A 1 57  ? -5.047  -8.939  -0.385  1.00 9.89  ? 57  PHE A CG  1 
ATOM   438  C CD1 . PHE A 1 57  ? -4.918  -9.046  -1.776  1.00 10.42 ? 57  PHE A CD1 1 
ATOM   439  C CD2 . PHE A 1 57  ? -6.323  -8.944  0.168   1.00 10.80 ? 57  PHE A CD2 1 
ATOM   440  C CE1 . PHE A 1 57  ? -6.049  -9.149  -2.595  1.00 10.09 ? 57  PHE A CE1 1 
ATOM   441  C CE2 . PHE A 1 57  ? -7.456  -9.045  -0.645  1.00 11.90 ? 57  PHE A CE2 1 
ATOM   442  C CZ  . PHE A 1 57  ? -7.314  -9.145  -2.023  1.00 8.50  ? 57  PHE A CZ  1 
ATOM   443  N N   . ASN A 1 58  ? -0.467  -9.357  1.201   1.00 8.84  ? 58  ASN A N   1 
ATOM   444  C CA  . ASN A 1 58  ? 0.624   -8.852  2.030   1.00 8.74  ? 58  ASN A CA  1 
ATOM   445  C C   . ASN A 1 58  ? 1.400   -7.666  1.459   1.00 8.73  ? 58  ASN A C   1 
ATOM   446  O O   . ASN A 1 58  ? 1.658   -6.715  2.189   1.00 8.73  ? 58  ASN A O   1 
ATOM   447  C CB  . ASN A 1 58  ? 1.588   -9.986  2.374   1.00 9.34  ? 58  ASN A CB  1 
ATOM   448  C CG  . ASN A 1 58  ? 1.031   -10.908 3.442   1.00 10.64 ? 58  ASN A CG  1 
ATOM   449  O OD1 . ASN A 1 58  ? -0.046  -10.667 3.990   1.00 12.27 ? 58  ASN A OD1 1 
ATOM   450  N ND2 . ASN A 1 58  ? 1.769   -11.972 3.748   1.00 14.40 ? 58  ASN A ND2 1 
ATOM   451  N N   . THR A 1 59  ? 1.790   -7.712  0.184   1.00 8.07  ? 59  THR A N   1 
ATOM   452  C CA  . THR A 1 59  ? 2.533   -6.590  -0.397  1.00 9.63  ? 59  THR A CA  1 
ATOM   453  C C   . THR A 1 59  ? 1.669   -5.337  -0.540  1.00 9.88  ? 59  THR A C   1 
ATOM   454  O O   . THR A 1 59  ? 2.185   -4.215  -0.522  1.00 8.53  ? 59  THR A O   1 
ATOM   455  C CB  . THR A 1 59  ? 3.128   -6.923  -1.790  1.00 12.51 ? 59  THR A CB  1 
ATOM   456  O OG1 . THR A 1 59  ? 2.068   -7.211  -2.710  1.00 16.86 ? 59  THR A OG1 1 
ATOM   457  C CG2 . THR A 1 59  ? 4.082   -8.104  -1.699  1.00 13.41 ? 59  THR A CG2 1 
ATOM   458  N N   . ALA A 1 60  ? 0.360   -5.526  -0.692  1.00 8.33  ? 60  ALA A N   1 
ATOM   459  C CA  . ALA A 1 60  ? -0.553  -4.397  -0.805  1.00 7.57  ? 60  ALA A CA  1 
ATOM   460  C C   . ALA A 1 60  ? -0.547  -3.737  0.563   1.00 7.29  ? 60  ALA A C   1 
ATOM   461  O O   . ALA A 1 60  ? -0.436  -2.519  0.677   1.00 6.72  ? 60  ALA A O   1 
ATOM   462  C CB  . ALA A 1 60  ? -1.969  -4.884  -1.156  1.00 7.32  ? 60  ALA A CB  1 
ATOM   463  N N   . CYS A 1 61  ? -0.673  -4.556  1.606   1.00 6.16  ? 61  CYS A N   1 
ATOM   464  C CA  . CYS A 1 61  ? -0.661  -4.050  2.973   1.00 6.26  ? 61  CYS A CA  1 
ATOM   465  C C   . CYS A 1 61  ? 0.663   -3.357  3.320   1.00 6.94  ? 61  CYS A C   1 
ATOM   466  O O   . CYS A 1 61  ? 0.659   -2.314  3.984   1.00 6.49  ? 61  CYS A O   1 
ATOM   467  C CB  . CYS A 1 61  ? -0.883  -5.180  3.968   1.00 7.68  ? 61  CYS A CB  1 
ATOM   468  S SG  . CYS A 1 61  ? -2.579  -5.824  3.986   1.00 8.68  ? 61  CYS A SG  1 
ATOM   469  N N   . ALA A 1 62  ? 1.779   -3.944  2.879   1.00 6.42  ? 62  ALA A N   1 
ATOM   470  C CA  . ALA A 1 62  ? 3.101   -3.384  3.163   1.00 7.01  ? 62  ALA A CA  1 
ATOM   471  C C   . ALA A 1 62  ? 3.274   -1.981  2.568   1.00 8.00  ? 62  ALA A C   1 
ATOM   472  O O   . ALA A 1 62  ? 3.794   -1.083  3.237   1.00 7.04  ? 62  ALA A O   1 
ATOM   473  C CB  . ALA A 1 62  ? 4.195   -4.316  2.649   1.00 5.88  ? 62  ALA A CB  1 
ATOM   474  N N   . ARG A 1 63  ? 2.833   -1.779  1.326   1.00 6.89  ? 63  ARG A N   1 
ATOM   475  C CA  . ARG A 1 63  ? 2.955   -0.457  0.715   1.00 6.46  ? 63  ARG A CA  1 
ATOM   476  C C   . ARG A 1 63  ? 2.023   0.539   1.409   1.00 6.11  ? 63  ARG A C   1 
ATOM   477  O O   . ARG A 1 63  ? 2.341   1.722   1.500   1.00 6.50  ? 63  ARG A O   1 
ATOM   478  C CB  . ARG A 1 63  ? 2.652   -0.513  -0.793  1.00 6.37  ? 63  ARG A CB  1 
ATOM   479  C CG  . ARG A 1 63  ? 2.863   0.832   -1.500  1.00 6.90  ? 63  ARG A CG  1 
ATOM   480  C CD  . ARG A 1 63  ? 3.113   0.683   -2.997  1.00 7.86  ? 63  ARG A CD  1 
ATOM   481  N NE  . ARG A 1 63  ? 1.874   0.695   -3.790  1.00 8.95  ? 63  ARG A NE  1 
ATOM   482  C CZ  . ARG A 1 63  ? 1.486   1.707   -4.571  1.00 9.29  ? 63  ARG A CZ  1 
ATOM   483  N NH1 . ARG A 1 63  ? 2.226   2.801   -4.674  1.00 7.46  ? 63  ARG A NH1 1 
ATOM   484  N NH2 . ARG A 1 63  ? 0.369   1.605   -5.288  1.00 9.16  ? 63  ARG A NH2 1 
ATOM   485  N N   . HIS A 1 64  ? 0.882   0.069   1.902   1.00 5.58  ? 64  HIS A N   1 
ATOM   486  C CA  . HIS A 1 64  ? -0.058  0.938   2.609   1.00 6.51  ? 64  HIS A CA  1 
ATOM   487  C C   . HIS A 1 64  ? 0.566   1.386   3.953   1.00 7.20  ? 64  HIS A C   1 
ATOM   488  O O   . HIS A 1 64  ? 0.449   2.548   4.350   1.00 6.35  ? 64  HIS A O   1 
ATOM   489  C CB  . HIS A 1 64  ? -1.382  0.201   2.826   1.00 6.64  ? 64  HIS A CB  1 
ATOM   490  C CG  . HIS A 1 64  ? -2.454  1.039   3.449   1.00 6.19  ? 64  HIS A CG  1 
ATOM   491  N ND1 . HIS A 1 64  ? -2.830  0.901   4.767   1.00 7.28  ? 64  HIS A ND1 1 
ATOM   492  C CD2 . HIS A 1 64  ? -3.265  1.993   2.925   1.00 6.78  ? 64  HIS A CD2 1 
ATOM   493  C CE1 . HIS A 1 64  ? -3.824  1.729   5.030   1.00 8.69  ? 64  HIS A CE1 1 
ATOM   494  N NE2 . HIS A 1 64  ? -4.108  2.403   3.930   1.00 7.09  ? 64  HIS A NE2 1 
ATOM   495  N N   . ASP A 1 65  ? 1.239   0.460   4.637   1.00 6.91  ? 65  ASP A N   1 
ATOM   496  C CA  . ASP A 1 65  ? 1.925   0.771   5.896   1.00 7.44  ? 65  ASP A CA  1 
ATOM   497  C C   . ASP A 1 65  ? 3.008   1.808   5.619   1.00 6.15  ? 65  ASP A C   1 
ATOM   498  O O   . ASP A 1 65  ? 3.187   2.756   6.372   1.00 6.82  ? 65  ASP A O   1 
ATOM   499  C CB  . ASP A 1 65  ? 2.589   -0.482  6.462   1.00 8.14  ? 65  ASP A CB  1 
ATOM   500  C CG  . ASP A 1 65  ? 1.641   -1.315  7.296   1.00 9.95  ? 65  ASP A CG  1 
ATOM   501  O OD1 . ASP A 1 65  ? 1.999   -2.462  7.644   1.00 10.80 ? 65  ASP A OD1 1 
ATOM   502  O OD2 . ASP A 1 65  ? 0.538   -0.832  7.612   1.00 12.94 ? 65  ASP A OD2 1 
ATOM   503  N N   . PHE A 1 66  ? 3.730   1.612   4.524   1.00 6.93  ? 66  PHE A N   1 
ATOM   504  C CA  . PHE A 1 66  ? 4.789   2.530   4.142   1.00 8.18  ? 66  PHE A CA  1 
ATOM   505  C C   . PHE A 1 66  ? 4.215   3.933   3.958   1.00 8.96  ? 66  PHE A C   1 
ATOM   506  O O   . PHE A 1 66  ? 4.766   4.921   4.472   1.00 7.38  ? 66  PHE A O   1 
ATOM   507  C CB  . PHE A 1 66  ? 5.443   2.050   2.845   1.00 7.89  ? 66  PHE A CB  1 
ATOM   508  C CG  . PHE A 1 66  ? 6.589   2.910   2.379   1.00 8.26  ? 66  PHE A CG  1 
ATOM   509  C CD1 . PHE A 1 66  ? 6.371   3.985   1.514   1.00 8.17  ? 66  PHE A CD1 1 
ATOM   510  C CD2 . PHE A 1 66  ? 7.898   2.615   2.762   1.00 8.30  ? 66  PHE A CD2 1 
ATOM   511  C CE1 . PHE A 1 66  ? 7.438   4.746   1.034   1.00 9.03  ? 66  PHE A CE1 1 
ATOM   512  C CE2 . PHE A 1 66  ? 8.972   3.367   2.286   1.00 8.97  ? 66  PHE A CE2 1 
ATOM   513  C CZ  . PHE A 1 66  ? 8.745   4.436   1.418   1.00 9.65  ? 66  PHE A CZ  1 
ATOM   514  N N   . GLY A 1 67  ? 3.114   4.022   3.212   1.00 7.64  ? 67  GLY A N   1 
ATOM   515  C CA  . GLY A 1 67  ? 2.485   5.312   2.986   1.00 7.14  ? 67  GLY A CA  1 
ATOM   516  C C   . GLY A 1 67  ? 2.054   5.984   4.279   1.00 7.77  ? 67  GLY A C   1 
ATOM   517  O O   . GLY A 1 67  ? 2.368   7.157   4.511   1.00 8.21  ? 67  GLY A O   1 
ATOM   518  N N   . TYR A 1 68  ? 1.333   5.253   5.127   1.00 7.82  ? 68  TYR A N   1 
ATOM   519  C CA  . TYR A 1 68  ? 0.859   5.803   6.393   1.00 9.31  ? 68  TYR A CA  1 
ATOM   520  C C   . TYR A 1 68  ? 1.992   6.273   7.302   1.00 10.07 ? 68  TYR A C   1 
ATOM   521  O O   . TYR A 1 68  ? 2.021   7.427   7.731   1.00 10.89 ? 68  TYR A O   1 
ATOM   522  C CB  . TYR A 1 68  ? 0.036   4.772   7.161   1.00 9.68  ? 68  TYR A CB  1 
ATOM   523  C CG  . TYR A 1 68  ? -1.454  4.842   6.910   1.00 10.14 ? 68  TYR A CG  1 
ATOM   524  C CD1 . TYR A 1 68  ? -2.359  4.494   7.910   1.00 12.38 ? 68  TYR A CD1 1 
ATOM   525  C CD2 . TYR A 1 68  ? -1.961  5.209   5.658   1.00 11.57 ? 68  TYR A CD2 1 
ATOM   526  C CE1 . TYR A 1 68  ? -3.734  4.500   7.679   1.00 13.26 ? 68  TYR A CE1 1 
ATOM   527  C CE2 . TYR A 1 68  ? -3.339  5.222   5.411   1.00 11.10 ? 68  TYR A CE2 1 
ATOM   528  C CZ  . TYR A 1 68  ? -4.216  4.864   6.423   1.00 10.64 ? 68  TYR A CZ  1 
ATOM   529  O OH  . TYR A 1 68  ? -5.575  4.842   6.205   1.00 10.36 ? 68  TYR A OH  1 
ATOM   530  N N   . ARG A 1 69  ? 2.916   5.361   7.593   1.00 9.59  ? 69  ARG A N   1 
ATOM   531  C CA  . ARG A 1 69  ? 4.037   5.656   8.478   1.00 9.25  ? 69  ARG A CA  1 
ATOM   532  C C   . ARG A 1 69  ? 4.929   6.812   8.039   1.00 8.23  ? 69  ARG A C   1 
ATOM   533  O O   . ARG A 1 69  ? 5.305   7.659   8.852   1.00 7.80  ? 69  ARG A O   1 
ATOM   534  C CB  . ARG A 1 69  ? 4.864   4.384   8.676   1.00 9.46  ? 69  ARG A CB  1 
ATOM   535  C CG  . ARG A 1 69  ? 4.138   3.432   9.600   1.00 11.64 ? 69  ARG A CG  1 
ATOM   536  C CD  . ARG A 1 69  ? 4.503   1.991   9.383   1.00 13.64 ? 69  ARG A CD  1 
ATOM   537  N NE  . ARG A 1 69  ? 3.437   1.128   9.889   1.00 14.50 ? 69  ARG A NE  1 
ATOM   538  C CZ  . ARG A 1 69  ? 3.636   0.025   10.606  1.00 16.26 ? 69  ARG A CZ  1 
ATOM   539  N NH1 . ARG A 1 69  ? 4.871   -0.356  10.905  1.00 17.82 ? 69  ARG A NH1 1 
ATOM   540  N NH2 . ARG A 1 69  ? 2.601   -0.696  11.028  1.00 17.20 ? 69  ARG A NH2 1 
ATOM   541  N N   . ASN A 1 70  ? 5.254   6.869   6.759   1.00 8.30  ? 70  ASN A N   1 
ATOM   542  C CA  . ASN A 1 70  ? 6.113   7.926   6.288   1.00 8.91  ? 70  ASN A CA  1 
ATOM   543  C C   . ASN A 1 70  ? 5.429   9.276   6.140   1.00 9.60  ? 70  ASN A C   1 
ATOM   544  O O   . ASN A 1 70  ? 6.079   10.312  6.293   1.00 8.68  ? 70  ASN A O   1 
ATOM   545  C CB  . ASN A 1 70  ? 6.797   7.478   5.004   1.00 8.67  ? 70  ASN A CB  1 
ATOM   546  C CG  . ASN A 1 70  ? 7.876   6.438   5.279   1.00 10.04 ? 70  ASN A CG  1 
ATOM   547  O OD1 . ASN A 1 70  ? 8.956   6.770   5.781   1.00 11.14 ? 70  ASN A OD1 1 
ATOM   548  N ND2 . ASN A 1 70  ? 7.587   5.176   4.972   1.00 9.70  ? 70  ASN A ND2 1 
ATOM   549  N N   . TYR A 1 71  ? 4.125   9.291   5.861   1.00 9.63  ? 71  TYR A N   1 
ATOM   550  C CA  . TYR A 1 71  ? 3.452   10.581  5.753   1.00 10.27 ? 71  TYR A CA  1 
ATOM   551  C C   . TYR A 1 71  ? 3.177   11.093  7.158   1.00 10.55 ? 71  TYR A C   1 
ATOM   552  O O   . TYR A 1 71  ? 3.144   12.300  7.389   1.00 10.83 ? 71  TYR A O   1 
ATOM   553  C CB  . TYR A 1 71  ? 2.169   10.482  4.918   1.00 10.60 ? 71  TYR A CB  1 
ATOM   554  C CG  . TYR A 1 71  ? 2.458   10.805  3.472   1.00 9.74  ? 71  TYR A CG  1 
ATOM   555  C CD1 . TYR A 1 71  ? 2.645   12.125  3.059   1.00 11.47 ? 71  TYR A CD1 1 
ATOM   556  C CD2 . TYR A 1 71  ? 2.629   9.790   2.530   1.00 9.87  ? 71  TYR A CD2 1 
ATOM   557  C CE1 . TYR A 1 71  ? 2.999   12.428  1.746   1.00 11.13 ? 71  TYR A CE1 1 
ATOM   558  C CE2 . TYR A 1 71  ? 2.987   10.079  1.210   1.00 9.20  ? 71  TYR A CE2 1 
ATOM   559  C CZ  . TYR A 1 71  ? 3.174   11.405  0.825   1.00 10.48 ? 71  TYR A CZ  1 
ATOM   560  O OH  . TYR A 1 71  ? 3.562   11.709  -0.458  1.00 11.18 ? 71  TYR A OH  1 
ATOM   561  N N   . LYS A 1 72  ? 3.002   10.175  8.102   1.00 10.30 ? 72  LYS A N   1 
ATOM   562  C CA  . LYS A 1 72  ? 2.791   10.590  9.479   1.00 11.47 ? 72  LYS A CA  1 
ATOM   563  C C   . LYS A 1 72  ? 4.110   11.161  10.002  1.00 12.20 ? 72  LYS A C   1 
ATOM   564  O O   . LYS A 1 72  ? 4.111   12.130  10.764  1.00 13.40 ? 72  LYS A O   1 
ATOM   565  C CB  . LYS A 1 72  ? 2.343   9.410   10.337  1.00 13.43 ? 72  LYS A CB  1 
ATOM   566  C CG  . LYS A 1 72  ? 0.837   9.234   10.338  1.00 15.46 ? 72  LYS A CG  1 
ATOM   567  C CD  . LYS A 1 72  ? 0.389   8.046   11.173  1.00 19.13 ? 72  LYS A CD  1 
ATOM   568  C CE  . LYS A 1 72  ? -1.110  7.825   11.010  1.00 23.59 ? 72  LYS A CE  1 
ATOM   569  N NZ  . LYS A 1 72  ? -1.581  6.525   11.571  1.00 27.02 ? 72  LYS A NZ  1 
ATOM   570  N N   . ALA A 1 73  ? 5.226   10.574  9.572   1.00 11.43 ? 73  ALA A N   1 
ATOM   571  C CA  . ALA A 1 73  ? 6.551   11.036  9.986   1.00 12.51 ? 73  ALA A CA  1 
ATOM   572  C C   . ALA A 1 73  ? 6.840   12.418  9.398   1.00 13.67 ? 73  ALA A C   1 
ATOM   573  O O   . ALA A 1 73  ? 7.575   13.211  9.993   1.00 14.32 ? 73  ALA A O   1 
ATOM   574  C CB  . ALA A 1 73  ? 7.626   10.039  9.541   1.00 12.89 ? 73  ALA A CB  1 
ATOM   575  N N   . ALA A 1 74  ? 6.264   12.706  8.234   1.00 12.26 ? 74  ALA A N   1 
ATOM   576  C CA  . ALA A 1 74  ? 6.463   14.003  7.593   1.00 13.54 ? 74  ALA A CA  1 
ATOM   577  C C   . ALA A 1 74  ? 5.469   15.052  8.118   1.00 13.44 ? 74  ALA A C   1 
ATOM   578  O O   . ALA A 1 74  ? 5.570   16.236  7.786   1.00 15.23 ? 74  ALA A O   1 
ATOM   579  C CB  . ALA A 1 74  ? 6.341   13.864  6.067   1.00 13.19 ? 74  ALA A CB  1 
ATOM   580  N N   . GLY A 1 75  ? 4.518   14.611  8.936   1.00 12.94 ? 75  GLY A N   1 
ATOM   581  C CA  . GLY A 1 75  ? 3.533   15.516  9.500   1.00 14.64 ? 75  GLY A CA  1 
ATOM   582  C C   . GLY A 1 75  ? 2.508   16.019  8.504   1.00 15.25 ? 75  GLY A C   1 
ATOM   583  O O   . GLY A 1 75  ? 1.956   17.107  8.680   1.00 15.80 ? 75  GLY A O   1 
ATOM   584  N N   . SER A 1 76  ? 2.248   15.227  7.463   1.00 15.79 ? 76  SER A N   1 
ATOM   585  C CA  . SER A 1 76  ? 1.278   15.588  6.424   1.00 17.02 ? 76  SER A CA  1 
ATOM   586  C C   . SER A 1 76  ? 0.376   14.398  6.095   1.00 16.30 ? 76  SER A C   1 
ATOM   587  O O   . SER A 1 76  ? 0.061   14.143  4.932   1.00 17.39 ? 76  SER A O   1 
ATOM   588  C CB  . SER A 1 76  ? 2.009   16.041  5.150   1.00 18.55 ? 76  SER A CB  1 
ATOM   589  O OG  . SER A 1 76  ? 2.957   15.068  4.719   1.00 21.62 ? 76  SER A OG  1 
ATOM   590  N N   . PHE A 1 77  ? -0.053  13.683  7.124   1.00 14.47 ? 77  PHE A N   1 
ATOM   591  C CA  . PHE A 1 77  ? -0.887  12.502  6.933   1.00 14.74 ? 77  PHE A CA  1 
ATOM   592  C C   . PHE A 1 77  ? -2.324  12.744  6.437   1.00 15.49 ? 77  PHE A C   1 
ATOM   593  O O   . PHE A 1 77  ? -2.759  12.111  5.475   1.00 13.90 ? 77  PHE A O   1 
ATOM   594  C CB  . PHE A 1 77  ? -0.926  11.696  8.235   1.00 14.79 ? 77  PHE A CB  1 
ATOM   595  C CG  . PHE A 1 77  ? -1.825  10.495  8.177   1.00 15.36 ? 77  PHE A CG  1 
ATOM   596  C CD1 . PHE A 1 77  ? -1.484  9.395   7.387   1.00 15.42 ? 77  PHE A CD1 1 
ATOM   597  C CD2 . PHE A 1 77  ? -3.015  10.467  8.903   1.00 15.08 ? 77  PHE A CD2 1 
ATOM   598  C CE1 . PHE A 1 77  ? -2.316  8.282   7.322   1.00 14.78 ? 77  PHE A CE1 1 
ATOM   599  C CE2 . PHE A 1 77  ? -3.856  9.356   8.846   1.00 15.10 ? 77  PHE A CE2 1 
ATOM   600  C CZ  . PHE A 1 77  ? -3.503  8.262   8.051   1.00 14.94 ? 77  PHE A CZ  1 
ATOM   601  N N   . ASP A 1 78  ? -3.051  13.647  7.090   1.00 16.27 ? 78  ASP A N   1 
ATOM   602  C CA  . ASP A 1 78  ? -4.447  13.935  6.727   1.00 18.32 ? 78  ASP A CA  1 
ATOM   603  C C   . ASP A 1 78  ? -4.731  14.183  5.246   1.00 16.99 ? 78  ASP A C   1 
ATOM   604  O O   . ASP A 1 78  ? -5.706  13.670  4.700   1.00 17.46 ? 78  ASP A O   1 
ATOM   605  C CB  . ASP A 1 78  ? -4.954  15.140  7.519   1.00 22.12 ? 78  ASP A CB  1 
ATOM   606  C CG  . ASP A 1 78  ? -5.083  14.854  8.992   1.00 26.13 ? 78  ASP A CG  1 
ATOM   607  O OD1 . ASP A 1 78  ? -5.147  13.665  9.368   1.00 28.48 ? 78  ASP A OD1 1 
ATOM   608  O OD2 . ASP A 1 78  ? -5.120  15.822  9.779   1.00 31.31 ? 78  ASP A OD2 1 
ATOM   609  N N   . ALA A 1 79  ? -3.875  14.969  4.607   1.00 15.99 ? 79  ALA A N   1 
ATOM   610  C CA  . ALA A 1 79  ? -4.041  15.330  3.201   1.00 14.96 ? 79  ALA A CA  1 
ATOM   611  C C   . ALA A 1 79  ? -3.655  14.244  2.201   1.00 13.83 ? 79  ALA A C   1 
ATOM   612  O O   . ALA A 1 79  ? -3.988  14.346  1.020   1.00 14.67 ? 79  ALA A O   1 
ATOM   613  C CB  . ALA A 1 79  ? -3.245  16.591  2.915   1.00 16.62 ? 79  ALA A CB  1 
ATOM   614  N N   . ASN A 1 80  ? -2.954  13.211  2.667   1.00 11.85 ? 80  ASN A N   1 
ATOM   615  C CA  . ASN A 1 80  ? -2.517  12.130  1.794   1.00 10.21 ? 80  ASN A CA  1 
ATOM   616  C C   . ASN A 1 80  ? -3.200  10.797  2.076   1.00 8.83  ? 80  ASN A C   1 
ATOM   617  O O   . ASN A 1 80  ? -3.068  9.867   1.288   1.00 9.07  ? 80  ASN A O   1 
ATOM   618  C CB  . ASN A 1 80  ? -1.002  11.966  1.910   1.00 9.72  ? 80  ASN A CB  1 
ATOM   619  C CG  . ASN A 1 80  ? -0.246  13.153  1.347   1.00 11.30 ? 80  ASN A CG  1 
ATOM   620  O OD1 . ASN A 1 80  ? -0.026  13.245  0.137   1.00 10.96 ? 80  ASN A OD1 1 
ATOM   621  N ND2 . ASN A 1 80  ? 0.153   14.076  2.225   1.00 10.48 ? 80  ASN A ND2 1 
ATOM   622  N N   . LYS A 1 81  ? -3.945  10.726  3.178   1.00 8.78  ? 81  LYS A N   1 
ATOM   623  C CA  . LYS A 1 81  ? -4.611  9.494   3.588   1.00 9.86  ? 81  LYS A CA  1 
ATOM   624  C C   . LYS A 1 81  ? -5.492  8.877   2.508   1.00 10.18 ? 81  LYS A C   1 
ATOM   625  O O   . LYS A 1 81  ? -5.437  7.673   2.256   1.00 9.61  ? 81  LYS A O   1 
ATOM   626  C CB  . LYS A 1 81  ? -5.441  9.731   4.857   1.00 9.57  ? 81  LYS A CB  1 
ATOM   627  C CG  . LYS A 1 81  ? -6.003  8.449   5.461   1.00 9.77  ? 81  LYS A CG  1 
ATOM   628  C CD  . LYS A 1 81  ? -6.938  8.750   6.609   1.00 10.80 ? 81  LYS A CD  1 
ATOM   629  C CE  . LYS A 1 81  ? -7.486  7.485   7.258   1.00 11.13 ? 81  LYS A CE  1 
ATOM   630  N NZ  . LYS A 1 81  ? -8.322  6.668   6.318   1.00 9.85  ? 81  LYS A NZ  1 
ATOM   631  N N   . SER A 1 82  ? -6.292  9.714   1.859   1.00 9.95  ? 82  SER A N   1 
ATOM   632  C CA  . SER A 1 82  ? -7.199  9.253   0.811   1.00 11.82 ? 82  SER A CA  1 
ATOM   633  C C   . SER A 1 82  ? -6.497  8.518   -0.335  1.00 10.41 ? 82  SER A C   1 
ATOM   634  O O   . SER A 1 82  ? -6.931  7.434   -0.756  1.00 9.64  ? 82  SER A O   1 
ATOM   635  C CB  . SER A 1 82  ? -7.968  10.450  0.242   1.00 14.16 ? 82  SER A CB  1 
ATOM   636  O OG  . SER A 1 82  ? -9.167  10.041  -0.378  1.00 19.84 ? 82  SER A OG  1 
ATOM   637  N N   . ARG A 1 83  ? -5.435  9.121   -0.858  1.00 9.13  ? 83  ARG A N   1 
ATOM   638  C CA  . ARG A 1 83  ? -4.697  8.524   -1.960  1.00 9.03  ? 83  ARG A CA  1 
ATOM   639  C C   . ARG A 1 83  ? -4.031  7.214   -1.538  1.00 8.64  ? 83  ARG A C   1 
ATOM   640  O O   . ARG A 1 83  ? -4.024  6.240   -2.296  1.00 7.72  ? 83  ARG A O   1 
ATOM   641  C CB  . ARG A 1 83  ? -3.642  9.501   -2.483  1.00 9.57  ? 83  ARG A CB  1 
ATOM   642  C CG  . ARG A 1 83  ? -2.896  9.001   -3.699  1.00 8.61  ? 83  ARG A CG  1 
ATOM   643  C CD  . ARG A 1 83  ? -1.841  10.000  -4.121  1.00 11.58 ? 83  ARG A CD  1 
ATOM   644  N NE  . ARG A 1 83  ? -0.613  9.886   -3.335  1.00 11.37 ? 83  ARG A NE  1 
ATOM   645  C CZ  . ARG A 1 83  ? -0.245  10.743  -2.388  1.00 12.80 ? 83  ARG A CZ  1 
ATOM   646  N NH1 . ARG A 1 83  ? -1.007  11.789  -2.095  1.00 11.40 ? 83  ARG A NH1 1 
ATOM   647  N NH2 . ARG A 1 83  ? 0.903   10.556  -1.747  1.00 12.16 ? 83  ARG A NH2 1 
ATOM   648  N N   . ILE A 1 84  ? -3.472  7.196   -0.331  1.00 8.14  ? 84  ILE A N   1 
ATOM   649  C CA  . ILE A 1 84  ? -2.813  5.991   0.184   1.00 8.03  ? 84  ILE A CA  1 
ATOM   650  C C   . ILE A 1 84  ? -3.838  4.856   0.305   1.00 6.81  ? 84  ILE A C   1 
ATOM   651  O O   . ILE A 1 84  ? -3.555  3.716   -0.054  1.00 7.17  ? 84  ILE A O   1 
ATOM   652  C CB  . ILE A 1 84  ? -2.173  6.246   1.585   1.00 9.73  ? 84  ILE A CB  1 
ATOM   653  C CG1 . ILE A 1 84  ? -1.208  7.438   1.523   1.00 11.95 ? 84  ILE A CG1 1 
ATOM   654  C CG2 . ILE A 1 84  ? -1.466  4.973   2.077   1.00 9.78  ? 84  ILE A CG2 1 
ATOM   655  C CD1 . ILE A 1 84  ? -0.275  7.429   0.342   1.00 13.03 ? 84  ILE A CD1 1 
ATOM   656  N N   . ASP A 1 85  ? -5.023  5.178   0.816   1.00 6.32  ? 85  ASP A N   1 
ATOM   657  C CA  . ASP A 1 85  ? -6.079  4.182   0.949   1.00 7.33  ? 85  ASP A CA  1 
ATOM   658  C C   . ASP A 1 85  ? -6.500  3.700   -0.435  1.00 7.43  ? 85  ASP A C   1 
ATOM   659  O O   . ASP A 1 85  ? -6.703  2.506   -0.647  1.00 6.76  ? 85  ASP A O   1 
ATOM   660  C CB  . ASP A 1 85  ? -7.285  4.767   1.678   1.00 8.31  ? 85  ASP A CB  1 
ATOM   661  C CG  . ASP A 1 85  ? -7.021  4.994   3.154   1.00 8.98  ? 85  ASP A CG  1 
ATOM   662  O OD1 . ASP A 1 85  ? -7.807  5.724   3.793   1.00 9.70  ? 85  ASP A OD1 1 
ATOM   663  O OD2 . ASP A 1 85  ? -6.026  4.434   3.672   1.00 8.85  ? 85  ASP A OD2 1 
ATOM   664  N N   . SER A 1 86  ? -6.617  4.629   -1.383  1.00 6.78  ? 86  SER A N   1 
ATOM   665  C CA  . SER A 1 86  ? -6.992  4.269   -2.746  1.00 7.91  ? 86  SER A CA  1 
ATOM   666  C C   . SER A 1 86  ? -5.949  3.404   -3.433  1.00 7.55  ? 86  SER A C   1 
ATOM   667  O O   . SER A 1 86  ? -6.305  2.469   -4.167  1.00 7.65  ? 86  SER A O   1 
ATOM   668  C CB  . SER A 1 86  ? -7.234  5.521   -3.583  1.00 8.18  ? 86  SER A CB  1 
ATOM   669  O OG  . SER A 1 86  ? -8.471  6.101   -3.211  1.00 13.02 ? 86  SER A OG  1 
ATOM   670  N N   . ALA A 1 87  ? -4.672  3.717   -3.211  1.00 6.21  ? 87  ALA A N   1 
ATOM   671  C CA  . ALA A 1 87  ? -3.570  2.962   -3.806  1.00 7.48  ? 87  ALA A CA  1 
ATOM   672  C C   . ALA A 1 87  ? -3.571  1.521   -3.277  1.00 7.35  ? 87  ALA A C   1 
ATOM   673  O O   . ALA A 1 87  ? -3.244  0.582   -4.006  1.00 7.72  ? 87  ALA A O   1 
ATOM   674  C CB  . ALA A 1 87  ? -2.227  3.644   -3.490  1.00 7.70  ? 87  ALA A CB  1 
ATOM   675  N N   . PHE A 1 88  ? -3.946  1.382   -2.007  1.00 6.34  ? 88  PHE A N   1 
ATOM   676  C CA  . PHE A 1 88  ? -4.041  0.097   -1.320  1.00 6.33  ? 88  PHE A CA  1 
ATOM   677  C C   . PHE A 1 88  ? -5.131  -0.733  -2.034  1.00 7.45  ? 88  PHE A C   1 
ATOM   678  O O   . PHE A 1 88  ? -4.932  -1.908  -2.357  1.00 7.78  ? 88  PHE A O   1 
ATOM   679  C CB  . PHE A 1 88  ? -4.411  0.382   0.146   1.00 6.41  ? 88  PHE A CB  1 
ATOM   680  C CG  . PHE A 1 88  ? -4.627  -0.843  0.998   1.00 6.10  ? 88  PHE A CG  1 
ATOM   681  C CD1 . PHE A 1 88  ? -3.824  -1.976  0.856   1.00 6.69  ? 88  PHE A CD1 1 
ATOM   682  C CD2 . PHE A 1 88  ? -5.621  -0.836  1.983   1.00 7.91  ? 88  PHE A CD2 1 
ATOM   683  C CE1 . PHE A 1 88  ? -4.007  -3.088  1.689   1.00 6.68  ? 88  PHE A CE1 1 
ATOM   684  C CE2 . PHE A 1 88  ? -5.810  -1.943  2.821   1.00 8.41  ? 88  PHE A CE2 1 
ATOM   685  C CZ  . PHE A 1 88  ? -4.995  -3.069  2.667   1.00 7.12  ? 88  PHE A CZ  1 
ATOM   686  N N   . TYR A 1 89  ? -6.274  -0.095  -2.300  1.00 7.83  ? 89  TYR A N   1 
ATOM   687  C CA  . TYR A 1 89  ? -7.393  -0.758  -2.986  1.00 8.39  ? 89  TYR A CA  1 
ATOM   688  C C   . TYR A 1 89  ? -6.977  -1.187  -4.402  1.00 7.56  ? 89  TYR A C   1 
ATOM   689  O O   . TYR A 1 89  ? -7.271  -2.308  -4.832  1.00 7.14  ? 89  TYR A O   1 
ATOM   690  C CB  . TYR A 1 89  ? -8.590  0.200   -3.028  1.00 9.10  ? 89  TYR A CB  1 
ATOM   691  C CG  . TYR A 1 89  ? -9.897  -0.387  -3.516  1.00 11.33 ? 89  TYR A CG  1 
ATOM   692  C CD1 . TYR A 1 89  ? -10.184 -1.750  -3.396  1.00 12.52 ? 89  TYR A CD1 1 
ATOM   693  C CD2 . TYR A 1 89  ? -10.856 0.438   -4.107  1.00 14.64 ? 89  TYR A CD2 1 
ATOM   694  C CE1 . TYR A 1 89  ? -11.400 -2.278  -3.861  1.00 14.57 ? 89  TYR A CE1 1 
ATOM   695  C CE2 . TYR A 1 89  ? -12.071 -0.073  -4.572  1.00 17.36 ? 89  TYR A CE2 1 
ATOM   696  C CZ  . TYR A 1 89  ? -12.337 -1.426  -4.450  1.00 16.47 ? 89  TYR A CZ  1 
ATOM   697  O OH  . TYR A 1 89  ? -13.529 -1.904  -4.942  1.00 18.92 ? 89  TYR A OH  1 
ATOM   698  N N   . GLU A 1 90  ? -6.279  -0.307  -5.118  1.00 6.72  ? 90  GLU A N   1 
ATOM   699  C CA  . GLU A 1 90  ? -5.813  -0.624  -6.467  1.00 7.55  ? 90  GLU A CA  1 
ATOM   700  C C   . GLU A 1 90  ? -4.793  -1.765  -6.454  1.00 7.75  ? 90  GLU A C   1 
ATOM   701  O O   . GLU A 1 90  ? -4.796  -2.610  -7.344  1.00 7.50  ? 90  GLU A O   1 
ATOM   702  C CB  . GLU A 1 90  ? -5.187  0.608   -7.130  1.00 8.53  ? 90  GLU A CB  1 
ATOM   703  C CG  . GLU A 1 90  ? -6.191  1.707   -7.496  1.00 10.52 ? 90  GLU A CG  1 
ATOM   704  C CD  . GLU A 1 90  ? -7.308  1.215   -8.398  1.00 13.26 ? 90  GLU A CD  1 
ATOM   705  O OE1 . GLU A 1 90  ? -8.487  1.400   -8.026  1.00 18.36 ? 90  GLU A OE1 1 
ATOM   706  O OE2 . GLU A 1 90  ? -7.010  0.649   -9.466  1.00 13.28 ? 90  GLU A OE2 1 
ATOM   707  N N   . ASP A 1 91  ? -3.909  -1.794  -5.458  1.00 6.78  ? 91  ASP A N   1 
ATOM   708  C CA  . ASP A 1 91  ? -2.918  -2.877  -5.387  1.00 6.77  ? 91  ASP A CA  1 
ATOM   709  C C   . ASP A 1 91  ? -3.635  -4.211  -5.190  1.00 6.15  ? 91  ASP A C   1 
ATOM   710  O O   . ASP A 1 91  ? -3.265  -5.224  -5.787  1.00 6.38  ? 91  ASP A O   1 
ATOM   711  C CB  . ASP A 1 91  ? -1.951  -2.667  -4.216  1.00 6.09  ? 91  ASP A CB  1 
ATOM   712  C CG  . ASP A 1 91  ? -0.914  -1.600  -4.493  1.00 8.21  ? 91  ASP A CG  1 
ATOM   713  O OD1 . ASP A 1 91  ? -0.788  -1.131  -5.653  1.00 6.72  ? 91  ASP A OD1 1 
ATOM   714  O OD2 . ASP A 1 91  ? -0.208  -1.230  -3.526  1.00 8.05  ? 91  ASP A OD2 1 
ATOM   715  N N   . MET A 1 92  ? -4.659  -4.208  -4.343  1.00 5.53  ? 92  MET A N   1 
ATOM   716  C CA  . MET A 1 92  ? -5.402  -5.435  -4.089  1.00 6.83  ? 92  MET A CA  1 
ATOM   717  C C   . MET A 1 92  ? -6.189  -5.869  -5.328  1.00 7.71  ? 92  MET A C   1 
ATOM   718  O O   . MET A 1 92  ? -6.254  -7.057  -5.639  1.00 7.61  ? 92  MET A O   1 
ATOM   719  C CB  . MET A 1 92  ? -6.332  -5.253  -2.904  1.00 5.80  ? 92  MET A CB  1 
ATOM   720  C CG  . MET A 1 92  ? -5.606  -5.280  -1.563  1.00 6.67  ? 92  MET A CG  1 
ATOM   721  S SD  . MET A 1 92  ? -6.733  -5.148  -0.191  1.00 7.21  ? 92  MET A SD  1 
ATOM   722  C CE  . MET A 1 92  ? -7.314  -3.448  -0.421  1.00 8.83  ? 92  MET A CE  1 
ATOM   723  N N   . LYS A 1 93  ? -6.766  -4.905  -6.044  1.00 7.84  ? 93  LYS A N   1 
ATOM   724  C CA  . LYS A 1 93  ? -7.519  -5.244  -7.253  1.00 8.84  ? 93  LYS A CA  1 
ATOM   725  C C   . LYS A 1 93  ? -6.614  -5.834  -8.328  1.00 8.26  ? 93  LYS A C   1 
ATOM   726  O O   . LYS A 1 93  ? -7.051  -6.684  -9.108  1.00 7.78  ? 93  LYS A O   1 
ATOM   727  C CB  . LYS A 1 93  ? -8.259  -4.017  -7.784  1.00 9.18  ? 93  LYS A CB  1 
ATOM   728  C CG  . LYS A 1 93  ? -9.487  -3.673  -6.957  1.00 10.32 ? 93  LYS A CG  1 
ATOM   729  C CD  . LYS A 1 93  ? -10.389 -2.672  -7.659  1.00 16.24 ? 93  LYS A CD  1 
ATOM   730  C CE  . LYS A 1 93  ? -9.605  -1.636  -8.450  1.00 18.21 ? 93  LYS A CE  1 
ATOM   731  N NZ  . LYS A 1 93  ? -10.409 -0.402  -8.694  1.00 21.69 ? 93  LYS A NZ  1 
ATOM   732  N N   . ARG A 1 94  ? -5.352  -5.407  -8.369  1.00 7.74  ? 94  ARG A N   1 
ATOM   733  C CA  . ARG A 1 94  ? -4.405  -5.949  -9.345  1.00 7.97  ? 94  ARG A CA  1 
ATOM   734  C C   . ARG A 1 94  ? -4.222  -7.450  -9.072  1.00 8.92  ? 94  ARG A C   1 
ATOM   735  O O   . ARG A 1 94  ? -4.088  -8.254  -10.002 1.00 10.35 ? 94  ARG A O   1 
ATOM   736  C CB  . ARG A 1 94  ? -3.053  -5.225  -9.258  1.00 7.68  ? 94  ARG A CB  1 
ATOM   737  C CG  . ARG A 1 94  ? -2.915  -4.071  -10.227 1.00 8.31  ? 94  ARG A CG  1 
ATOM   738  C CD  . ARG A 1 94  ? -1.506  -3.464  -10.236 1.00 8.67  ? 94  ARG A CD  1 
ATOM   739  N NE  . ARG A 1 94  ? -1.347  -2.439  -9.198  1.00 9.47  ? 94  ARG A NE  1 
ATOM   740  C CZ  . ARG A 1 94  ? -1.848  -1.208  -9.257  1.00 10.14 ? 94  ARG A CZ  1 
ATOM   741  N NH1 . ARG A 1 94  ? -2.553  -0.821  -10.313 1.00 12.85 ? 94  ARG A NH1 1 
ATOM   742  N NH2 . ARG A 1 94  ? -1.654  -0.359  -8.255  1.00 10.97 ? 94  ARG A NH2 1 
ATOM   743  N N   . VAL A 1 95  ? -4.232  -7.824  -7.794  1.00 8.70  ? 95  VAL A N   1 
ATOM   744  C CA  . VAL A 1 95  ? -4.087  -9.229  -7.398  1.00 10.49 ? 95  VAL A CA  1 
ATOM   745  C C   . VAL A 1 95  ? -5.281  -10.003 -7.958  1.00 10.77 ? 95  VAL A C   1 
ATOM   746  O O   . VAL A 1 95  ? -5.129  -11.062 -8.573  1.00 11.55 ? 95  VAL A O   1 
ATOM   747  C CB  . VAL A 1 95  ? -4.101  -9.393  -5.835  1.00 10.30 ? 95  VAL A CB  1 
ATOM   748  C CG1 . VAL A 1 95  ? -4.238  -10.870 -5.442  1.00 10.66 ? 95  VAL A CG1 1 
ATOM   749  C CG2 . VAL A 1 95  ? -2.829  -8.810  -5.236  1.00 12.70 ? 95  VAL A CG2 1 
ATOM   750  N N   . CYS A 1 96  ? -6.467  -9.444  -7.734  1.00 9.28  ? 96  CYS A N   1 
ATOM   751  C CA  . CYS A 1 96  ? -7.723  -10.051 -8.157  1.00 9.63  ? 96  CYS A CA  1 
ATOM   752  C C   . CYS A 1 96  ? -7.906  -10.309 -9.650  1.00 10.08 ? 96  CYS A C   1 
ATOM   753  O O   . CYS A 1 96  ? -8.663  -11.216 -10.014 1.00 9.72  ? 96  CYS A O   1 
ATOM   754  C CB  . CYS A 1 96  ? -8.887  -9.214  -7.641  1.00 9.55  ? 96  CYS A CB  1 
ATOM   755  S SG  . CYS A 1 96  ? -8.932  -9.075  -5.825  1.00 9.14  ? 96  CYS A SG  1 
ATOM   756  N N   . THR A 1 97  ? -7.243  -9.530  -10.511 1.00 10.59 ? 97  THR A N   1 
ATOM   757  C CA  . THR A 1 97  ? -7.379  -9.738  -11.961 1.00 12.37 ? 97  THR A CA  1 
ATOM   758  C C   . THR A 1 97  ? -6.789  -11.070 -12.408 1.00 13.65 ? 97  THR A C   1 
ATOM   759  O O   . THR A 1 97  ? -6.994  -11.501 -13.550 1.00 14.07 ? 97  THR A O   1 
ATOM   760  C CB  . THR A 1 97  ? -6.714  -8.613  -12.815 1.00 12.55 ? 97  THR A CB  1 
ATOM   761  O OG1 . THR A 1 97  ? -5.288  -8.636  -12.641 1.00 13.41 ? 97  THR A OG1 1 
ATOM   762  C CG2 . THR A 1 97  ? -7.277  -7.258  -12.438 1.00 13.32 ? 97  THR A CG2 1 
ATOM   763  N N   . GLY A 1 98  ? -6.050  -11.715 -11.508 1.00 13.22 ? 98  GLY A N   1 
ATOM   764  C CA  . GLY A 1 98  ? -5.461  -13.003 -11.826 1.00 14.13 ? 98  GLY A CA  1 
ATOM   765  C C   . GLY A 1 98  ? -6.435  -14.153 -11.613 1.00 14.18 ? 98  GLY A C   1 
ATOM   766  O O   . GLY A 1 98  ? -6.074  -15.321 -11.809 1.00 16.29 ? 98  GLY A O   1 
ATOM   767  N N   . TYR A 1 99  ? -7.661  -13.827 -11.197 1.00 12.84 ? 99  TYR A N   1 
ATOM   768  C CA  . TYR A 1 99  ? -8.700  -14.829 -10.946 1.00 12.14 ? 99  TYR A CA  1 
ATOM   769  C C   . TYR A 1 99  ? -9.929  -14.562 -11.814 1.00 11.16 ? 99  TYR A C   1 
ATOM   770  O O   . TYR A 1 99  ? -10.178 -13.430 -12.212 1.00 11.14 ? 99  TYR A O   1 
ATOM   771  C CB  . TYR A 1 99  ? -9.122  -14.809 -9.468  1.00 12.89 ? 99  TYR A CB  1 
ATOM   772  C CG  . TYR A 1 99  ? -7.971  -14.974 -8.490  1.00 16.95 ? 99  TYR A CG  1 
ATOM   773  C CD1 . TYR A 1 99  ? -7.357  -16.218 -8.310  1.00 18.87 ? 99  TYR A CD1 1 
ATOM   774  C CD2 . TYR A 1 99  ? -7.489  -13.887 -7.751  1.00 16.02 ? 99  TYR A CD2 1 
ATOM   775  C CE1 . TYR A 1 99  ? -6.291  -16.378 -7.419  1.00 20.61 ? 99  TYR A CE1 1 
ATOM   776  C CE2 . TYR A 1 99  ? -6.421  -14.037 -6.857  1.00 18.38 ? 99  TYR A CE2 1 
ATOM   777  C CZ  . TYR A 1 99  ? -5.830  -15.286 -6.698  1.00 19.83 ? 99  TYR A CZ  1 
ATOM   778  O OH  . TYR A 1 99  ? -4.788  -15.457 -5.810  1.00 23.36 ? 99  TYR A OH  1 
ATOM   779  N N   . THR A 1 100 ? -10.690 -15.614 -12.100 1.00 10.70 ? 100 THR A N   1 
ATOM   780  C CA  . THR A 1 100 ? -11.902 -15.487 -12.907 1.00 10.32 ? 100 THR A CA  1 
ATOM   781  C C   . THR A 1 100 ? -13.099 -16.043 -12.156 1.00 9.24  ? 100 THR A C   1 
ATOM   782  O O   . THR A 1 100 ? -12.958 -16.710 -11.131 1.00 10.56 ? 100 THR A O   1 
ATOM   783  C CB  . THR A 1 100 ? -11.797 -16.262 -14.249 1.00 10.93 ? 100 THR A CB  1 
ATOM   784  O OG1 . THR A 1 100 ? -11.545 -17.647 -13.978 1.00 11.53 ? 100 THR A OG1 1 
ATOM   785  C CG2 . THR A 1 100 ? -10.678 -15.702 -15.123 1.00 10.34 ? 100 THR A CG2 1 
ATOM   786  N N   . GLY A 1 101 ? -14.287 -15.766 -12.675 1.00 9.42  ? 101 GLY A N   1 
ATOM   787  C CA  . GLY A 1 101 ? -15.492 -16.269 -12.055 1.00 8.77  ? 101 GLY A CA  1 
ATOM   788  C C   . GLY A 1 101 ? -15.650 -15.887 -10.602 1.00 9.49  ? 101 GLY A C   1 
ATOM   789  O O   . GLY A 1 101 ? -15.267 -14.788 -10.185 1.00 8.99  ? 101 GLY A O   1 
ATOM   790  N N   . GLU A 1 102 ? -16.225 -16.811 -9.835  1.00 9.66  ? 102 GLU A N   1 
ATOM   791  C CA  . GLU A 1 102 ? -16.488 -16.612 -8.414  1.00 9.65  ? 102 GLU A CA  1 
ATOM   792  C C   . GLU A 1 102 ? -15.282 -16.089 -7.643  1.00 9.65  ? 102 GLU A C   1 
ATOM   793  O O   . GLU A 1 102 ? -15.418 -15.196 -6.808  1.00 8.87  ? 102 GLU A O   1 
ATOM   794  C CB  . GLU A 1 102 ? -16.949 -17.923 -7.772  1.00 9.65  ? 102 GLU A CB  1 
ATOM   795  C CG  . GLU A 1 102 ? -17.494 -17.756 -6.367  1.00 10.41 ? 102 GLU A CG  1 
ATOM   796  C CD  . GLU A 1 102 ? -17.601 -19.074 -5.630  1.00 10.23 ? 102 GLU A CD  1 
ATOM   797  O OE1 . GLU A 1 102 ? -16.829 -19.998 -5.958  1.00 13.59 ? 102 GLU A OE1 1 
ATOM   798  O OE2 . GLU A 1 102 ? -18.455 -19.178 -4.728  1.00 15.08 ? 102 GLU A OE2 1 
ATOM   799  N N   . LYS A 1 103 ? -14.108 -16.642 -7.927  1.00 9.39  ? 103 LYS A N   1 
ATOM   800  C CA  . LYS A 1 103 ? -12.909 -16.221 -7.215  1.00 11.51 ? 103 LYS A CA  1 
ATOM   801  C C   . LYS A 1 103 ? -12.586 -14.768 -7.455  1.00 10.17 ? 103 LYS A C   1 
ATOM   802  O O   . LYS A 1 103 ? -12.130 -14.067 -6.554  1.00 9.09  ? 103 LYS A O   1 
ATOM   803  C CB  . LYS A 1 103 ? -11.723 -17.094 -7.604  1.00 14.83 ? 103 LYS A CB  1 
ATOM   804  C CG  . LYS A 1 103 ? -11.683 -18.403 -6.823  1.00 22.85 ? 103 LYS A CG  1 
ATOM   805  C CD  . LYS A 1 103 ? -10.291 -19.016 -6.826  1.00 29.85 ? 103 LYS A CD  1 
ATOM   806  C CE  . LYS A 1 103 ? -9.249  -18.035 -6.293  1.00 35.12 ? 103 LYS A CE  1 
ATOM   807  N NZ  . LYS A 1 103 ? -8.109  -18.744 -5.619  1.00 39.46 ? 103 LYS A NZ  1 
ATOM   808  N N   . ASN A 1 104 ? -12.804 -14.314 -8.678  1.00 8.99  ? 104 ASN A N   1 
ATOM   809  C CA  . ASN A 1 104 ? -12.548 -12.927 -8.998  1.00 8.94  ? 104 ASN A CA  1 
ATOM   810  C C   . ASN A 1 104 ? -13.486 -12.053 -8.169  1.00 7.95  ? 104 ASN A C   1 
ATOM   811  O O   . ASN A 1 104 ? -13.067 -11.051 -7.591  1.00 7.73  ? 104 ASN A O   1 
ATOM   812  C CB  . ASN A 1 104 ? -12.780 -12.687 -10.485 1.00 8.67  ? 104 ASN A CB  1 
ATOM   813  C CG  . ASN A 1 104 ? -12.680 -11.238 -10.847 1.00 9.64  ? 104 ASN A CG  1 
ATOM   814  O OD1 . ASN A 1 104 ? -13.673 -10.509 -10.799 1.00 11.44 ? 104 ASN A OD1 1 
ATOM   815  N ND2 . ASN A 1 104 ? -11.479 -10.797 -11.210 1.00 11.76 ? 104 ASN A ND2 1 
ATOM   816  N N   . THR A 1 105 ? -14.755 -12.445 -8.086  1.00 7.53  ? 105 THR A N   1 
ATOM   817  C CA  . THR A 1 105 ? -15.739 -11.680 -7.325  1.00 9.20  ? 105 THR A CA  1 
ATOM   818  C C   . THR A 1 105 ? -15.444 -11.719 -5.824  1.00 9.03  ? 105 THR A C   1 
ATOM   819  O O   . THR A 1 105 ? -15.601 -10.708 -5.132  1.00 9.12  ? 105 THR A O   1 
ATOM   820  C CB  . THR A 1 105 ? -17.177 -12.207 -7.591  1.00 10.23 ? 105 THR A CB  1 
ATOM   821  O OG1 . THR A 1 105 ? -17.432 -12.178 -9.000  1.00 11.57 ? 105 THR A OG1 1 
ATOM   822  C CG2 . THR A 1 105 ? -18.216 -11.339 -6.895  1.00 10.96 ? 105 THR A CG2 1 
ATOM   823  N N   . ALA A 1 106 ? -15.019 -12.882 -5.326  1.00 7.65  ? 106 ALA A N   1 
ATOM   824  C CA  . ALA A 1 106 ? -14.683 -13.039 -3.904  1.00 8.47  ? 106 ALA A CA  1 
ATOM   825  C C   . ALA A 1 106 ? -13.431 -12.211 -3.578  1.00 6.45  ? 106 ALA A C   1 
ATOM   826  O O   . ALA A 1 106 ? -13.326 -11.610 -2.505  1.00 8.71  ? 106 ALA A O   1 
ATOM   827  C CB  . ALA A 1 106 ? -14.426 -14.502 -3.582  1.00 7.28  ? 106 ALA A CB  1 
ATOM   828  N N   . CYS A 1 107 ? -12.487 -12.197 -4.507  1.00 6.35  ? 107 CYS A N   1 
ATOM   829  C CA  . CYS A 1 107 ? -11.255 -11.441 -4.318  1.00 6.45  ? 107 CYS A CA  1 
ATOM   830  C C   . CYS A 1 107 ? -11.559 -9.943  -4.264  1.00 7.62  ? 107 CYS A C   1 
ATOM   831  O O   . CYS A 1 107 ? -11.063 -9.222  -3.383  1.00 6.71  ? 107 CYS A O   1 
ATOM   832  C CB  . CYS A 1 107 ? -10.278 -11.746 -5.441  1.00 5.51  ? 107 CYS A CB  1 
ATOM   833  S SG  . CYS A 1 107 ? -8.650  -10.979 -5.168  1.00 9.26  ? 107 CYS A SG  1 
ATOM   834  N N   . ASN A 1 108 ? -12.382 -9.461  -5.191  1.00 7.48  ? 108 ASN A N   1 
ATOM   835  C CA  . ASN A 1 108 ? -12.737 -8.045  -5.187  1.00 8.78  ? 108 ASN A CA  1 
ATOM   836  C C   . ASN A 1 108 ? -13.554 -7.668  -3.952  1.00 8.82  ? 108 ASN A C   1 
ATOM   837  O O   . ASN A 1 108 ? -13.445 -6.550  -3.449  1.00 9.12  ? 108 ASN A O   1 
ATOM   838  C CB  . ASN A 1 108 ? -13.497 -7.703  -6.462  1.00 9.70  ? 108 ASN A CB  1 
ATOM   839  C CG  . ASN A 1 108 ? -12.579 -7.590  -7.644  1.00 11.26 ? 108 ASN A CG  1 
ATOM   840  O OD1 . ASN A 1 108 ? -11.490 -7.021  -7.538  1.00 15.76 ? 108 ASN A OD1 1 
ATOM   841  N ND2 . ASN A 1 108 ? -12.995 -8.138  -8.781  1.00 14.08 ? 108 ASN A ND2 1 
ATOM   842  N N   . SER A 1 109 ? -14.365 -8.595  -3.452  1.00 8.09  ? 109 SER A N   1 
ATOM   843  C CA  . SER A 1 109 ? -15.167 -8.351  -2.257  1.00 10.07 ? 109 SER A CA  1 
ATOM   844  C C   . SER A 1 109 ? -14.259 -8.210  -1.017  1.00 9.20  ? 109 SER A C   1 
ATOM   845  O O   . SER A 1 109 ? -14.500 -7.363  -0.150  1.00 10.04 ? 109 SER A O   1 
ATOM   846  C CB  . SER A 1 109 ? -16.176 -9.496  -2.057  1.00 12.25 ? 109 SER A CB  1 
ATOM   847  O OG  . SER A 1 109 ? -16.892 -9.348  -0.839  1.00 16.72 ? 109 SER A OG  1 
ATOM   848  N N   . THR A 1 110 ? -13.220 -9.043  -0.942  1.00 8.24  ? 110 THR A N   1 
ATOM   849  C CA  . THR A 1 110 ? -12.282 -8.974  0.182   1.00 8.40  ? 110 THR A CA  1 
ATOM   850  C C   . THR A 1 110 ? -11.476 -7.674  0.079   1.00 6.90  ? 110 THR A C   1 
ATOM   851  O O   . THR A 1 110 ? -11.258 -6.996  1.085   1.00 6.73  ? 110 THR A O   1 
ATOM   852  C CB  . THR A 1 110 ? -11.318 -10.189 0.203   1.00 9.33  ? 110 THR A CB  1 
ATOM   853  O OG1 . THR A 1 110 ? -12.081 -11.400 0.287   1.00 9.84  ? 110 THR A OG1 1 
ATOM   854  C CG2 . THR A 1 110 ? -10.389 -10.112 1.423   1.00 8.49  ? 110 THR A CG2 1 
ATOM   855  N N   . ALA A 1 111 ? -11.040 -7.330  -1.130  1.00 6.63  ? 111 ALA A N   1 
ATOM   856  C CA  . ALA A 1 111 ? -10.288 -6.097  -1.345  1.00 6.90  ? 111 ALA A CA  1 
ATOM   857  C C   . ALA A 1 111 ? -11.129 -4.912  -0.875  1.00 7.98  ? 111 ALA A C   1 
ATOM   858  O O   . ALA A 1 111 ? -10.624 -4.000  -0.208  1.00 7.30  ? 111 ALA A O   1 
ATOM   859  C CB  . ALA A 1 111 ? -9.933  -5.941  -2.830  1.00 6.73  ? 111 ALA A CB  1 
ATOM   860  N N   . TRP A 1 112 ? -12.423 -4.931  -1.203  1.00 8.24  ? 112 TRP A N   1 
ATOM   861  C CA  . TRP A 1 112 ? -13.315 -3.849  -0.807  1.00 8.24  ? 112 TRP A CA  1 
ATOM   862  C C   . TRP A 1 112 ? -13.449 -3.787  0.717   1.00 8.23  ? 112 TRP A C   1 
ATOM   863  O O   . TRP A 1 112 ? -13.449 -2.707  1.308   1.00 8.74  ? 112 TRP A O   1 
ATOM   864  C CB  . TRP A 1 112 ? -14.692 -4.040  -1.447  1.00 10.86 ? 112 TRP A CB  1 
ATOM   865  C CG  . TRP A 1 112 ? -15.585 -2.867  -1.244  1.00 12.89 ? 112 TRP A CG  1 
ATOM   866  C CD1 . TRP A 1 112 ? -15.467 -1.630  -1.821  1.00 14.95 ? 112 TRP A CD1 1 
ATOM   867  C CD2 . TRP A 1 112 ? -16.724 -2.805  -0.386  1.00 15.60 ? 112 TRP A CD2 1 
ATOM   868  N NE1 . TRP A 1 112 ? -16.469 -0.802  -1.369  1.00 18.09 ? 112 TRP A NE1 1 
ATOM   869  C CE2 . TRP A 1 112 ? -17.255 -1.497  -0.486  1.00 16.60 ? 112 TRP A CE2 1 
ATOM   870  C CE3 . TRP A 1 112 ? -17.351 -3.727  0.463   1.00 19.45 ? 112 TRP A CE3 1 
ATOM   871  C CZ2 . TRP A 1 112 ? -18.389 -1.086  0.231   1.00 20.22 ? 112 TRP A CZ2 1 
ATOM   872  C CZ3 . TRP A 1 112 ? -18.483 -3.319  1.181   1.00 22.62 ? 112 TRP A CZ3 1 
ATOM   873  C CH2 . TRP A 1 112 ? -18.988 -2.006  1.057   1.00 22.24 ? 112 TRP A CH2 1 
ATOM   874  N N   . THR A 1 113 ? -13.552 -4.944  1.360   1.00 7.68  ? 113 THR A N   1 
ATOM   875  C CA  . THR A 1 113 ? -13.692 -4.987  2.814   1.00 9.37  ? 113 THR A CA  1 
ATOM   876  C C   . THR A 1 113 ? -12.439 -4.434  3.496   1.00 8.78  ? 113 THR A C   1 
ATOM   877  O O   . THR A 1 113 ? -12.528 -3.720  4.501   1.00 9.98  ? 113 THR A O   1 
ATOM   878  C CB  . THR A 1 113 ? -13.954 -6.423  3.295   1.00 9.94  ? 113 THR A CB  1 
ATOM   879  O OG1 . THR A 1 113 ? -15.252 -6.836  2.856   1.00 11.55 ? 113 THR A OG1 1 
ATOM   880  C CG2 . THR A 1 113 ? -13.908 -6.502  4.797   1.00 11.69 ? 113 THR A CG2 1 
ATOM   881  N N   . TYR A 1 114 ? -11.275 -4.770  2.950   1.00 8.02  ? 114 TYR A N   1 
ATOM   882  C CA  . TYR A 1 114 ? -10.016 -4.289  3.509   1.00 7.91  ? 114 TYR A CA  1 
ATOM   883  C C   . TYR A 1 114 ? -9.969  -2.768  3.370   1.00 8.72  ? 114 TYR A C   1 
ATOM   884  O O   . TYR A 1 114 ? -9.615  -2.041  4.311   1.00 7.84  ? 114 TYR A O   1 
ATOM   885  C CB  . TYR A 1 114 ? -8.841  -4.905  2.756   1.00 8.24  ? 114 TYR A CB  1 
ATOM   886  C CG  . TYR A 1 114 ? -8.328  -6.194  3.365   1.00 9.02  ? 114 TYR A CG  1 
ATOM   887  C CD1 . TYR A 1 114 ? -9.206  -7.119  3.928   1.00 9.26  ? 114 TYR A CD1 1 
ATOM   888  C CD2 . TYR A 1 114 ? -6.960  -6.479  3.380   1.00 8.98  ? 114 TYR A CD2 1 
ATOM   889  C CE1 . TYR A 1 114 ? -8.737  -8.299  4.499   1.00 9.78  ? 114 TYR A CE1 1 
ATOM   890  C CE2 . TYR A 1 114 ? -6.478  -7.652  3.946   1.00 8.94  ? 114 TYR A CE2 1 
ATOM   891  C CZ  . TYR A 1 114 ? -7.372  -8.556  4.510   1.00 10.63 ? 114 TYR A CZ  1 
ATOM   892  O OH  . TYR A 1 114 ? -6.892  -9.690  5.131   1.00 11.53 ? 114 TYR A OH  1 
ATOM   893  N N   . TYR A 1 115 ? -10.328 -2.295  2.183   1.00 8.06  ? 115 TYR A N   1 
ATOM   894  C CA  . TYR A 1 115 ? -10.329 -0.863  1.894   1.00 9.02  ? 115 TYR A CA  1 
ATOM   895  C C   . TYR A 1 115 ? -11.290 -0.111  2.830   1.00 8.68  ? 115 TYR A C   1 
ATOM   896  O O   . TYR A 1 115 ? -10.934 0.916   3.420   1.00 6.95  ? 115 TYR A O   1 
ATOM   897  C CB  . TYR A 1 115 ? -10.709 -0.664  0.425   1.00 10.17 ? 115 TYR A CB  1 
ATOM   898  C CG  . TYR A 1 115 ? -10.930 0.763   0.003   1.00 11.31 ? 115 TYR A CG  1 
ATOM   899  C CD1 . TYR A 1 115 ? -12.201 1.201   -0.389  1.00 12.47 ? 115 TYR A CD1 1 
ATOM   900  C CD2 . TYR A 1 115 ? -9.867  1.668   -0.044  1.00 11.31 ? 115 TYR A CD2 1 
ATOM   901  C CE1 . TYR A 1 115 ? -12.407 2.510   -0.827  1.00 12.14 ? 115 TYR A CE1 1 
ATOM   902  C CE2 . TYR A 1 115 ? -10.053 2.979   -0.480  1.00 12.61 ? 115 TYR A CE2 1 
ATOM   903  C CZ  . TYR A 1 115 ? -11.321 3.396   -0.873  1.00 14.15 ? 115 TYR A CZ  1 
ATOM   904  O OH  . TYR A 1 115 ? -11.490 4.683   -1.340  1.00 13.49 ? 115 TYR A OH  1 
ATOM   905  N N   . GLN A 1 116 ? -12.504 -0.628  2.975   1.00 7.17  ? 116 GLN A N   1 
ATOM   906  C CA  . GLN A 1 116 ? -13.488 0.004   3.839   1.00 9.02  ? 116 GLN A CA  1 
ATOM   907  C C   . GLN A 1 116 ? -13.058 0.063   5.305   1.00 8.45  ? 116 GLN A C   1 
ATOM   908  O O   . GLN A 1 116 ? -13.416 1.001   6.019   1.00 7.66  ? 116 GLN A O   1 
ATOM   909  C CB  . GLN A 1 116 ? -14.824 -0.728  3.728   1.00 10.40 ? 116 GLN A CB  1 
ATOM   910  C CG  . GLN A 1 116 ? -15.487 -0.536  2.367   1.00 14.09 ? 116 GLN A CG  1 
ATOM   911  C CD  . GLN A 1 116 ? -15.682 0.930   2.030   1.00 18.04 ? 116 GLN A CD  1 
ATOM   912  O OE1 . GLN A 1 116 ? -14.930 1.510   1.233   1.00 20.49 ? 116 GLN A OE1 1 
ATOM   913  N NE2 . GLN A 1 116 ? -16.692 1.544   2.643   1.00 19.46 ? 116 GLN A NE2 1 
ATOM   914  N N   . ALA A 1 117 ? -12.299 -0.939  5.746   1.00 7.65  ? 117 ALA A N   1 
ATOM   915  C CA  . ALA A 1 117 ? -11.847 -1.002  7.129   1.00 8.87  ? 117 ALA A CA  1 
ATOM   916  C C   . ALA A 1 117 ? -10.788 0.068   7.439   1.00 9.10  ? 117 ALA A C   1 
ATOM   917  O O   . ALA A 1 117 ? -10.535 0.361   8.603   1.00 10.64 ? 117 ALA A O   1 
ATOM   918  C CB  . ALA A 1 117 ? -11.317 -2.414  7.456   1.00 9.10  ? 117 ALA A CB  1 
ATOM   919  N N   . VAL A 1 118 ? -10.161 0.643   6.415   1.00 9.08  ? 118 VAL A N   1 
ATOM   920  C CA  . VAL A 1 118 ? -9.204  1.724   6.670   1.00 10.31 ? 118 VAL A CA  1 
ATOM   921  C C   . VAL A 1 118 ? -9.875  3.066   6.341   1.00 11.99 ? 118 VAL A C   1 
ATOM   922  O O   . VAL A 1 118 ? -9.556  4.100   6.937   1.00 11.87 ? 118 VAL A O   1 
ATOM   923  C CB  . VAL A 1 118 ? -7.904  1.575   5.848   1.00 11.19 ? 118 VAL A CB  1 
ATOM   924  C CG1 . VAL A 1 118 ? -7.075  0.425   6.420   1.00 12.01 ? 118 VAL A CG1 1 
ATOM   925  C CG2 . VAL A 1 118 ? -8.221  1.353   4.374   1.00 13.67 ? 118 VAL A CG2 1 
ATOM   926  N N   . LYS A 1 119 ? -10.831 3.034   5.413   1.00 11.56 ? 119 LYS A N   1 
ATOM   927  C CA  . LYS A 1 119 ? -11.570 4.226   5.020   1.00 12.20 ? 119 LYS A CA  1 
ATOM   928  C C   . LYS A 1 119 ? -12.425 4.726   6.188   1.00 11.42 ? 119 LYS A C   1 
ATOM   929  O O   . LYS A 1 119 ? -12.721 5.913   6.283   1.00 12.20 ? 119 LYS A O   1 
ATOM   930  C CB  . LYS A 1 119 ? -12.458 3.900   3.811   1.00 13.45 ? 119 LYS A CB  1 
ATOM   931  C CG  . LYS A 1 119 ? -13.032 5.104   3.104   1.00 18.91 ? 119 LYS A CG  1 
ATOM   932  C CD  . LYS A 1 119 ? -12.134 5.560   1.978   1.00 21.32 ? 119 LYS A CD  1 
ATOM   933  C CE  . LYS A 1 119 ? -11.748 7.016   2.177   1.00 24.75 ? 119 LYS A CE  1 
ATOM   934  N NZ  . LYS A 1 119 ? -11.161 7.617   0.947   1.00 25.36 ? 119 LYS A NZ  1 
ATOM   935  N N   . ILE A 1 120 ? -12.804 3.830   7.089   1.00 9.69  ? 120 ILE A N   1 
ATOM   936  C CA  . ILE A 1 120 ? -13.634 4.208   8.232   1.00 11.83 ? 120 ILE A CA  1 
ATOM   937  C C   . ILE A 1 120 ? -12.954 5.220   9.163   1.00 11.93 ? 120 ILE A C   1 
ATOM   938  O O   . ILE A 1 120 ? -13.621 5.958   9.891   1.00 12.27 ? 120 ILE A O   1 
ATOM   939  C CB  . ILE A 1 120 ? -14.073 2.944   9.055   1.00 13.23 ? 120 ILE A CB  1 
ATOM   940  C CG1 . ILE A 1 120 ? -15.049 3.340   10.165  1.00 15.13 ? 120 ILE A CG1 1 
ATOM   941  C CG2 . ILE A 1 120 ? -12.858 2.242   9.664   1.00 14.64 ? 120 ILE A CG2 1 
ATOM   942  C CD1 . ILE A 1 120 ? -16.391 3.824   9.659   1.00 16.07 ? 120 ILE A CD1 1 
ATOM   943  N N   . PHE A 1 121 ? -11.629 5.267   9.117   1.00 12.10 ? 121 PHE A N   1 
ATOM   944  C CA  . PHE A 1 121 ? -10.881 6.183   9.968   1.00 14.27 ? 121 PHE A CA  1 
ATOM   945  C C   . PHE A 1 121 ? -10.861 7.617   9.459   1.00 15.79 ? 121 PHE A C   1 
ATOM   946  O O   . PHE A 1 121 ? -10.493 8.531   10.190  1.00 16.71 ? 121 PHE A O   1 
ATOM   947  C CB  . PHE A 1 121 ? -9.455  5.662   10.154  1.00 14.20 ? 121 PHE A CB  1 
ATOM   948  C CG  . PHE A 1 121 ? -9.378  4.476   11.072  1.00 15.71 ? 121 PHE A CG  1 
ATOM   949  C CD1 . PHE A 1 121 ? -9.013  3.220   10.588  1.00 16.81 ? 121 PHE A CD1 1 
ATOM   950  C CD2 . PHE A 1 121 ? -9.717  4.607   12.419  1.00 15.69 ? 121 PHE A CD2 1 
ATOM   951  C CE1 . PHE A 1 121 ? -8.990  2.110   11.433  1.00 16.84 ? 121 PHE A CE1 1 
ATOM   952  C CE2 . PHE A 1 121 ? -9.698  3.505   13.272  1.00 17.74 ? 121 PHE A CE2 1 
ATOM   953  C CZ  . PHE A 1 121 ? -9.334  2.253   12.777  1.00 17.76 ? 121 PHE A CZ  1 
ATOM   954  N N   . GLY A 1 122 ? -11.259 7.811   8.206   1.00 18.16 ? 122 GLY A N   1 
ATOM   955  C CA  . GLY A 1 122 ? -11.281 9.157   7.654   1.00 20.82 ? 122 GLY A CA  1 
ATOM   956  C C   . GLY A 1 122 ? -10.880 9.261   6.192   1.00 22.04 ? 122 GLY A C   1 
ATOM   957  O O   . GLY A 1 122 ? -10.490 8.240   5.586   1.00 21.84 ? 122 GLY A O   1 
ATOM   958  O OXT . GLY A 1 122 ? -10.955 10.382  5.650   1.00 25.65 ? 122 GLY A OXT 1 
HETATM 959  O O   . HOH B 2 .   ? -0.831  -0.534  -1.238  1.00 8.04  ? 201 HOH A O   1 
HETATM 960  O O   . HOH B 2 .   ? 10.055  -3.900  5.258   1.00 10.23 ? 202 HOH A O   1 
HETATM 961  O O   . HOH B 2 .   ? 6.882   0.856   5.898   1.00 8.26  ? 203 HOH A O   1 
HETATM 962  O O   . HOH B 2 .   ? -1.019  2.237   -0.290  1.00 9.34  ? 204 HOH A O   1 
HETATM 963  O O   . HOH B 2 .   ? 6.036   0.049   -14.263 1.00 10.72 ? 205 HOH A O   1 
HETATM 964  O O   . HOH B 2 .   ? 15.352  4.345   3.488   1.00 10.35 ? 206 HOH A O   1 
HETATM 965  O O   . HOH B 2 .   ? 2.047   -3.035  -3.165  1.00 10.12 ? 207 HOH A O   1 
HETATM 966  O O   . HOH B 2 .   ? 6.583   -1.290  4.128   1.00 10.52 ? 208 HOH A O   1 
HETATM 967  O O   . HOH B 2 .   ? 10.202  8.983   6.898   1.00 13.14 ? 209 HOH A O   1 
HETATM 968  O O   . HOH B 2 .   ? -2.317  8.452   -7.516  1.00 10.58 ? 210 HOH A O   1 
HETATM 969  O O   . HOH B 2 .   ? -6.035  -1.975  -9.898  1.00 11.86 ? 211 HOH A O   1 
HETATM 970  O O   . HOH B 2 .   ? 0.445   -12.236 0.649   1.00 14.00 ? 212 HOH A O   1 
HETATM 971  O O   . HOH B 2 .   ? -9.716  6.697   -0.843  1.00 14.60 ? 213 HOH A O   1 
HETATM 972  O O   . HOH B 2 .   ? 19.337  4.960   6.661   1.00 13.15 ? 214 HOH A O   1 
HETATM 973  O O   . HOH B 2 .   ? 7.915   -3.657  3.493   1.00 11.45 ? 215 HOH A O   1 
HETATM 974  O O   . HOH B 2 .   ? -10.731 -13.842 1.268   1.00 14.45 ? 216 HOH A O   1 
HETATM 975  O O   . HOH B 2 .   ? -5.256  12.182  -0.575  1.00 16.05 ? 217 HOH A O   1 
HETATM 976  O O   . HOH B 2 .   ? 12.417  1.956   -7.445  1.00 15.64 ? 218 HOH A O   1 
HETATM 977  O O   . HOH B 2 .   ? 8.665   11.170  5.732   1.00 16.48 ? 219 HOH A O   1 
HETATM 978  O O   . HOH B 2 .   ? -9.781  -6.570  -9.828  1.00 15.96 ? 220 HOH A O   1 
HETATM 979  O O   . HOH B 2 .   ? -0.568  -7.818  -2.503  1.00 17.67 ? 221 HOH A O   1 
HETATM 980  O O   . HOH B 2 .   ? -6.842  12.552  2.490   1.00 17.49 ? 222 HOH A O   1 
HETATM 981  O O   . HOH B 2 .   ? 22.240  11.442  2.228   1.00 15.37 ? 223 HOH A O   1 
HETATM 982  O O   . HOH B 2 .   ? 7.442   -6.269  2.594   1.00 14.56 ? 224 HOH A O   1 
HETATM 983  O O   . HOH B 2 .   ? 7.814   12.540  13.000  1.00 18.20 ? 225 HOH A O   1 
HETATM 984  O O   . HOH B 2 .   ? -2.597  -11.153 2.733   1.00 17.53 ? 226 HOH A O   1 
HETATM 985  O O   . HOH B 2 .   ? -3.540  13.057  -2.576  1.00 18.53 ? 227 HOH A O   1 
HETATM 986  O O   . HOH B 2 .   ? 20.735  12.231  4.065   1.00 14.92 ? 228 HOH A O   1 
HETATM 987  O O   . HOH B 2 .   ? 1.033   3.994   -0.294  1.00 19.97 ? 229 HOH A O   1 
HETATM 988  O O   . HOH B 2 .   ? -4.680  -11.096 4.655   1.00 15.55 ? 230 HOH A O   1 
HETATM 989  O O   . HOH B 2 .   ? -18.987 -14.130 -10.100 1.00 18.53 ? 231 HOH A O   1 
HETATM 990  O O   . HOH B 2 .   ? -0.539  -6.021  -5.996  1.00 17.84 ? 232 HOH A O   1 
HETATM 991  O O   . HOH B 2 .   ? -9.554  -18.243 -10.987 1.00 18.98 ? 233 HOH A O   1 
HETATM 992  O O   . HOH B 2 .   ? -1.897  -4.667  8.962   1.00 18.71 ? 234 HOH A O   1 
HETATM 993  O O   . HOH B 2 .   ? -8.235  2.051   -11.568 1.00 19.17 ? 235 HOH A O   1 
HETATM 994  O O   . HOH B 2 .   ? 9.270   -4.146  -9.247  1.00 20.19 ? 236 HOH A O   1 
HETATM 995  O O   . HOH B 2 .   ? -4.507  1.243   -10.516 1.00 19.78 ? 237 HOH A O   1 
HETATM 996  O O   . HOH B 2 .   ? 2.051   -3.363  -10.398 1.00 18.36 ? 238 HOH A O   1 
HETATM 997  O O   . HOH B 2 .   ? 19.989  16.958  -0.955  1.00 19.62 ? 239 HOH A O   1 
HETATM 998  O O   . HOH B 2 .   ? -9.183  -18.883 -14.994 1.00 15.12 ? 240 HOH A O   1 
HETATM 999  O O   . HOH B 2 .   ? -2.169  6.948   -10.618 1.00 21.81 ? 241 HOH A O   1 
HETATM 1000 O O   . HOH B 2 .   ? 4.970   12.396  13.709  1.00 20.33 ? 242 HOH A O   1 
HETATM 1001 O O   . HOH B 2 .   ? 9.452   -5.998  -2.886  1.00 23.46 ? 243 HOH A O   1 
HETATM 1002 O O   . HOH B 2 .   ? -2.746  -2.113  -12.992 1.00 20.05 ? 244 HOH A O   1 
HETATM 1003 O O   . HOH B 2 .   ? 22.287  12.063  -0.339  1.00 27.26 ? 245 HOH A O   1 
HETATM 1004 O O   . HOH B 2 .   ? -11.096 -7.849  -11.540 1.00 22.79 ? 246 HOH A O   1 
HETATM 1005 O O   . HOH B 2 .   ? -2.128  16.982  6.394   1.00 28.72 ? 247 HOH A O   1 
HETATM 1006 O O   . HOH B 2 .   ? 0.697   -10.670 -4.590  1.00 21.09 ? 248 HOH A O   1 
HETATM 1007 O O   . HOH B 2 .   ? -16.713 -10.598 -10.799 1.00 22.45 ? 249 HOH A O   1 
HETATM 1008 O O   . HOH B 2 .   ? -0.252  -10.597 6.612   1.00 21.47 ? 250 HOH A O   1 
HETATM 1009 O O   . HOH B 2 .   ? -7.617  -3.150  6.060   1.00 22.51 ? 251 HOH A O   1 
HETATM 1010 O O   . HOH B 2 .   ? -14.883 -14.062 -14.888 1.00 20.90 ? 252 HOH A O   1 
HETATM 1011 O O   . HOH B 2 .   ? 13.305  -4.240  6.489   1.00 21.60 ? 253 HOH A O   1 
HETATM 1012 O O   . HOH B 2 .   ? -13.895 -4.457  -5.233  1.00 26.40 ? 254 HOH A O   1 
HETATM 1013 O O   . HOH B 2 .   ? -0.630  -2.214  9.899   1.00 25.34 ? 255 HOH A O   1 
HETATM 1014 O O   . HOH B 2 .   ? 8.499   19.375  -1.001  1.00 26.36 ? 256 HOH A O   1 
HETATM 1015 O O   . HOH B 2 .   ? 21.208  11.024  9.917   1.00 27.54 ? 257 HOH A O   1 
HETATM 1016 O O   . HOH B 2 .   ? 1.700   -10.514 -1.292  1.00 26.30 ? 258 HOH A O   1 
HETATM 1017 O O   . HOH B 2 .   ? 15.603  0.104   -5.638  1.00 20.83 ? 259 HOH A O   1 
HETATM 1018 O O   . HOH B 2 .   ? -2.087  -1.749  5.971   1.00 41.33 ? 260 HOH A O   1 
HETATM 1019 O O   . HOH B 2 .   ? 0.627   1.838   9.470   1.00 22.07 ? 261 HOH A O   1 
HETATM 1020 O O   . HOH B 2 .   ? 13.342  19.119  0.017   1.00 25.04 ? 262 HOH A O   1 
HETATM 1021 O O   . HOH B 2 .   ? -9.135  7.671   2.827   1.00 30.95 ? 263 HOH A O   1 
HETATM 1022 O O   . HOH B 2 .   ? 12.631  0.970   9.218   1.00 21.41 ? 264 HOH A O   1 
HETATM 1023 O O   . HOH B 2 .   ? -6.842  4.970   -8.881  1.00 25.70 ? 265 HOH A O   1 
HETATM 1024 O O   . HOH B 2 .   ? -6.955  -20.612 -0.963  1.00 25.34 ? 266 HOH A O   1 
HETATM 1025 O O   . HOH B 2 .   ? 9.026   13.201  3.300   1.00 25.48 ? 267 HOH A O   1 
HETATM 1026 O O   . HOH B 2 .   ? -17.457 -3.451  4.693   1.00 22.09 ? 268 HOH A O   1 
HETATM 1027 O O   . HOH B 2 .   ? -8.738  11.998  13.109  1.00 31.84 ? 269 HOH A O   1 
HETATM 1028 O O   . HOH B 2 .   ? 16.057  -1.279  5.419   1.00 30.23 ? 270 HOH A O   1 
HETATM 1029 O O   . HOH B 2 .   ? 5.205   7.046   11.656  1.00 29.68 ? 271 HOH A O   1 
HETATM 1030 O O   . HOH B 2 .   ? -5.856  -15.500 4.939   1.00 26.63 ? 272 HOH A O   1 
HETATM 1031 O O   . HOH B 2 .   ? -4.966  9.531   -7.379  1.00 23.83 ? 273 HOH A O   1 
HETATM 1032 O O   . HOH B 2 .   ? 0.229   9.847   -10.234 1.00 32.66 ? 274 HOH A O   1 
HETATM 1033 O O   . HOH B 2 .   ? 5.107   9.763   13.185  1.00 30.98 ? 275 HOH A O   1 
HETATM 1034 O O   . HOH B 2 .   ? 7.755   6.369   11.339  1.00 29.13 ? 276 HOH A O   1 
HETATM 1035 O O   . HOH B 2 .   ? -10.714 10.859  11.371  1.00 28.84 ? 277 HOH A O   1 
HETATM 1036 O O   . HOH B 2 .   ? -10.392 -11.944 -14.513 1.00 27.29 ? 278 HOH A O   1 
HETATM 1037 O O   . HOH B 2 .   ? 5.214   13.924  -0.570  1.00 22.21 ? 279 HOH A O   1 
HETATM 1038 O O   . HOH B 2 .   ? 18.563  -9.078  -0.132  1.00 27.58 ? 280 HOH A O   1 
HETATM 1039 O O   . HOH B 2 .   ? 18.302  -3.166  4.932   1.00 31.17 ? 281 HOH A O   1 
HETATM 1040 O O   . HOH B 2 .   ? 14.939  1.207   -7.650  1.00 35.48 ? 282 HOH A O   1 
HETATM 1041 O O   . HOH B 2 .   ? 19.101  9.773   11.835  1.00 37.10 ? 283 HOH A O   1 
HETATM 1042 O O   . HOH B 2 .   ? -5.747  -10.465 8.925   1.00 29.24 ? 284 HOH A O   1 
HETATM 1043 O O   . HOH B 2 .   ? 0.440   13.958  10.254  1.00 27.96 ? 285 HOH A O   1 
HETATM 1044 O O   . HOH B 2 .   ? -8.726  -1.288  9.879   1.00 32.80 ? 286 HOH A O   1 
HETATM 1045 O O   . HOH B 2 .   ? -2.250  7.035   -13.234 1.00 33.00 ? 287 HOH A O   1 
HETATM 1046 O O   . HOH B 2 .   ? -13.034 -11.877 -14.502 1.00 30.11 ? 288 HOH A O   1 
HETATM 1047 O O   . HOH B 2 .   ? -6.651  -2.500  8.926   1.00 33.18 ? 289 HOH A O   1 
HETATM 1048 O O   . HOH B 2 .   ? 5.073   6.427   -14.601 1.00 31.88 ? 290 HOH A O   1 
HETATM 1049 O O   . HOH B 2 .   ? -4.583  -18.816 -1.030  1.00 32.67 ? 291 HOH A O   1 
HETATM 1050 O O   . HOH B 2 .   ? -7.093  -13.666 7.528   1.00 30.49 ? 292 HOH A O   1 
HETATM 1051 O O   . HOH B 2 .   ? 1.977   14.895  -0.867  1.00 35.03 ? 293 HOH A O   1 
HETATM 1052 O O   . HOH B 2 .   ? -2.813  -12.572 -8.822  1.00 30.17 ? 294 HOH A O   1 
HETATM 1053 O O   . HOH B 2 .   ? 5.485   -8.150  10.206  1.00 32.69 ? 295 HOH A O   1 
HETATM 1054 O O   . HOH B 2 .   ? 10.491  8.030   9.404   1.00 31.10 ? 296 HOH A O   1 
HETATM 1055 O O   . HOH B 2 .   ? 15.960  9.375   -6.184  1.00 35.52 ? 297 HOH A O   1 
HETATM 1056 O O   . HOH B 2 .   ? 16.937  1.624   4.333   1.00 27.09 ? 298 HOH A O   1 
HETATM 1057 O O   . HOH B 2 .   ? 6.555   14.490  2.167   1.00 32.98 ? 299 HOH A O   1 
HETATM 1058 O O   . HOH B 2 .   ? 15.374  20.219  1.598   1.00 34.54 ? 300 HOH A O   1 
HETATM 1059 O O   . HOH B 2 .   ? 0.146   19.444  7.425   1.00 39.30 ? 301 HOH A O   1 
HETATM 1060 O O   . HOH B 2 .   ? 0.804   -15.396 -6.006  1.00 34.34 ? 302 HOH A O   1 
HETATM 1061 O O   . HOH B 2 .   ? 12.624  9.687   8.982   1.00 37.91 ? 303 HOH A O   1 
HETATM 1062 O O   . HOH B 2 .   ? -9.492  -15.017 9.372   1.00 33.11 ? 304 HOH A O   1 
HETATM 1063 O O   . HOH B 2 .   ? 17.861  4.506   9.264   1.00 28.20 ? 305 HOH A O   1 
HETATM 1064 O O   . HOH B 2 .   ? -20.335 -18.597 -1.254  1.00 33.06 ? 306 HOH A O   1 
HETATM 1065 O O   . HOH B 2 .   ? 9.720   14.799  9.999   1.00 39.87 ? 307 HOH A O   1 
HETATM 1066 O O   . HOH B 2 .   ? -8.780  11.120  4.219   1.00 37.13 ? 308 HOH A O   1 
HETATM 1067 O O   . HOH B 2 .   ? 1.474   -6.270  -8.817  1.00 39.93 ? 309 HOH A O   1 
HETATM 1068 O O   . HOH B 2 .   ? 15.139  -0.199  7.902   1.00 37.08 ? 310 HOH A O   1 
HETATM 1069 O O   . HOH B 2 .   ? -10.466 8.057   13.270  1.00 39.36 ? 311 HOH A O   1 
HETATM 1070 O O   . HOH B 2 .   ? 0.862   4.388   10.877  1.00 37.57 ? 312 HOH A O   1 
HETATM 1071 O O   . HOH B 2 .   ? -16.250 -12.533 -12.804 1.00 39.45 ? 313 HOH A O   1 
HETATM 1072 O O   . HOH B 2 .   ? -2.006  16.097  9.073   1.00 37.22 ? 314 HOH A O   1 
HETATM 1073 O O   . HOH B 2 .   ? -1.860  0.507   8.054   1.00 38.25 ? 315 HOH A O   1 
HETATM 1074 O O   . HOH B 2 .   ? 15.816  3.361   6.811   1.00 34.73 ? 316 HOH A O   1 
HETATM 1075 O O   . HOH B 2 .   ? 5.213   -2.644  12.556  1.00 33.69 ? 317 HOH A O   1 
HETATM 1076 O O   . HOH B 2 .   ? -13.248 -9.913  5.124   1.00 37.33 ? 318 HOH A O   1 
HETATM 1077 O O   . HOH B 2 .   ? 8.998   9.606   12.832  1.00 37.06 ? 319 HOH A O   1 
HETATM 1078 O O   . HOH B 2 .   ? -16.157 4.449   0.163   1.00 37.88 ? 320 HOH A O   1 
HETATM 1079 O O   . HOH B 2 .   ? 7.514   0.658   13.793  1.00 41.53 ? 321 HOH A O   1 
HETATM 1080 O O   . HOH B 2 .   ? -0.404  -12.600 -6.535  1.00 44.36 ? 322 HOH A O   1 
HETATM 1081 O O   . HOH B 2 .   ? 13.074  -9.029  -9.314  1.00 46.90 ? 323 HOH A O   1 
HETATM 1082 O O   . HOH B 2 .   ? 15.848  -8.615  -1.770  1.00 26.34 ? 324 HOH A O   1 
HETATM 1083 O O   . HOH B 2 .   ? -17.496 -16.960 -2.058  1.00 39.86 ? 325 HOH A O   1 
HETATM 1084 O O   . HOH B 2 .   ? -13.865 8.330   4.906   1.00 40.89 ? 326 HOH A O   1 
HETATM 1085 O O   . HOH B 2 .   ? -0.343  -8.111  -8.782  1.00 40.35 ? 327 HOH A O   1 
# 
